data_2HC8
# 
_entry.id   2HC8 
# 
_audit_conform.dict_name       mmcif_pdbx.dic 
_audit_conform.dict_version    5.387 
_audit_conform.dict_location   http://mmcif.pdb.org/dictionaries/ascii/mmcif_pdbx.dic 
# 
loop_
_database_2.database_id 
_database_2.database_code 
_database_2.pdbx_database_accession 
_database_2.pdbx_DOI 
PDB   2HC8         pdb_00002hc8 10.2210/pdb2hc8/pdb 
RCSB  RCSB038186   ?            ?                   
WWPDB D_1000038186 ?            ?                   
# 
loop_
_pdbx_audit_revision_history.ordinal 
_pdbx_audit_revision_history.data_content_type 
_pdbx_audit_revision_history.major_revision 
_pdbx_audit_revision_history.minor_revision 
_pdbx_audit_revision_history.revision_date 
1 'Structure model' 1 0 2006-09-05 
2 'Structure model' 1 1 2008-05-01 
3 'Structure model' 1 2 2011-07-13 
4 'Structure model' 1 3 2017-10-18 
5 'Structure model' 1 4 2024-02-14 
# 
_pdbx_audit_revision_details.ordinal             1 
_pdbx_audit_revision_details.revision_ordinal    1 
_pdbx_audit_revision_details.data_content_type   'Structure model' 
_pdbx_audit_revision_details.provider            repository 
_pdbx_audit_revision_details.type                'Initial release' 
_pdbx_audit_revision_details.description         ? 
_pdbx_audit_revision_details.details             ? 
# 
loop_
_pdbx_audit_revision_group.ordinal 
_pdbx_audit_revision_group.revision_ordinal 
_pdbx_audit_revision_group.data_content_type 
_pdbx_audit_revision_group.group 
1 2 'Structure model' 'Version format compliance' 
2 3 'Structure model' 'Version format compliance' 
3 4 'Structure model' 'Refinement description'    
4 5 'Structure model' 'Data collection'           
5 5 'Structure model' 'Database references'       
# 
loop_
_pdbx_audit_revision_category.ordinal 
_pdbx_audit_revision_category.revision_ordinal 
_pdbx_audit_revision_category.data_content_type 
_pdbx_audit_revision_category.category 
1 4 'Structure model' software       
2 5 'Structure model' chem_comp_atom 
3 5 'Structure model' chem_comp_bond 
4 5 'Structure model' database_2     
# 
loop_
_pdbx_audit_revision_item.ordinal 
_pdbx_audit_revision_item.revision_ordinal 
_pdbx_audit_revision_item.data_content_type 
_pdbx_audit_revision_item.item 
1 5 'Structure model' '_database_2.pdbx_DOI'                
2 5 'Structure model' '_database_2.pdbx_database_accession' 
# 
_pdbx_database_status.entry_id                        2HC8 
_pdbx_database_status.deposit_site                    RCSB 
_pdbx_database_status.process_site                    RCSB 
_pdbx_database_status.recvd_initial_deposition_date   2006-06-15 
_pdbx_database_status.status_code                     REL 
_pdbx_database_status.status_code_sf                  REL 
_pdbx_database_status.status_code_mr                  ? 
_pdbx_database_status.SG_entry                        ? 
_pdbx_database_status.pdb_format_compatible           Y 
_pdbx_database_status.status_code_cs                  ? 
_pdbx_database_status.methods_development_category    ? 
_pdbx_database_status.status_code_nmr_data            ? 
# 
loop_
_audit_author.name 
_audit_author.pdbx_ordinal 
'Sazinsky, M.H.'   1 
'Agawal, S.'       2 
'Arguello, J.M.'   3 
'Rosenzweig, A.C.' 4 
# 
_citation.id                        primary 
_citation.title                     'Structure of the Actuator Domain from the Archaeoglobus fulgidus Cu(+)-ATPase(,).' 
_citation.journal_abbrev            Biochemistry 
_citation.journal_volume            45 
_citation.page_first                9949 
_citation.page_last                 9955 
_citation.year                      2006 
_citation.journal_id_ASTM           BICHAW 
_citation.country                   US 
_citation.journal_id_ISSN           0006-2960 
_citation.journal_id_CSD            0033 
_citation.book_publisher            ? 
_citation.pdbx_database_id_PubMed   16906753 
_citation.pdbx_database_id_DOI      10.1021/bi0610045 
# 
loop_
_citation_author.citation_id 
_citation_author.name 
_citation_author.ordinal 
_citation_author.identifier_ORCID 
primary 'Sazinsky, M.H.'   1 ? 
primary 'Agarwal, S.'      2 ? 
primary 'Rosenzweig, A.C.' 3 ? 
# 
loop_
_entity.id 
_entity.type 
_entity.src_method 
_entity.pdbx_description 
_entity.formula_weight 
_entity.pdbx_number_of_molecules 
_entity.pdbx_ec 
_entity.pdbx_mutation 
_entity.pdbx_fragment 
_entity.details 
1 polymer man 'Cation-transporting ATPase, P-type' 11832.712 1   ? ? ? ? 
2 water   nat water                                18.015    141 ? ? ? ? 
# 
_entity_name_com.entity_id   1 
_entity_name_com.name        PacS 
# 
_entity_poly.entity_id                      1 
_entity_poly.type                           'polypeptide(L)' 
_entity_poly.nstd_linkage                   no 
_entity_poly.nstd_monomer                   no 
_entity_poly.pdbx_seq_one_letter_code       
;EAIKKLVGLQAKTAVVIRDGKEIAVPVEEVAVGDIVIVRPGEKIPVDGVVVEGESYVDESMISGEPVPVLKSKGDEVFGA
TINNTGVLKIRATRVGGETLLAQIVKLVEDAMG
;
_entity_poly.pdbx_seq_one_letter_code_can   
;EAIKKLVGLQAKTAVVIRDGKEIAVPVEEVAVGDIVIVRPGEKIPVDGVVVEGESYVDESMISGEPVPVLKSKGDEVFGA
TINNTGVLKIRATRVGGETLLAQIVKLVEDAMG
;
_entity_poly.pdbx_strand_id                 A 
_entity_poly.pdbx_target_identifier         ? 
# 
_pdbx_entity_nonpoly.entity_id   2 
_pdbx_entity_nonpoly.name        water 
_pdbx_entity_nonpoly.comp_id     HOH 
# 
loop_
_entity_poly_seq.entity_id 
_entity_poly_seq.num 
_entity_poly_seq.mon_id 
_entity_poly_seq.hetero 
1 1   GLU n 
1 2   ALA n 
1 3   ILE n 
1 4   LYS n 
1 5   LYS n 
1 6   LEU n 
1 7   VAL n 
1 8   GLY n 
1 9   LEU n 
1 10  GLN n 
1 11  ALA n 
1 12  LYS n 
1 13  THR n 
1 14  ALA n 
1 15  VAL n 
1 16  VAL n 
1 17  ILE n 
1 18  ARG n 
1 19  ASP n 
1 20  GLY n 
1 21  LYS n 
1 22  GLU n 
1 23  ILE n 
1 24  ALA n 
1 25  VAL n 
1 26  PRO n 
1 27  VAL n 
1 28  GLU n 
1 29  GLU n 
1 30  VAL n 
1 31  ALA n 
1 32  VAL n 
1 33  GLY n 
1 34  ASP n 
1 35  ILE n 
1 36  VAL n 
1 37  ILE n 
1 38  VAL n 
1 39  ARG n 
1 40  PRO n 
1 41  GLY n 
1 42  GLU n 
1 43  LYS n 
1 44  ILE n 
1 45  PRO n 
1 46  VAL n 
1 47  ASP n 
1 48  GLY n 
1 49  VAL n 
1 50  VAL n 
1 51  VAL n 
1 52  GLU n 
1 53  GLY n 
1 54  GLU n 
1 55  SER n 
1 56  TYR n 
1 57  VAL n 
1 58  ASP n 
1 59  GLU n 
1 60  SER n 
1 61  MET n 
1 62  ILE n 
1 63  SER n 
1 64  GLY n 
1 65  GLU n 
1 66  PRO n 
1 67  VAL n 
1 68  PRO n 
1 69  VAL n 
1 70  LEU n 
1 71  LYS n 
1 72  SER n 
1 73  LYS n 
1 74  GLY n 
1 75  ASP n 
1 76  GLU n 
1 77  VAL n 
1 78  PHE n 
1 79  GLY n 
1 80  ALA n 
1 81  THR n 
1 82  ILE n 
1 83  ASN n 
1 84  ASN n 
1 85  THR n 
1 86  GLY n 
1 87  VAL n 
1 88  LEU n 
1 89  LYS n 
1 90  ILE n 
1 91  ARG n 
1 92  ALA n 
1 93  THR n 
1 94  ARG n 
1 95  VAL n 
1 96  GLY n 
1 97  GLY n 
1 98  GLU n 
1 99  THR n 
1 100 LEU n 
1 101 LEU n 
1 102 ALA n 
1 103 GLN n 
1 104 ILE n 
1 105 VAL n 
1 106 LYS n 
1 107 LEU n 
1 108 VAL n 
1 109 GLU n 
1 110 ASP n 
1 111 ALA n 
1 112 MET n 
1 113 GLY n 
# 
_entity_src_gen.entity_id                          1 
_entity_src_gen.pdbx_src_id                        1 
_entity_src_gen.pdbx_alt_source_flag               sample 
_entity_src_gen.pdbx_seq_type                      ? 
_entity_src_gen.pdbx_beg_seq_num                   ? 
_entity_src_gen.pdbx_end_seq_num                   ? 
_entity_src_gen.gene_src_common_name               ? 
_entity_src_gen.gene_src_genus                     Archaeoglobus 
_entity_src_gen.pdbx_gene_src_gene                 ? 
_entity_src_gen.gene_src_species                   ? 
_entity_src_gen.gene_src_strain                    ? 
_entity_src_gen.gene_src_tissue                    ? 
_entity_src_gen.gene_src_tissue_fraction           ? 
_entity_src_gen.gene_src_details                   ? 
_entity_src_gen.pdbx_gene_src_fragment             ? 
_entity_src_gen.pdbx_gene_src_scientific_name      'Archaeoglobus fulgidus' 
_entity_src_gen.pdbx_gene_src_ncbi_taxonomy_id     2234 
_entity_src_gen.pdbx_gene_src_variant              ? 
_entity_src_gen.pdbx_gene_src_cell_line            ? 
_entity_src_gen.pdbx_gene_src_atcc                 ? 
_entity_src_gen.pdbx_gene_src_organ                ? 
_entity_src_gen.pdbx_gene_src_organelle            ? 
_entity_src_gen.pdbx_gene_src_cell                 ? 
_entity_src_gen.pdbx_gene_src_cellular_location    ? 
_entity_src_gen.host_org_common_name               ? 
_entity_src_gen.pdbx_host_org_scientific_name      'Escherichia coli BL21(DE3)' 
_entity_src_gen.pdbx_host_org_ncbi_taxonomy_id     469008 
_entity_src_gen.host_org_genus                     Escherichia 
_entity_src_gen.pdbx_host_org_gene                 ? 
_entity_src_gen.pdbx_host_org_organ                ? 
_entity_src_gen.host_org_species                   'Escherichia coli' 
_entity_src_gen.pdbx_host_org_tissue               ? 
_entity_src_gen.pdbx_host_org_tissue_fraction      ? 
_entity_src_gen.pdbx_host_org_strain               BL21DE3 
_entity_src_gen.pdbx_host_org_variant              ? 
_entity_src_gen.pdbx_host_org_cell_line            ? 
_entity_src_gen.pdbx_host_org_atcc                 ? 
_entity_src_gen.pdbx_host_org_culture_collection   ? 
_entity_src_gen.pdbx_host_org_cell                 ? 
_entity_src_gen.pdbx_host_org_organelle            ? 
_entity_src_gen.pdbx_host_org_cellular_location    ? 
_entity_src_gen.pdbx_host_org_vector_type          plasmid 
_entity_src_gen.pdbx_host_org_vector               ? 
_entity_src_gen.host_org_details                   ? 
_entity_src_gen.expression_system_id               ? 
_entity_src_gen.plasmid_name                       pPRIBA1 
_entity_src_gen.plasmid_details                    ? 
_entity_src_gen.pdbx_description                   ? 
# 
loop_
_chem_comp.id 
_chem_comp.type 
_chem_comp.mon_nstd_flag 
_chem_comp.name 
_chem_comp.pdbx_synonyms 
_chem_comp.formula 
_chem_comp.formula_weight 
ALA 'L-peptide linking' y ALANINE         ? 'C3 H7 N O2'     89.093  
ARG 'L-peptide linking' y ARGININE        ? 'C6 H15 N4 O2 1' 175.209 
ASN 'L-peptide linking' y ASPARAGINE      ? 'C4 H8 N2 O3'    132.118 
ASP 'L-peptide linking' y 'ASPARTIC ACID' ? 'C4 H7 N O4'     133.103 
GLN 'L-peptide linking' y GLUTAMINE       ? 'C5 H10 N2 O3'   146.144 
GLU 'L-peptide linking' y 'GLUTAMIC ACID' ? 'C5 H9 N O4'     147.129 
GLY 'peptide linking'   y GLYCINE         ? 'C2 H5 N O2'     75.067  
HOH non-polymer         . WATER           ? 'H2 O'           18.015  
ILE 'L-peptide linking' y ISOLEUCINE      ? 'C6 H13 N O2'    131.173 
LEU 'L-peptide linking' y LEUCINE         ? 'C6 H13 N O2'    131.173 
LYS 'L-peptide linking' y LYSINE          ? 'C6 H15 N2 O2 1' 147.195 
MET 'L-peptide linking' y METHIONINE      ? 'C5 H11 N O2 S'  149.211 
PHE 'L-peptide linking' y PHENYLALANINE   ? 'C9 H11 N O2'    165.189 
PRO 'L-peptide linking' y PROLINE         ? 'C5 H9 N O2'     115.130 
SER 'L-peptide linking' y SERINE          ? 'C3 H7 N O3'     105.093 
THR 'L-peptide linking' y THREONINE       ? 'C4 H9 N O3'     119.119 
TYR 'L-peptide linking' y TYROSINE        ? 'C9 H11 N O3'    181.189 
VAL 'L-peptide linking' y VALINE          ? 'C5 H11 N O2'    117.146 
# 
loop_
_pdbx_poly_seq_scheme.asym_id 
_pdbx_poly_seq_scheme.entity_id 
_pdbx_poly_seq_scheme.seq_id 
_pdbx_poly_seq_scheme.mon_id 
_pdbx_poly_seq_scheme.ndb_seq_num 
_pdbx_poly_seq_scheme.pdb_seq_num 
_pdbx_poly_seq_scheme.auth_seq_num 
_pdbx_poly_seq_scheme.pdb_mon_id 
_pdbx_poly_seq_scheme.auth_mon_id 
_pdbx_poly_seq_scheme.pdb_strand_id 
_pdbx_poly_seq_scheme.pdb_ins_code 
_pdbx_poly_seq_scheme.hetero 
A 1 1   GLU 1   214 214 GLU GLU A . n 
A 1 2   ALA 2   215 215 ALA ALA A . n 
A 1 3   ILE 3   216 216 ILE ILE A . n 
A 1 4   LYS 4   217 217 LYS LYS A . n 
A 1 5   LYS 5   218 218 LYS LYS A . n 
A 1 6   LEU 6   219 219 LEU LEU A . n 
A 1 7   VAL 7   220 220 VAL VAL A . n 
A 1 8   GLY 8   221 221 GLY GLY A . n 
A 1 9   LEU 9   222 222 LEU LEU A . n 
A 1 10  GLN 10  223 223 GLN GLN A . n 
A 1 11  ALA 11  224 224 ALA ALA A . n 
A 1 12  LYS 12  225 225 LYS LYS A . n 
A 1 13  THR 13  226 226 THR THR A . n 
A 1 14  ALA 14  227 227 ALA ALA A . n 
A 1 15  VAL 15  228 228 VAL VAL A . n 
A 1 16  VAL 16  229 229 VAL VAL A . n 
A 1 17  ILE 17  230 230 ILE ILE A . n 
A 1 18  ARG 18  231 231 ARG ARG A . n 
A 1 19  ASP 19  232 232 ASP ASP A . n 
A 1 20  GLY 20  233 233 GLY GLY A . n 
A 1 21  LYS 21  234 234 LYS LYS A . n 
A 1 22  GLU 22  235 235 GLU GLU A . n 
A 1 23  ILE 23  236 236 ILE ILE A . n 
A 1 24  ALA 24  237 237 ALA ALA A . n 
A 1 25  VAL 25  238 238 VAL VAL A . n 
A 1 26  PRO 26  239 239 PRO PRO A . n 
A 1 27  VAL 27  240 240 VAL VAL A . n 
A 1 28  GLU 28  241 241 GLU GLU A . n 
A 1 29  GLU 29  242 242 GLU GLU A . n 
A 1 30  VAL 30  243 243 VAL VAL A . n 
A 1 31  ALA 31  244 244 ALA ALA A . n 
A 1 32  VAL 32  245 245 VAL VAL A . n 
A 1 33  GLY 33  246 246 GLY GLY A . n 
A 1 34  ASP 34  247 247 ASP ASP A . n 
A 1 35  ILE 35  248 248 ILE ILE A . n 
A 1 36  VAL 36  249 249 VAL VAL A . n 
A 1 37  ILE 37  250 250 ILE ILE A . n 
A 1 38  VAL 38  251 251 VAL VAL A . n 
A 1 39  ARG 39  252 252 ARG ARG A . n 
A 1 40  PRO 40  253 253 PRO PRO A . n 
A 1 41  GLY 41  254 254 GLY GLY A . n 
A 1 42  GLU 42  255 255 GLU GLU A . n 
A 1 43  LYS 43  256 256 LYS LYS A . n 
A 1 44  ILE 44  257 257 ILE ILE A . n 
A 1 45  PRO 45  258 258 PRO PRO A . n 
A 1 46  VAL 46  259 259 VAL VAL A . n 
A 1 47  ASP 47  260 260 ASP ASP A . n 
A 1 48  GLY 48  261 261 GLY GLY A . n 
A 1 49  VAL 49  262 262 VAL VAL A . n 
A 1 50  VAL 50  263 263 VAL VAL A . n 
A 1 51  VAL 51  264 264 VAL VAL A . n 
A 1 52  GLU 52  265 265 GLU GLU A . n 
A 1 53  GLY 53  266 266 GLY GLY A . n 
A 1 54  GLU 54  267 267 GLU GLU A . n 
A 1 55  SER 55  268 268 SER SER A . n 
A 1 56  TYR 56  269 269 TYR TYR A . n 
A 1 57  VAL 57  270 270 VAL VAL A . n 
A 1 58  ASP 58  271 271 ASP ASP A . n 
A 1 59  GLU 59  272 272 GLU GLU A . n 
A 1 60  SER 60  273 273 SER SER A . n 
A 1 61  MET 61  274 274 MET MET A . n 
A 1 62  ILE 62  275 275 ILE ILE A . n 
A 1 63  SER 63  276 276 SER SER A . n 
A 1 64  GLY 64  277 277 GLY GLY A . n 
A 1 65  GLU 65  278 278 GLU GLU A . n 
A 1 66  PRO 66  279 279 PRO PRO A . n 
A 1 67  VAL 67  280 280 VAL VAL A . n 
A 1 68  PRO 68  281 281 PRO PRO A . n 
A 1 69  VAL 69  282 282 VAL VAL A . n 
A 1 70  LEU 70  283 283 LEU LEU A . n 
A 1 71  LYS 71  284 284 LYS LYS A . n 
A 1 72  SER 72  285 285 SER SER A . n 
A 1 73  LYS 73  286 286 LYS LYS A . n 
A 1 74  GLY 74  287 287 GLY GLY A . n 
A 1 75  ASP 75  288 288 ASP ASP A . n 
A 1 76  GLU 76  289 289 GLU GLU A . n 
A 1 77  VAL 77  290 290 VAL VAL A . n 
A 1 78  PHE 78  291 291 PHE PHE A . n 
A 1 79  GLY 79  292 292 GLY GLY A . n 
A 1 80  ALA 80  293 293 ALA ALA A . n 
A 1 81  THR 81  294 294 THR THR A . n 
A 1 82  ILE 82  295 295 ILE ILE A . n 
A 1 83  ASN 83  296 296 ASN ASN A . n 
A 1 84  ASN 84  297 297 ASN ASN A . n 
A 1 85  THR 85  298 298 THR THR A . n 
A 1 86  GLY 86  299 299 GLY GLY A . n 
A 1 87  VAL 87  300 300 VAL VAL A . n 
A 1 88  LEU 88  301 301 LEU LEU A . n 
A 1 89  LYS 89  302 302 LYS LYS A . n 
A 1 90  ILE 90  303 303 ILE ILE A . n 
A 1 91  ARG 91  304 304 ARG ARG A . n 
A 1 92  ALA 92  305 305 ALA ALA A . n 
A 1 93  THR 93  306 306 THR THR A . n 
A 1 94  ARG 94  307 307 ARG ARG A . n 
A 1 95  VAL 95  308 308 VAL VAL A . n 
A 1 96  GLY 96  309 309 GLY GLY A . n 
A 1 97  GLY 97  310 310 GLY GLY A . n 
A 1 98  GLU 98  311 311 GLU GLU A . n 
A 1 99  THR 99  312 312 THR THR A . n 
A 1 100 LEU 100 313 313 LEU LEU A . n 
A 1 101 LEU 101 314 314 LEU LEU A . n 
A 1 102 ALA 102 315 315 ALA ALA A . n 
A 1 103 GLN 103 316 316 GLN GLN A . n 
A 1 104 ILE 104 317 317 ILE ILE A . n 
A 1 105 VAL 105 318 318 VAL VAL A . n 
A 1 106 LYS 106 319 319 LYS LYS A . n 
A 1 107 LEU 107 320 320 LEU LEU A . n 
A 1 108 VAL 108 321 321 VAL VAL A . n 
A 1 109 GLU 109 322 322 GLU GLU A . n 
A 1 110 ASP 110 323 323 ASP ASP A . n 
A 1 111 ALA 111 324 324 ALA ALA A . n 
A 1 112 MET 112 325 325 MET MET A . n 
A 1 113 GLY 113 326 326 GLY GLY A . n 
# 
loop_
_pdbx_nonpoly_scheme.asym_id 
_pdbx_nonpoly_scheme.entity_id 
_pdbx_nonpoly_scheme.mon_id 
_pdbx_nonpoly_scheme.ndb_seq_num 
_pdbx_nonpoly_scheme.pdb_seq_num 
_pdbx_nonpoly_scheme.auth_seq_num 
_pdbx_nonpoly_scheme.pdb_mon_id 
_pdbx_nonpoly_scheme.auth_mon_id 
_pdbx_nonpoly_scheme.pdb_strand_id 
_pdbx_nonpoly_scheme.pdb_ins_code 
B 2 HOH 1   400 400 HOH HOH A . 
B 2 HOH 2   401 401 HOH HOH A . 
B 2 HOH 3   402 402 HOH HOH A . 
B 2 HOH 4   403 403 HOH HOH A . 
B 2 HOH 5   404 404 HOH HOH A . 
B 2 HOH 6   405 405 HOH HOH A . 
B 2 HOH 7   406 406 HOH HOH A . 
B 2 HOH 8   407 407 HOH HOH A . 
B 2 HOH 9   408 408 HOH HOH A . 
B 2 HOH 10  409 409 HOH HOH A . 
B 2 HOH 11  410 410 HOH HOH A . 
B 2 HOH 12  411 411 HOH HOH A . 
B 2 HOH 13  412 412 HOH HOH A . 
B 2 HOH 14  413 413 HOH HOH A . 
B 2 HOH 15  414 414 HOH HOH A . 
B 2 HOH 16  415 415 HOH HOH A . 
B 2 HOH 17  416 416 HOH HOH A . 
B 2 HOH 18  417 417 HOH HOH A . 
B 2 HOH 19  418 418 HOH HOH A . 
B 2 HOH 20  419 419 HOH HOH A . 
B 2 HOH 21  420 420 HOH HOH A . 
B 2 HOH 22  421 421 HOH HOH A . 
B 2 HOH 23  422 422 HOH HOH A . 
B 2 HOH 24  423 423 HOH HOH A . 
B 2 HOH 25  424 424 HOH HOH A . 
B 2 HOH 26  425 425 HOH HOH A . 
B 2 HOH 27  426 426 HOH HOH A . 
B 2 HOH 28  427 427 HOH HOH A . 
B 2 HOH 29  428 428 HOH HOH A . 
B 2 HOH 30  429 429 HOH HOH A . 
B 2 HOH 31  430 430 HOH HOH A . 
B 2 HOH 32  431 431 HOH HOH A . 
B 2 HOH 33  432 432 HOH HOH A . 
B 2 HOH 34  433 433 HOH HOH A . 
B 2 HOH 35  434 434 HOH HOH A . 
B 2 HOH 36  435 435 HOH HOH A . 
B 2 HOH 37  436 436 HOH HOH A . 
B 2 HOH 38  437 437 HOH HOH A . 
B 2 HOH 39  438 438 HOH HOH A . 
B 2 HOH 40  439 439 HOH HOH A . 
B 2 HOH 41  440 440 HOH HOH A . 
B 2 HOH 42  441 441 HOH HOH A . 
B 2 HOH 43  442 442 HOH HOH A . 
B 2 HOH 44  443 443 HOH HOH A . 
B 2 HOH 45  444 444 HOH HOH A . 
B 2 HOH 46  445 445 HOH HOH A . 
B 2 HOH 47  446 446 HOH HOH A . 
B 2 HOH 48  447 447 HOH HOH A . 
B 2 HOH 49  448 448 HOH HOH A . 
B 2 HOH 50  449 449 HOH HOH A . 
B 2 HOH 51  450 450 HOH HOH A . 
B 2 HOH 52  460 460 HOH HOH A . 
B 2 HOH 53  461 461 HOH HOH A . 
B 2 HOH 54  462 462 HOH HOH A . 
B 2 HOH 55  463 463 HOH HOH A . 
B 2 HOH 56  464 464 HOH HOH A . 
B 2 HOH 57  465 465 HOH HOH A . 
B 2 HOH 58  466 466 HOH HOH A . 
B 2 HOH 59  467 467 HOH HOH A . 
B 2 HOH 60  468 468 HOH HOH A . 
B 2 HOH 61  469 469 HOH HOH A . 
B 2 HOH 62  470 470 HOH HOH A . 
B 2 HOH 63  471 471 HOH HOH A . 
B 2 HOH 64  472 472 HOH HOH A . 
B 2 HOH 65  473 473 HOH HOH A . 
B 2 HOH 66  474 474 HOH HOH A . 
B 2 HOH 67  475 475 HOH HOH A . 
B 2 HOH 68  476 476 HOH HOH A . 
B 2 HOH 69  477 477 HOH HOH A . 
B 2 HOH 70  478 478 HOH HOH A . 
B 2 HOH 71  479 479 HOH HOH A . 
B 2 HOH 72  480 480 HOH HOH A . 
B 2 HOH 73  481 481 HOH HOH A . 
B 2 HOH 74  482 482 HOH HOH A . 
B 2 HOH 75  483 483 HOH HOH A . 
B 2 HOH 76  484 484 HOH HOH A . 
B 2 HOH 77  485 485 HOH HOH A . 
B 2 HOH 78  486 486 HOH HOH A . 
B 2 HOH 79  487 487 HOH HOH A . 
B 2 HOH 80  488 488 HOH HOH A . 
B 2 HOH 81  489 489 HOH HOH A . 
B 2 HOH 82  490 490 HOH HOH A . 
B 2 HOH 83  491 491 HOH HOH A . 
B 2 HOH 84  492 492 HOH HOH A . 
B 2 HOH 85  493 493 HOH HOH A . 
B 2 HOH 86  494 494 HOH HOH A . 
B 2 HOH 87  495 495 HOH HOH A . 
B 2 HOH 88  496 496 HOH HOH A . 
B 2 HOH 89  497 497 HOH HOH A . 
B 2 HOH 90  498 498 HOH HOH A . 
B 2 HOH 91  499 499 HOH HOH A . 
B 2 HOH 92  500 500 HOH HOH A . 
B 2 HOH 93  501 501 HOH HOH A . 
B 2 HOH 94  502 502 HOH HOH A . 
B 2 HOH 95  503 503 HOH HOH A . 
B 2 HOH 96  504 504 HOH HOH A . 
B 2 HOH 97  505 505 HOH HOH A . 
B 2 HOH 98  506 506 HOH HOH A . 
B 2 HOH 99  507 507 HOH HOH A . 
B 2 HOH 100 508 508 HOH HOH A . 
B 2 HOH 101 509 509 HOH HOH A . 
B 2 HOH 102 510 510 HOH HOH A . 
B 2 HOH 103 511 511 HOH HOH A . 
B 2 HOH 104 512 512 HOH HOH A . 
B 2 HOH 105 513 513 HOH HOH A . 
B 2 HOH 106 514 514 HOH HOH A . 
B 2 HOH 107 515 515 HOH HOH A . 
B 2 HOH 108 516 516 HOH HOH A . 
B 2 HOH 109 517 517 HOH HOH A . 
B 2 HOH 110 518 518 HOH HOH A . 
B 2 HOH 111 519 519 HOH HOH A . 
B 2 HOH 112 520 520 HOH HOH A . 
B 2 HOH 113 521 521 HOH HOH A . 
B 2 HOH 114 522 522 HOH HOH A . 
B 2 HOH 115 523 523 HOH HOH A . 
B 2 HOH 116 524 524 HOH HOH A . 
B 2 HOH 117 525 525 HOH HOH A . 
B 2 HOH 118 526 526 HOH HOH A . 
B 2 HOH 119 527 527 HOH HOH A . 
B 2 HOH 120 528 528 HOH HOH A . 
B 2 HOH 121 529 529 HOH HOH A . 
B 2 HOH 122 530 530 HOH HOH A . 
B 2 HOH 123 531 531 HOH HOH A . 
B 2 HOH 124 532 532 HOH HOH A . 
B 2 HOH 125 533 533 HOH HOH A . 
B 2 HOH 126 535 535 HOH HOH A . 
B 2 HOH 127 536 536 HOH HOH A . 
B 2 HOH 128 537 537 HOH HOH A . 
B 2 HOH 129 538 538 HOH HOH A . 
B 2 HOH 130 539 539 HOH HOH A . 
B 2 HOH 131 540 540 HOH HOH A . 
B 2 HOH 132 541 541 HOH HOH A . 
B 2 HOH 133 542 542 HOH HOH A . 
B 2 HOH 134 543 543 HOH HOH A . 
B 2 HOH 135 544 544 HOH HOH A . 
B 2 HOH 136 545 545 HOH HOH A . 
B 2 HOH 137 546 546 HOH HOH A . 
B 2 HOH 138 547 547 HOH HOH A . 
B 2 HOH 139 548 548 HOH HOH A . 
B 2 HOH 140 551 551 HOH HOH A . 
B 2 HOH 141 552 552 HOH HOH A . 
# 
loop_
_pdbx_unobs_or_zero_occ_atoms.id 
_pdbx_unobs_or_zero_occ_atoms.PDB_model_num 
_pdbx_unobs_or_zero_occ_atoms.polymer_flag 
_pdbx_unobs_or_zero_occ_atoms.occupancy_flag 
_pdbx_unobs_or_zero_occ_atoms.auth_asym_id 
_pdbx_unobs_or_zero_occ_atoms.auth_comp_id 
_pdbx_unobs_or_zero_occ_atoms.auth_seq_id 
_pdbx_unobs_or_zero_occ_atoms.PDB_ins_code 
_pdbx_unobs_or_zero_occ_atoms.auth_atom_id 
_pdbx_unobs_or_zero_occ_atoms.label_alt_id 
_pdbx_unobs_or_zero_occ_atoms.label_asym_id 
_pdbx_unobs_or_zero_occ_atoms.label_comp_id 
_pdbx_unobs_or_zero_occ_atoms.label_seq_id 
_pdbx_unobs_or_zero_occ_atoms.label_atom_id 
1 1 Y 1 A GLU 214 ? CG  ? A GLU 1 CG  
2 1 Y 1 A GLU 214 ? CD  ? A GLU 1 CD  
3 1 Y 1 A GLU 214 ? OE1 ? A GLU 1 OE1 
4 1 Y 1 A GLU 214 ? OE2 ? A GLU 1 OE2 
5 1 Y 1 A LYS 218 ? CG  ? A LYS 5 CG  
6 1 Y 1 A LYS 218 ? CD  ? A LYS 5 CD  
7 1 Y 1 A LYS 218 ? CE  ? A LYS 5 CE  
8 1 Y 1 A LYS 218 ? NZ  ? A LYS 5 NZ  
# 
loop_
_software.name 
_software.version 
_software.date 
_software.type 
_software.contact_author 
_software.contact_author_email 
_software.classification 
_software.location 
_software.language 
_software.citation_id 
_software.pdbx_ordinal 
SCALA       .         ?                other   'Phil Evans'      pre@mrc-lmb.cam.ac.uk    'data scaling'    
http://www.ccp4.ac.uk/dist/html/INDEX.html Fortran_77 ? 1 
REFMAC      .         ?                program 'Murshudov, G.N.' ccp4@dl.ac.uk            refinement        
http://www.ccp4.ac.uk/main.html            Fortran_77 ? 2 
PDB_EXTRACT 2.000     'April. 3, 2006' package PDB               sw-help@rcsb.rutgers.edu 'data extraction' 
http://pdb.rutgers.edu/software/           C++        ? 3 
CCP4        '(SCALA)' ?                ?       ?                 ?                        'data scaling'    ? ?          ? 4 
SOLVE       .         ?                ?       ?                 ?                        phasing           ? ?          ? 5 
# 
_cell.entry_id           2HC8 
_cell.length_a           111.273 
_cell.length_b           29.372 
_cell.length_c           39.972 
_cell.angle_alpha        90.00 
_cell.angle_beta         110.46 
_cell.angle_gamma        90.00 
_cell.Z_PDB              4 
_cell.pdbx_unique_axis   ? 
_cell.length_a_esd       ? 
_cell.length_b_esd       ? 
_cell.length_c_esd       ? 
_cell.angle_alpha_esd    ? 
_cell.angle_beta_esd     ? 
_cell.angle_gamma_esd    ? 
# 
_symmetry.entry_id                         2HC8 
_symmetry.space_group_name_H-M             'C 1 2 1' 
_symmetry.pdbx_full_space_group_name_H-M   ? 
_symmetry.cell_setting                     ? 
_symmetry.Int_Tables_number                5 
_symmetry.space_group_name_Hall            ? 
# 
_exptl.crystals_number   1 
_exptl.entry_id          2HC8 
_exptl.method            'X-RAY DIFFRACTION' 
# 
_exptl_crystal.id                    1 
_exptl_crystal.density_Matthews      2.61 
_exptl_crystal.density_meas          ? 
_exptl_crystal.density_percent_sol   52.88 
_exptl_crystal.description           ? 
_exptl_crystal.F_000                 ? 
_exptl_crystal.preparation           ? 
# 
_exptl_crystal_grow.crystal_id      1 
_exptl_crystal_grow.method          'VAPOR DIFFUSION, HANGING DROP' 
_exptl_crystal_grow.pH              8.5 
_exptl_crystal_grow.temp            293 
_exptl_crystal_grow.temp_details    ? 
_exptl_crystal_grow.pdbx_details    
'100mM Tris, 1.8 M ammonium sulfate, 7.5% glycerol, pH 8.5, VAPOR DIFFUSION, HANGING DROP, temperature 293K' 
_exptl_crystal_grow.pdbx_pH_range   . 
# 
_diffrn.id                     1 
_diffrn.ambient_temp           100 
_diffrn.ambient_temp_details   ? 
_diffrn.crystal_id             1 
# 
_diffrn_detector.diffrn_id              1 
_diffrn_detector.detector               CCD 
_diffrn_detector.type                   'ADSC QUANTUM 315' 
_diffrn_detector.pdbx_collection_date   2006-03-15 
_diffrn_detector.details                ? 
# 
_diffrn_radiation.diffrn_id                        1 
_diffrn_radiation.wavelength_id                    1 
_diffrn_radiation.pdbx_diffrn_protocol             'SINGLE WAVELENGTH' 
_diffrn_radiation.monochromator                    ? 
_diffrn_radiation.pdbx_monochromatic_or_laue_m_l   M 
_diffrn_radiation.pdbx_scattering_type             x-ray 
# 
_diffrn_radiation_wavelength.id           1 
_diffrn_radiation_wavelength.wavelength   1.0 
_diffrn_radiation_wavelength.wt           1.0 
# 
_diffrn_source.diffrn_id                   1 
_diffrn_source.source                      SYNCHROTRON 
_diffrn_source.type                        'APS BEAMLINE 19-ID' 
_diffrn_source.pdbx_wavelength             ? 
_diffrn_source.pdbx_wavelength_list        1.0 
_diffrn_source.pdbx_synchrotron_site       APS 
_diffrn_source.pdbx_synchrotron_beamline   19-ID 
# 
_reflns.entry_id                     2HC8 
_reflns.d_resolution_high            1.650 
_reflns.d_resolution_low             28.273 
_reflns.number_obs                   14467 
_reflns.pdbx_Rmerge_I_obs            0.083 
_reflns.pdbx_netI_over_sigmaI        3.900 
_reflns.pdbx_Rsym_value              0.083 
_reflns.pdbx_redundancy              6.900 
_reflns.percent_possible_obs         97.500 
_reflns.observed_criterion_sigma_F   2.0 
_reflns.observed_criterion_sigma_I   2.00 
_reflns.number_all                   ? 
_reflns.B_iso_Wilson_estimate        ? 
_reflns.R_free_details               ? 
_reflns.limit_h_max                  ? 
_reflns.limit_h_min                  ? 
_reflns.limit_k_max                  ? 
_reflns.limit_k_min                  ? 
_reflns.limit_l_max                  ? 
_reflns.limit_l_min                  ? 
_reflns.observed_criterion_F_max     ? 
_reflns.observed_criterion_F_min     ? 
_reflns.pdbx_chi_squared             ? 
_reflns.pdbx_scaling_rejects         ? 
_reflns.pdbx_diffrn_id               1 
_reflns.pdbx_ordinal                 1 
# 
_reflns_shell.d_res_high             1.65 
_reflns_shell.d_res_low              1.74 
_reflns_shell.number_measured_obs    ? 
_reflns_shell.number_measured_all    9934 
_reflns_shell.number_unique_obs      ? 
_reflns_shell.Rmerge_I_obs           0.389 
_reflns_shell.meanI_over_sigI_obs    1.7 
_reflns_shell.pdbx_Rsym_value        0.389 
_reflns_shell.pdbx_chi_squared       ? 
_reflns_shell.pdbx_redundancy        5.50 
_reflns_shell.percent_possible_obs   ? 
_reflns_shell.number_unique_all      1815 
_reflns_shell.percent_possible_all   85.00 
_reflns_shell.pdbx_diffrn_id         ? 
_reflns_shell.pdbx_ordinal           1 
# 
_refine.entry_id                                 2HC8 
_refine.ls_d_res_high                            1.650 
_refine.ls_d_res_low                             30 
_refine.pdbx_ls_sigma_F                          0.00 
_refine.ls_percent_reflns_obs                    97.390 
_refine.ls_number_reflns_obs                     14467 
_refine.pdbx_ls_cross_valid_method               THROUGHOUT 
_refine.pdbx_R_Free_selection_details            RANDOM 
_refine.details                                  'HYDROGENS HAVE BEEN ADDED IN THE RIDING POSITIONS' 
_refine.ls_R_factor_all                          0.202 
_refine.ls_R_factor_R_work                       0.2 
_refine.ls_R_factor_R_free                       0.228 
_refine.ls_percent_reflns_R_free                 5.200 
_refine.ls_number_reflns_R_free                  751 
_refine.B_iso_mean                               28.394 
_refine.aniso_B[1][1]                            -2.280 
_refine.aniso_B[2][2]                            -0.530 
_refine.aniso_B[3][3]                            2.620 
_refine.aniso_B[1][2]                            0.000 
_refine.aniso_B[1][3]                            -0.280 
_refine.aniso_B[2][3]                            0.000 
_refine.correlation_coeff_Fo_to_Fc               0.961 
_refine.correlation_coeff_Fo_to_Fc_free          0.946 
_refine.pdbx_overall_ESU_R                       0.106 
_refine.pdbx_overall_ESU_R_Free                  0.102 
_refine.overall_SU_ML                            0.075 
_refine.overall_SU_B                             2.246 
_refine.solvent_model_details                    MASK 
_refine.pdbx_solvent_vdw_probe_radii             1.200 
_refine.pdbx_solvent_ion_probe_radii             0.800 
_refine.pdbx_solvent_shrinkage_radii             0.800 
_refine.pdbx_stereochemistry_target_values       'MAXIMUM LIKELIHOOD' 
_refine.pdbx_ls_sigma_I                          ? 
_refine.ls_number_reflns_all                     ? 
_refine.ls_R_factor_obs                          0.205 
_refine.ls_redundancy_reflns_obs                 ? 
_refine.pdbx_data_cutoff_high_absF               ? 
_refine.pdbx_data_cutoff_low_absF                ? 
_refine.ls_number_parameters                     ? 
_refine.ls_number_restraints                     ? 
_refine.ls_R_factor_R_free_error                 ? 
_refine.ls_R_factor_R_free_error_details         ? 
_refine.pdbx_method_to_determine_struct          SAD 
_refine.pdbx_starting_model                      ? 
_refine.pdbx_stereochem_target_val_spec_case     ? 
_refine.solvent_model_param_bsol                 ? 
_refine.solvent_model_param_ksol                 ? 
_refine.occupancy_max                            ? 
_refine.occupancy_min                            ? 
_refine.pdbx_isotropic_thermal_model             ? 
_refine.B_iso_min                                ? 
_refine.B_iso_max                                ? 
_refine.overall_SU_R_Cruickshank_DPI             ? 
_refine.overall_SU_R_free                        ? 
_refine.pdbx_data_cutoff_high_rms_absF           ? 
_refine.ls_wR_factor_R_free                      ? 
_refine.ls_wR_factor_R_work                      ? 
_refine.overall_FOM_free_R_set                   ? 
_refine.overall_FOM_work_R_set                   ? 
_refine.pdbx_refine_id                           'X-RAY DIFFRACTION' 
_refine.pdbx_diffrn_id                           1 
_refine.pdbx_TLS_residual_ADP_flag               ? 
_refine.pdbx_overall_phase_error                 ? 
_refine.pdbx_overall_SU_R_free_Cruickshank_DPI   ? 
_refine.pdbx_overall_SU_R_Blow_DPI               ? 
_refine.pdbx_overall_SU_R_free_Blow_DPI          ? 
# 
_refine_hist.pdbx_refine_id                   'X-RAY DIFFRACTION' 
_refine_hist.cycle_id                         LAST 
_refine_hist.pdbx_number_atoms_protein        821 
_refine_hist.pdbx_number_atoms_nucleic_acid   0 
_refine_hist.pdbx_number_atoms_ligand         0 
_refine_hist.number_atoms_solvent             141 
_refine_hist.number_atoms_total               962 
_refine_hist.d_res_high                       1.650 
_refine_hist.d_res_low                        30 
# 
loop_
_refine_ls_restr.type 
_refine_ls_restr.number 
_refine_ls_restr.dev_ideal 
_refine_ls_restr.dev_ideal_target 
_refine_ls_restr.weight 
_refine_ls_restr.pdbx_refine_id 
_refine_ls_restr.pdbx_restraint_function 
r_bond_refined_d         827  0.014  0.022  ? 'X-RAY DIFFRACTION' ? 
r_angle_refined_deg      1122 1.402  2.008  ? 'X-RAY DIFFRACTION' ? 
r_dihedral_angle_1_deg   112  5.507  5.000  ? 'X-RAY DIFFRACTION' ? 
r_dihedral_angle_2_deg   27   32.205 26.296 ? 'X-RAY DIFFRACTION' ? 
r_dihedral_angle_3_deg   150  11.911 15.000 ? 'X-RAY DIFFRACTION' ? 
r_dihedral_angle_4_deg   4    15.240 15.000 ? 'X-RAY DIFFRACTION' ? 
r_chiral_restr           143  0.089  0.200  ? 'X-RAY DIFFRACTION' ? 
r_gen_planes_refined     591  0.006  0.020  ? 'X-RAY DIFFRACTION' ? 
r_nbd_refined            377  0.208  0.200  ? 'X-RAY DIFFRACTION' ? 
r_nbtor_refined          589  0.297  0.200  ? 'X-RAY DIFFRACTION' ? 
r_xyhbond_nbd_refined    83   0.149  0.200  ? 'X-RAY DIFFRACTION' ? 
r_symmetry_vdw_refined   31   0.275  0.200  ? 'X-RAY DIFFRACTION' ? 
r_symmetry_hbond_refined 12   0.460  0.200  ? 'X-RAY DIFFRACTION' ? 
r_mcbond_it              580  1.093  1.500  ? 'X-RAY DIFFRACTION' ? 
r_mcangle_it             903  1.592  2.000  ? 'X-RAY DIFFRACTION' ? 
r_scbond_it              272  2.785  3.000  ? 'X-RAY DIFFRACTION' ? 
r_scangle_it             219  4.480  4.500  ? 'X-RAY DIFFRACTION' ? 
# 
_refine_ls_shell.d_res_high                       1.650 
_refine_ls_shell.d_res_low                        1.693 
_refine_ls_shell.pdbx_total_number_of_bins_used   20 
_refine_ls_shell.percent_reflns_obs               77.950 
_refine_ls_shell.number_reflns_R_work             790 
_refine_ls_shell.R_factor_all                     ? 
_refine_ls_shell.R_factor_R_work                  0.398 
_refine_ls_shell.R_factor_R_free                  0.416 
_refine_ls_shell.percent_reflns_R_free            ? 
_refine_ls_shell.number_reflns_R_free             48 
_refine_ls_shell.R_factor_R_free_error            ? 
_refine_ls_shell.number_reflns_all                ? 
_refine_ls_shell.number_reflns_obs                838 
_refine_ls_shell.redundancy_reflns_obs            ? 
_refine_ls_shell.pdbx_refine_id                   'X-RAY DIFFRACTION' 
# 
_struct.entry_id                  2HC8 
_struct.title                     'Structure of the A. fulgidus CopA A-domain' 
_struct.pdbx_model_details        ? 
_struct.pdbx_CASP_flag            ? 
_struct.pdbx_model_type_details   ? 
# 
_struct_keywords.entry_id        2HC8 
_struct_keywords.pdbx_keywords   'TRANSPORT PROTEIN' 
_struct_keywords.text            'copper, atpase, copA, copB, actuator, TRANSPORT PROTEIN' 
# 
loop_
_struct_asym.id 
_struct_asym.pdbx_blank_PDB_chainid_flag 
_struct_asym.pdbx_modified 
_struct_asym.entity_id 
_struct_asym.details 
A N N 1 ? 
B N N 2 ? 
# 
_struct_ref.id                         1 
_struct_ref.db_name                    UNP 
_struct_ref.db_code                    O29777_ARCFU 
_struct_ref.pdbx_db_accession          O29777 
_struct_ref.entity_id                  1 
_struct_ref.pdbx_align_begin           214 
_struct_ref.pdbx_db_isoform            ? 
_struct_ref.pdbx_seq_one_letter_code   ? 
# 
_struct_ref_seq.align_id                      1 
_struct_ref_seq.ref_id                        1 
_struct_ref_seq.pdbx_PDB_id_code              2HC8 
_struct_ref_seq.pdbx_strand_id                A 
_struct_ref_seq.seq_align_beg                 1 
_struct_ref_seq.pdbx_seq_align_beg_ins_code   ? 
_struct_ref_seq.seq_align_end                 112 
_struct_ref_seq.pdbx_seq_align_end_ins_code   ? 
_struct_ref_seq.pdbx_db_accession             O29777 
_struct_ref_seq.db_align_beg                  214 
_struct_ref_seq.pdbx_db_align_beg_ins_code    ? 
_struct_ref_seq.db_align_end                  326 
_struct_ref_seq.pdbx_db_align_end_ins_code    ? 
_struct_ref_seq.pdbx_auth_seq_align_beg       214 
_struct_ref_seq.pdbx_auth_seq_align_end       325 
# 
_pdbx_struct_assembly.id                   1 
_pdbx_struct_assembly.details              author_defined_assembly 
_pdbx_struct_assembly.method_details       ? 
_pdbx_struct_assembly.oligomeric_details   monomeric 
_pdbx_struct_assembly.oligomeric_count     1 
# 
_pdbx_struct_assembly_gen.assembly_id       1 
_pdbx_struct_assembly_gen.oper_expression   1 
_pdbx_struct_assembly_gen.asym_id_list      A,B 
# 
_pdbx_struct_oper_list.id                   1 
_pdbx_struct_oper_list.type                 'identity operation' 
_pdbx_struct_oper_list.name                 1_555 
_pdbx_struct_oper_list.symmetry_operation   x,y,z 
_pdbx_struct_oper_list.matrix[1][1]         1.0000000000 
_pdbx_struct_oper_list.matrix[1][2]         0.0000000000 
_pdbx_struct_oper_list.matrix[1][3]         0.0000000000 
_pdbx_struct_oper_list.vector[1]            0.0000000000 
_pdbx_struct_oper_list.matrix[2][1]         0.0000000000 
_pdbx_struct_oper_list.matrix[2][2]         1.0000000000 
_pdbx_struct_oper_list.matrix[2][3]         0.0000000000 
_pdbx_struct_oper_list.vector[2]            0.0000000000 
_pdbx_struct_oper_list.matrix[3][1]         0.0000000000 
_pdbx_struct_oper_list.matrix[3][2]         0.0000000000 
_pdbx_struct_oper_list.matrix[3][3]         1.0000000000 
_pdbx_struct_oper_list.vector[3]            0.0000000000 
# 
loop_
_struct_conf.conf_type_id 
_struct_conf.id 
_struct_conf.pdbx_PDB_helix_id 
_struct_conf.beg_label_comp_id 
_struct_conf.beg_label_asym_id 
_struct_conf.beg_label_seq_id 
_struct_conf.pdbx_beg_PDB_ins_code 
_struct_conf.end_label_comp_id 
_struct_conf.end_label_asym_id 
_struct_conf.end_label_seq_id 
_struct_conf.pdbx_end_PDB_ins_code 
_struct_conf.beg_auth_comp_id 
_struct_conf.beg_auth_asym_id 
_struct_conf.beg_auth_seq_id 
_struct_conf.end_auth_comp_id 
_struct_conf.end_auth_asym_id 
_struct_conf.end_auth_seq_id 
_struct_conf.pdbx_PDB_helix_class 
_struct_conf.details 
_struct_conf.pdbx_PDB_helix_length 
HELX_P HELX_P1 2 GLU A 28 ? VAL A 30  ? GLU A 241 VAL A 243 5 ? 3  
HELX_P HELX_P2 3 GLU A 59 ? GLY A 64  ? GLU A 272 GLY A 277 1 ? 6  
HELX_P HELX_P3 4 VAL A 95 ? GLU A 98  ? VAL A 308 GLU A 311 5 ? 4  
HELX_P HELX_P4 5 THR A 99 ? GLY A 113 ? THR A 312 GLY A 326 1 ? 15 
# 
_struct_conf_type.id          HELX_P 
_struct_conf_type.criteria    ? 
_struct_conf_type.reference   ? 
# 
loop_
_struct_sheet.id 
_struct_sheet.type 
_struct_sheet.number_strands 
_struct_sheet.details 
A ? 6 ? 
B ? 3 ? 
# 
loop_
_struct_sheet_order.sheet_id 
_struct_sheet_order.range_id_1 
_struct_sheet_order.range_id_2 
_struct_sheet_order.offset 
_struct_sheet_order.sense 
A 1 2 ? anti-parallel 
A 2 3 ? anti-parallel 
A 3 4 ? anti-parallel 
A 4 5 ? anti-parallel 
A 5 6 ? anti-parallel 
B 1 2 ? anti-parallel 
B 2 3 ? anti-parallel 
# 
loop_
_struct_sheet_range.sheet_id 
_struct_sheet_range.id 
_struct_sheet_range.beg_label_comp_id 
_struct_sheet_range.beg_label_asym_id 
_struct_sheet_range.beg_label_seq_id 
_struct_sheet_range.pdbx_beg_PDB_ins_code 
_struct_sheet_range.end_label_comp_id 
_struct_sheet_range.end_label_asym_id 
_struct_sheet_range.end_label_seq_id 
_struct_sheet_range.pdbx_end_PDB_ins_code 
_struct_sheet_range.beg_auth_comp_id 
_struct_sheet_range.beg_auth_asym_id 
_struct_sheet_range.beg_auth_seq_id 
_struct_sheet_range.end_auth_comp_id 
_struct_sheet_range.end_auth_asym_id 
_struct_sheet_range.end_auth_seq_id 
A 1 LYS A 21 ? PRO A 26 ? LYS A 234 PRO A 239 
A 2 THR A 13 ? ARG A 18 ? THR A 226 ARG A 231 
A 3 ILE A 35 ? VAL A 38 ? ILE A 248 VAL A 251 
A 4 LEU A 88 ? ARG A 94 ? LEU A 301 ARG A 307 
A 5 ASP A 47 ? GLU A 52 ? ASP A 260 GLU A 265 
A 6 GLU A 76 ? VAL A 77 ? GLU A 289 VAL A 290 
B 1 VAL A 69 ? LYS A 71 ? VAL A 282 LYS A 284 
B 2 SER A 55 ? ASP A 58 ? SER A 268 ASP A 271 
B 3 ILE A 82 ? ASN A 83 ? ILE A 295 ASN A 296 
# 
loop_
_pdbx_struct_sheet_hbond.sheet_id 
_pdbx_struct_sheet_hbond.range_id_1 
_pdbx_struct_sheet_hbond.range_id_2 
_pdbx_struct_sheet_hbond.range_1_label_atom_id 
_pdbx_struct_sheet_hbond.range_1_label_comp_id 
_pdbx_struct_sheet_hbond.range_1_label_asym_id 
_pdbx_struct_sheet_hbond.range_1_label_seq_id 
_pdbx_struct_sheet_hbond.range_1_PDB_ins_code 
_pdbx_struct_sheet_hbond.range_1_auth_atom_id 
_pdbx_struct_sheet_hbond.range_1_auth_comp_id 
_pdbx_struct_sheet_hbond.range_1_auth_asym_id 
_pdbx_struct_sheet_hbond.range_1_auth_seq_id 
_pdbx_struct_sheet_hbond.range_2_label_atom_id 
_pdbx_struct_sheet_hbond.range_2_label_comp_id 
_pdbx_struct_sheet_hbond.range_2_label_asym_id 
_pdbx_struct_sheet_hbond.range_2_label_seq_id 
_pdbx_struct_sheet_hbond.range_2_PDB_ins_code 
_pdbx_struct_sheet_hbond.range_2_auth_atom_id 
_pdbx_struct_sheet_hbond.range_2_auth_comp_id 
_pdbx_struct_sheet_hbond.range_2_auth_asym_id 
_pdbx_struct_sheet_hbond.range_2_auth_seq_id 
A 1 2 O ILE A 23 ? O ILE A 236 N VAL A 16 ? N VAL A 229 
A 2 3 N VAL A 15 ? N VAL A 228 O ILE A 37 ? O ILE A 250 
A 3 4 N VAL A 36 ? N VAL A 249 O ILE A 90 ? O ILE A 303 
A 4 5 O LYS A 89 ? O LYS A 302 N VAL A 51 ? N VAL A 264 
A 5 6 N GLY A 48 ? N GLY A 261 O VAL A 77 ? O VAL A 290 
B 1 2 O VAL A 69 ? O VAL A 282 N VAL A 57 ? N VAL A 270 
B 2 3 N ASP A 58 ? N ASP A 271 O ILE A 82 ? O ILE A 295 
# 
_pdbx_validate_symm_contact.id                1 
_pdbx_validate_symm_contact.PDB_model_num     1 
_pdbx_validate_symm_contact.auth_atom_id_1    O 
_pdbx_validate_symm_contact.auth_asym_id_1    A 
_pdbx_validate_symm_contact.auth_comp_id_1    HOH 
_pdbx_validate_symm_contact.auth_seq_id_1     436 
_pdbx_validate_symm_contact.PDB_ins_code_1    ? 
_pdbx_validate_symm_contact.label_alt_id_1    ? 
_pdbx_validate_symm_contact.site_symmetry_1   1_555 
_pdbx_validate_symm_contact.auth_atom_id_2    O 
_pdbx_validate_symm_contact.auth_asym_id_2    A 
_pdbx_validate_symm_contact.auth_comp_id_2    HOH 
_pdbx_validate_symm_contact.auth_seq_id_2     436 
_pdbx_validate_symm_contact.PDB_ins_code_2    ? 
_pdbx_validate_symm_contact.label_alt_id_2    ? 
_pdbx_validate_symm_contact.site_symmetry_2   2_656 
_pdbx_validate_symm_contact.dist              1.28 
# 
_pdbx_validate_rmsd_bond.id                        1 
_pdbx_validate_rmsd_bond.PDB_model_num             1 
_pdbx_validate_rmsd_bond.auth_atom_id_1            C 
_pdbx_validate_rmsd_bond.auth_asym_id_1            A 
_pdbx_validate_rmsd_bond.auth_comp_id_1            ALA 
_pdbx_validate_rmsd_bond.auth_seq_id_1             215 
_pdbx_validate_rmsd_bond.PDB_ins_code_1            ? 
_pdbx_validate_rmsd_bond.label_alt_id_1            ? 
_pdbx_validate_rmsd_bond.auth_atom_id_2            N 
_pdbx_validate_rmsd_bond.auth_asym_id_2            A 
_pdbx_validate_rmsd_bond.auth_comp_id_2            ILE 
_pdbx_validate_rmsd_bond.auth_seq_id_2             216 
_pdbx_validate_rmsd_bond.PDB_ins_code_2            ? 
_pdbx_validate_rmsd_bond.label_alt_id_2            ? 
_pdbx_validate_rmsd_bond.bond_value                1.509 
_pdbx_validate_rmsd_bond.bond_target_value         1.336 
_pdbx_validate_rmsd_bond.bond_deviation            0.173 
_pdbx_validate_rmsd_bond.bond_standard_deviation   0.023 
_pdbx_validate_rmsd_bond.linker_flag               Y 
# 
loop_
_pdbx_validate_torsion.id 
_pdbx_validate_torsion.PDB_model_num 
_pdbx_validate_torsion.auth_comp_id 
_pdbx_validate_torsion.auth_asym_id 
_pdbx_validate_torsion.auth_seq_id 
_pdbx_validate_torsion.PDB_ins_code 
_pdbx_validate_torsion.label_alt_id 
_pdbx_validate_torsion.phi 
_pdbx_validate_torsion.psi 
1 1 ALA A 215 ? ? 52.48 -119.25 
2 1 ALA A 293 ? ? 84.10 -6.93   
# 
_pdbx_validate_main_chain_plane.id                       1 
_pdbx_validate_main_chain_plane.PDB_model_num            1 
_pdbx_validate_main_chain_plane.auth_comp_id             ALA 
_pdbx_validate_main_chain_plane.auth_asym_id             A 
_pdbx_validate_main_chain_plane.auth_seq_id              215 
_pdbx_validate_main_chain_plane.PDB_ins_code             ? 
_pdbx_validate_main_chain_plane.label_alt_id             ? 
_pdbx_validate_main_chain_plane.improper_torsion_angle   -11.39 
# 
loop_
_chem_comp_atom.comp_id 
_chem_comp_atom.atom_id 
_chem_comp_atom.type_symbol 
_chem_comp_atom.pdbx_aromatic_flag 
_chem_comp_atom.pdbx_stereo_config 
_chem_comp_atom.pdbx_ordinal 
ALA N    N N N 1   
ALA CA   C N S 2   
ALA C    C N N 3   
ALA O    O N N 4   
ALA CB   C N N 5   
ALA OXT  O N N 6   
ALA H    H N N 7   
ALA H2   H N N 8   
ALA HA   H N N 9   
ALA HB1  H N N 10  
ALA HB2  H N N 11  
ALA HB3  H N N 12  
ALA HXT  H N N 13  
ARG N    N N N 14  
ARG CA   C N S 15  
ARG C    C N N 16  
ARG O    O N N 17  
ARG CB   C N N 18  
ARG CG   C N N 19  
ARG CD   C N N 20  
ARG NE   N N N 21  
ARG CZ   C N N 22  
ARG NH1  N N N 23  
ARG NH2  N N N 24  
ARG OXT  O N N 25  
ARG H    H N N 26  
ARG H2   H N N 27  
ARG HA   H N N 28  
ARG HB2  H N N 29  
ARG HB3  H N N 30  
ARG HG2  H N N 31  
ARG HG3  H N N 32  
ARG HD2  H N N 33  
ARG HD3  H N N 34  
ARG HE   H N N 35  
ARG HH11 H N N 36  
ARG HH12 H N N 37  
ARG HH21 H N N 38  
ARG HH22 H N N 39  
ARG HXT  H N N 40  
ASN N    N N N 41  
ASN CA   C N S 42  
ASN C    C N N 43  
ASN O    O N N 44  
ASN CB   C N N 45  
ASN CG   C N N 46  
ASN OD1  O N N 47  
ASN ND2  N N N 48  
ASN OXT  O N N 49  
ASN H    H N N 50  
ASN H2   H N N 51  
ASN HA   H N N 52  
ASN HB2  H N N 53  
ASN HB3  H N N 54  
ASN HD21 H N N 55  
ASN HD22 H N N 56  
ASN HXT  H N N 57  
ASP N    N N N 58  
ASP CA   C N S 59  
ASP C    C N N 60  
ASP O    O N N 61  
ASP CB   C N N 62  
ASP CG   C N N 63  
ASP OD1  O N N 64  
ASP OD2  O N N 65  
ASP OXT  O N N 66  
ASP H    H N N 67  
ASP H2   H N N 68  
ASP HA   H N N 69  
ASP HB2  H N N 70  
ASP HB3  H N N 71  
ASP HD2  H N N 72  
ASP HXT  H N N 73  
GLN N    N N N 74  
GLN CA   C N S 75  
GLN C    C N N 76  
GLN O    O N N 77  
GLN CB   C N N 78  
GLN CG   C N N 79  
GLN CD   C N N 80  
GLN OE1  O N N 81  
GLN NE2  N N N 82  
GLN OXT  O N N 83  
GLN H    H N N 84  
GLN H2   H N N 85  
GLN HA   H N N 86  
GLN HB2  H N N 87  
GLN HB3  H N N 88  
GLN HG2  H N N 89  
GLN HG3  H N N 90  
GLN HE21 H N N 91  
GLN HE22 H N N 92  
GLN HXT  H N N 93  
GLU N    N N N 94  
GLU CA   C N S 95  
GLU C    C N N 96  
GLU O    O N N 97  
GLU CB   C N N 98  
GLU CG   C N N 99  
GLU CD   C N N 100 
GLU OE1  O N N 101 
GLU OE2  O N N 102 
GLU OXT  O N N 103 
GLU H    H N N 104 
GLU H2   H N N 105 
GLU HA   H N N 106 
GLU HB2  H N N 107 
GLU HB3  H N N 108 
GLU HG2  H N N 109 
GLU HG3  H N N 110 
GLU HE2  H N N 111 
GLU HXT  H N N 112 
GLY N    N N N 113 
GLY CA   C N N 114 
GLY C    C N N 115 
GLY O    O N N 116 
GLY OXT  O N N 117 
GLY H    H N N 118 
GLY H2   H N N 119 
GLY HA2  H N N 120 
GLY HA3  H N N 121 
GLY HXT  H N N 122 
HOH O    O N N 123 
HOH H1   H N N 124 
HOH H2   H N N 125 
ILE N    N N N 126 
ILE CA   C N S 127 
ILE C    C N N 128 
ILE O    O N N 129 
ILE CB   C N S 130 
ILE CG1  C N N 131 
ILE CG2  C N N 132 
ILE CD1  C N N 133 
ILE OXT  O N N 134 
ILE H    H N N 135 
ILE H2   H N N 136 
ILE HA   H N N 137 
ILE HB   H N N 138 
ILE HG12 H N N 139 
ILE HG13 H N N 140 
ILE HG21 H N N 141 
ILE HG22 H N N 142 
ILE HG23 H N N 143 
ILE HD11 H N N 144 
ILE HD12 H N N 145 
ILE HD13 H N N 146 
ILE HXT  H N N 147 
LEU N    N N N 148 
LEU CA   C N S 149 
LEU C    C N N 150 
LEU O    O N N 151 
LEU CB   C N N 152 
LEU CG   C N N 153 
LEU CD1  C N N 154 
LEU CD2  C N N 155 
LEU OXT  O N N 156 
LEU H    H N N 157 
LEU H2   H N N 158 
LEU HA   H N N 159 
LEU HB2  H N N 160 
LEU HB3  H N N 161 
LEU HG   H N N 162 
LEU HD11 H N N 163 
LEU HD12 H N N 164 
LEU HD13 H N N 165 
LEU HD21 H N N 166 
LEU HD22 H N N 167 
LEU HD23 H N N 168 
LEU HXT  H N N 169 
LYS N    N N N 170 
LYS CA   C N S 171 
LYS C    C N N 172 
LYS O    O N N 173 
LYS CB   C N N 174 
LYS CG   C N N 175 
LYS CD   C N N 176 
LYS CE   C N N 177 
LYS NZ   N N N 178 
LYS OXT  O N N 179 
LYS H    H N N 180 
LYS H2   H N N 181 
LYS HA   H N N 182 
LYS HB2  H N N 183 
LYS HB3  H N N 184 
LYS HG2  H N N 185 
LYS HG3  H N N 186 
LYS HD2  H N N 187 
LYS HD3  H N N 188 
LYS HE2  H N N 189 
LYS HE3  H N N 190 
LYS HZ1  H N N 191 
LYS HZ2  H N N 192 
LYS HZ3  H N N 193 
LYS HXT  H N N 194 
MET N    N N N 195 
MET CA   C N S 196 
MET C    C N N 197 
MET O    O N N 198 
MET CB   C N N 199 
MET CG   C N N 200 
MET SD   S N N 201 
MET CE   C N N 202 
MET OXT  O N N 203 
MET H    H N N 204 
MET H2   H N N 205 
MET HA   H N N 206 
MET HB2  H N N 207 
MET HB3  H N N 208 
MET HG2  H N N 209 
MET HG3  H N N 210 
MET HE1  H N N 211 
MET HE2  H N N 212 
MET HE3  H N N 213 
MET HXT  H N N 214 
PHE N    N N N 215 
PHE CA   C N S 216 
PHE C    C N N 217 
PHE O    O N N 218 
PHE CB   C N N 219 
PHE CG   C Y N 220 
PHE CD1  C Y N 221 
PHE CD2  C Y N 222 
PHE CE1  C Y N 223 
PHE CE2  C Y N 224 
PHE CZ   C Y N 225 
PHE OXT  O N N 226 
PHE H    H N N 227 
PHE H2   H N N 228 
PHE HA   H N N 229 
PHE HB2  H N N 230 
PHE HB3  H N N 231 
PHE HD1  H N N 232 
PHE HD2  H N N 233 
PHE HE1  H N N 234 
PHE HE2  H N N 235 
PHE HZ   H N N 236 
PHE HXT  H N N 237 
PRO N    N N N 238 
PRO CA   C N S 239 
PRO C    C N N 240 
PRO O    O N N 241 
PRO CB   C N N 242 
PRO CG   C N N 243 
PRO CD   C N N 244 
PRO OXT  O N N 245 
PRO H    H N N 246 
PRO HA   H N N 247 
PRO HB2  H N N 248 
PRO HB3  H N N 249 
PRO HG2  H N N 250 
PRO HG3  H N N 251 
PRO HD2  H N N 252 
PRO HD3  H N N 253 
PRO HXT  H N N 254 
SER N    N N N 255 
SER CA   C N S 256 
SER C    C N N 257 
SER O    O N N 258 
SER CB   C N N 259 
SER OG   O N N 260 
SER OXT  O N N 261 
SER H    H N N 262 
SER H2   H N N 263 
SER HA   H N N 264 
SER HB2  H N N 265 
SER HB3  H N N 266 
SER HG   H N N 267 
SER HXT  H N N 268 
THR N    N N N 269 
THR CA   C N S 270 
THR C    C N N 271 
THR O    O N N 272 
THR CB   C N R 273 
THR OG1  O N N 274 
THR CG2  C N N 275 
THR OXT  O N N 276 
THR H    H N N 277 
THR H2   H N N 278 
THR HA   H N N 279 
THR HB   H N N 280 
THR HG1  H N N 281 
THR HG21 H N N 282 
THR HG22 H N N 283 
THR HG23 H N N 284 
THR HXT  H N N 285 
TYR N    N N N 286 
TYR CA   C N S 287 
TYR C    C N N 288 
TYR O    O N N 289 
TYR CB   C N N 290 
TYR CG   C Y N 291 
TYR CD1  C Y N 292 
TYR CD2  C Y N 293 
TYR CE1  C Y N 294 
TYR CE2  C Y N 295 
TYR CZ   C Y N 296 
TYR OH   O N N 297 
TYR OXT  O N N 298 
TYR H    H N N 299 
TYR H2   H N N 300 
TYR HA   H N N 301 
TYR HB2  H N N 302 
TYR HB3  H N N 303 
TYR HD1  H N N 304 
TYR HD2  H N N 305 
TYR HE1  H N N 306 
TYR HE2  H N N 307 
TYR HH   H N N 308 
TYR HXT  H N N 309 
VAL N    N N N 310 
VAL CA   C N S 311 
VAL C    C N N 312 
VAL O    O N N 313 
VAL CB   C N N 314 
VAL CG1  C N N 315 
VAL CG2  C N N 316 
VAL OXT  O N N 317 
VAL H    H N N 318 
VAL H2   H N N 319 
VAL HA   H N N 320 
VAL HB   H N N 321 
VAL HG11 H N N 322 
VAL HG12 H N N 323 
VAL HG13 H N N 324 
VAL HG21 H N N 325 
VAL HG22 H N N 326 
VAL HG23 H N N 327 
VAL HXT  H N N 328 
# 
loop_
_chem_comp_bond.comp_id 
_chem_comp_bond.atom_id_1 
_chem_comp_bond.atom_id_2 
_chem_comp_bond.value_order 
_chem_comp_bond.pdbx_aromatic_flag 
_chem_comp_bond.pdbx_stereo_config 
_chem_comp_bond.pdbx_ordinal 
ALA N   CA   sing N N 1   
ALA N   H    sing N N 2   
ALA N   H2   sing N N 3   
ALA CA  C    sing N N 4   
ALA CA  CB   sing N N 5   
ALA CA  HA   sing N N 6   
ALA C   O    doub N N 7   
ALA C   OXT  sing N N 8   
ALA CB  HB1  sing N N 9   
ALA CB  HB2  sing N N 10  
ALA CB  HB3  sing N N 11  
ALA OXT HXT  sing N N 12  
ARG N   CA   sing N N 13  
ARG N   H    sing N N 14  
ARG N   H2   sing N N 15  
ARG CA  C    sing N N 16  
ARG CA  CB   sing N N 17  
ARG CA  HA   sing N N 18  
ARG C   O    doub N N 19  
ARG C   OXT  sing N N 20  
ARG CB  CG   sing N N 21  
ARG CB  HB2  sing N N 22  
ARG CB  HB3  sing N N 23  
ARG CG  CD   sing N N 24  
ARG CG  HG2  sing N N 25  
ARG CG  HG3  sing N N 26  
ARG CD  NE   sing N N 27  
ARG CD  HD2  sing N N 28  
ARG CD  HD3  sing N N 29  
ARG NE  CZ   sing N N 30  
ARG NE  HE   sing N N 31  
ARG CZ  NH1  sing N N 32  
ARG CZ  NH2  doub N N 33  
ARG NH1 HH11 sing N N 34  
ARG NH1 HH12 sing N N 35  
ARG NH2 HH21 sing N N 36  
ARG NH2 HH22 sing N N 37  
ARG OXT HXT  sing N N 38  
ASN N   CA   sing N N 39  
ASN N   H    sing N N 40  
ASN N   H2   sing N N 41  
ASN CA  C    sing N N 42  
ASN CA  CB   sing N N 43  
ASN CA  HA   sing N N 44  
ASN C   O    doub N N 45  
ASN C   OXT  sing N N 46  
ASN CB  CG   sing N N 47  
ASN CB  HB2  sing N N 48  
ASN CB  HB3  sing N N 49  
ASN CG  OD1  doub N N 50  
ASN CG  ND2  sing N N 51  
ASN ND2 HD21 sing N N 52  
ASN ND2 HD22 sing N N 53  
ASN OXT HXT  sing N N 54  
ASP N   CA   sing N N 55  
ASP N   H    sing N N 56  
ASP N   H2   sing N N 57  
ASP CA  C    sing N N 58  
ASP CA  CB   sing N N 59  
ASP CA  HA   sing N N 60  
ASP C   O    doub N N 61  
ASP C   OXT  sing N N 62  
ASP CB  CG   sing N N 63  
ASP CB  HB2  sing N N 64  
ASP CB  HB3  sing N N 65  
ASP CG  OD1  doub N N 66  
ASP CG  OD2  sing N N 67  
ASP OD2 HD2  sing N N 68  
ASP OXT HXT  sing N N 69  
GLN N   CA   sing N N 70  
GLN N   H    sing N N 71  
GLN N   H2   sing N N 72  
GLN CA  C    sing N N 73  
GLN CA  CB   sing N N 74  
GLN CA  HA   sing N N 75  
GLN C   O    doub N N 76  
GLN C   OXT  sing N N 77  
GLN CB  CG   sing N N 78  
GLN CB  HB2  sing N N 79  
GLN CB  HB3  sing N N 80  
GLN CG  CD   sing N N 81  
GLN CG  HG2  sing N N 82  
GLN CG  HG3  sing N N 83  
GLN CD  OE1  doub N N 84  
GLN CD  NE2  sing N N 85  
GLN NE2 HE21 sing N N 86  
GLN NE2 HE22 sing N N 87  
GLN OXT HXT  sing N N 88  
GLU N   CA   sing N N 89  
GLU N   H    sing N N 90  
GLU N   H2   sing N N 91  
GLU CA  C    sing N N 92  
GLU CA  CB   sing N N 93  
GLU CA  HA   sing N N 94  
GLU C   O    doub N N 95  
GLU C   OXT  sing N N 96  
GLU CB  CG   sing N N 97  
GLU CB  HB2  sing N N 98  
GLU CB  HB3  sing N N 99  
GLU CG  CD   sing N N 100 
GLU CG  HG2  sing N N 101 
GLU CG  HG3  sing N N 102 
GLU CD  OE1  doub N N 103 
GLU CD  OE2  sing N N 104 
GLU OE2 HE2  sing N N 105 
GLU OXT HXT  sing N N 106 
GLY N   CA   sing N N 107 
GLY N   H    sing N N 108 
GLY N   H2   sing N N 109 
GLY CA  C    sing N N 110 
GLY CA  HA2  sing N N 111 
GLY CA  HA3  sing N N 112 
GLY C   O    doub N N 113 
GLY C   OXT  sing N N 114 
GLY OXT HXT  sing N N 115 
HOH O   H1   sing N N 116 
HOH O   H2   sing N N 117 
ILE N   CA   sing N N 118 
ILE N   H    sing N N 119 
ILE N   H2   sing N N 120 
ILE CA  C    sing N N 121 
ILE CA  CB   sing N N 122 
ILE CA  HA   sing N N 123 
ILE C   O    doub N N 124 
ILE C   OXT  sing N N 125 
ILE CB  CG1  sing N N 126 
ILE CB  CG2  sing N N 127 
ILE CB  HB   sing N N 128 
ILE CG1 CD1  sing N N 129 
ILE CG1 HG12 sing N N 130 
ILE CG1 HG13 sing N N 131 
ILE CG2 HG21 sing N N 132 
ILE CG2 HG22 sing N N 133 
ILE CG2 HG23 sing N N 134 
ILE CD1 HD11 sing N N 135 
ILE CD1 HD12 sing N N 136 
ILE CD1 HD13 sing N N 137 
ILE OXT HXT  sing N N 138 
LEU N   CA   sing N N 139 
LEU N   H    sing N N 140 
LEU N   H2   sing N N 141 
LEU CA  C    sing N N 142 
LEU CA  CB   sing N N 143 
LEU CA  HA   sing N N 144 
LEU C   O    doub N N 145 
LEU C   OXT  sing N N 146 
LEU CB  CG   sing N N 147 
LEU CB  HB2  sing N N 148 
LEU CB  HB3  sing N N 149 
LEU CG  CD1  sing N N 150 
LEU CG  CD2  sing N N 151 
LEU CG  HG   sing N N 152 
LEU CD1 HD11 sing N N 153 
LEU CD1 HD12 sing N N 154 
LEU CD1 HD13 sing N N 155 
LEU CD2 HD21 sing N N 156 
LEU CD2 HD22 sing N N 157 
LEU CD2 HD23 sing N N 158 
LEU OXT HXT  sing N N 159 
LYS N   CA   sing N N 160 
LYS N   H    sing N N 161 
LYS N   H2   sing N N 162 
LYS CA  C    sing N N 163 
LYS CA  CB   sing N N 164 
LYS CA  HA   sing N N 165 
LYS C   O    doub N N 166 
LYS C   OXT  sing N N 167 
LYS CB  CG   sing N N 168 
LYS CB  HB2  sing N N 169 
LYS CB  HB3  sing N N 170 
LYS CG  CD   sing N N 171 
LYS CG  HG2  sing N N 172 
LYS CG  HG3  sing N N 173 
LYS CD  CE   sing N N 174 
LYS CD  HD2  sing N N 175 
LYS CD  HD3  sing N N 176 
LYS CE  NZ   sing N N 177 
LYS CE  HE2  sing N N 178 
LYS CE  HE3  sing N N 179 
LYS NZ  HZ1  sing N N 180 
LYS NZ  HZ2  sing N N 181 
LYS NZ  HZ3  sing N N 182 
LYS OXT HXT  sing N N 183 
MET N   CA   sing N N 184 
MET N   H    sing N N 185 
MET N   H2   sing N N 186 
MET CA  C    sing N N 187 
MET CA  CB   sing N N 188 
MET CA  HA   sing N N 189 
MET C   O    doub N N 190 
MET C   OXT  sing N N 191 
MET CB  CG   sing N N 192 
MET CB  HB2  sing N N 193 
MET CB  HB3  sing N N 194 
MET CG  SD   sing N N 195 
MET CG  HG2  sing N N 196 
MET CG  HG3  sing N N 197 
MET SD  CE   sing N N 198 
MET CE  HE1  sing N N 199 
MET CE  HE2  sing N N 200 
MET CE  HE3  sing N N 201 
MET OXT HXT  sing N N 202 
PHE N   CA   sing N N 203 
PHE N   H    sing N N 204 
PHE N   H2   sing N N 205 
PHE CA  C    sing N N 206 
PHE CA  CB   sing N N 207 
PHE CA  HA   sing N N 208 
PHE C   O    doub N N 209 
PHE C   OXT  sing N N 210 
PHE CB  CG   sing N N 211 
PHE CB  HB2  sing N N 212 
PHE CB  HB3  sing N N 213 
PHE CG  CD1  doub Y N 214 
PHE CG  CD2  sing Y N 215 
PHE CD1 CE1  sing Y N 216 
PHE CD1 HD1  sing N N 217 
PHE CD2 CE2  doub Y N 218 
PHE CD2 HD2  sing N N 219 
PHE CE1 CZ   doub Y N 220 
PHE CE1 HE1  sing N N 221 
PHE CE2 CZ   sing Y N 222 
PHE CE2 HE2  sing N N 223 
PHE CZ  HZ   sing N N 224 
PHE OXT HXT  sing N N 225 
PRO N   CA   sing N N 226 
PRO N   CD   sing N N 227 
PRO N   H    sing N N 228 
PRO CA  C    sing N N 229 
PRO CA  CB   sing N N 230 
PRO CA  HA   sing N N 231 
PRO C   O    doub N N 232 
PRO C   OXT  sing N N 233 
PRO CB  CG   sing N N 234 
PRO CB  HB2  sing N N 235 
PRO CB  HB3  sing N N 236 
PRO CG  CD   sing N N 237 
PRO CG  HG2  sing N N 238 
PRO CG  HG3  sing N N 239 
PRO CD  HD2  sing N N 240 
PRO CD  HD3  sing N N 241 
PRO OXT HXT  sing N N 242 
SER N   CA   sing N N 243 
SER N   H    sing N N 244 
SER N   H2   sing N N 245 
SER CA  C    sing N N 246 
SER CA  CB   sing N N 247 
SER CA  HA   sing N N 248 
SER C   O    doub N N 249 
SER C   OXT  sing N N 250 
SER CB  OG   sing N N 251 
SER CB  HB2  sing N N 252 
SER CB  HB3  sing N N 253 
SER OG  HG   sing N N 254 
SER OXT HXT  sing N N 255 
THR N   CA   sing N N 256 
THR N   H    sing N N 257 
THR N   H2   sing N N 258 
THR CA  C    sing N N 259 
THR CA  CB   sing N N 260 
THR CA  HA   sing N N 261 
THR C   O    doub N N 262 
THR C   OXT  sing N N 263 
THR CB  OG1  sing N N 264 
THR CB  CG2  sing N N 265 
THR CB  HB   sing N N 266 
THR OG1 HG1  sing N N 267 
THR CG2 HG21 sing N N 268 
THR CG2 HG22 sing N N 269 
THR CG2 HG23 sing N N 270 
THR OXT HXT  sing N N 271 
TYR N   CA   sing N N 272 
TYR N   H    sing N N 273 
TYR N   H2   sing N N 274 
TYR CA  C    sing N N 275 
TYR CA  CB   sing N N 276 
TYR CA  HA   sing N N 277 
TYR C   O    doub N N 278 
TYR C   OXT  sing N N 279 
TYR CB  CG   sing N N 280 
TYR CB  HB2  sing N N 281 
TYR CB  HB3  sing N N 282 
TYR CG  CD1  doub Y N 283 
TYR CG  CD2  sing Y N 284 
TYR CD1 CE1  sing Y N 285 
TYR CD1 HD1  sing N N 286 
TYR CD2 CE2  doub Y N 287 
TYR CD2 HD2  sing N N 288 
TYR CE1 CZ   doub Y N 289 
TYR CE1 HE1  sing N N 290 
TYR CE2 CZ   sing Y N 291 
TYR CE2 HE2  sing N N 292 
TYR CZ  OH   sing N N 293 
TYR OH  HH   sing N N 294 
TYR OXT HXT  sing N N 295 
VAL N   CA   sing N N 296 
VAL N   H    sing N N 297 
VAL N   H2   sing N N 298 
VAL CA  C    sing N N 299 
VAL CA  CB   sing N N 300 
VAL CA  HA   sing N N 301 
VAL C   O    doub N N 302 
VAL C   OXT  sing N N 303 
VAL CB  CG1  sing N N 304 
VAL CB  CG2  sing N N 305 
VAL CB  HB   sing N N 306 
VAL CG1 HG11 sing N N 307 
VAL CG1 HG12 sing N N 308 
VAL CG1 HG13 sing N N 309 
VAL CG2 HG21 sing N N 310 
VAL CG2 HG22 sing N N 311 
VAL CG2 HG23 sing N N 312 
VAL OXT HXT  sing N N 313 
# 
_atom_sites.entry_id                    2HC8 
_atom_sites.fract_transf_matrix[1][1]   0.00100948 
_atom_sites.fract_transf_matrix[1][2]   0.00857250 
_atom_sites.fract_transf_matrix[1][3]   -0.00418353 
_atom_sites.fract_transf_matrix[2][1]   -0.02885103 
_atom_sites.fract_transf_matrix[2][2]   -0.00506998 
_atom_sites.fract_transf_matrix[2][3]   -0.01735061 
_atom_sites.fract_transf_matrix[3][1]   -0.01203679 
_atom_sites.fract_transf_matrix[3][2]   0.01892977 
_atom_sites.fract_transf_matrix[3][3]   0.01448366 
_atom_sites.fract_transf_vector[1]      0.377769 
_atom_sites.fract_transf_vector[2]      -0.016749 
_atom_sites.fract_transf_vector[3]      0.111663 
# 
loop_
_atom_type.symbol 
C 
N 
O 
S 
# 
loop_
_atom_site.group_PDB 
_atom_site.id 
_atom_site.type_symbol 
_atom_site.label_atom_id 
_atom_site.label_alt_id 
_atom_site.label_comp_id 
_atom_site.label_asym_id 
_atom_site.label_entity_id 
_atom_site.label_seq_id 
_atom_site.pdbx_PDB_ins_code 
_atom_site.Cartn_x 
_atom_site.Cartn_y 
_atom_site.Cartn_z 
_atom_site.occupancy 
_atom_site.B_iso_or_equiv 
_atom_site.pdbx_formal_charge 
_atom_site.auth_seq_id 
_atom_site.auth_comp_id 
_atom_site.auth_asym_id 
_atom_site.auth_atom_id 
_atom_site.pdbx_PDB_model_num 
ATOM   1   N N   . GLU A 1 1   ? 16.736  3.939   -9.289  1.00 52.96 ? 214 GLU A N   1 
ATOM   2   C CA  . GLU A 1 1   ? 16.226  5.210   -9.891  1.00 52.86 ? 214 GLU A CA  1 
ATOM   3   C C   . GLU A 1 1   ? 14.844  5.036   -10.527 1.00 52.59 ? 214 GLU A C   1 
ATOM   4   O O   . GLU A 1 1   ? 14.534  3.975   -11.074 1.00 52.59 ? 214 GLU A O   1 
ATOM   5   C CB  . GLU A 1 1   ? 17.230  5.762   -10.924 1.00 52.93 ? 214 GLU A CB  1 
ATOM   6   N N   . ALA A 1 2   ? 14.022  6.086   -10.429 1.00 52.12 ? 215 ALA A N   1 
ATOM   7   C CA  . ALA A 1 2   ? 12.724  6.179   -11.118 1.00 51.59 ? 215 ALA A CA  1 
ATOM   8   C C   . ALA A 1 2   ? 11.782  4.986   -10.893 1.00 51.31 ? 215 ALA A C   1 
ATOM   9   O O   . ALA A 1 2   ? 11.719  4.428   -9.794  1.00 51.11 ? 215 ALA A O   1 
ATOM   10  C CB  . ALA A 1 2   ? 12.939  6.433   -12.619 1.00 51.36 ? 215 ALA A CB  1 
ATOM   11  N N   . ILE A 1 3   ? 11.530  4.385   -12.254 1.00 51.01 ? 216 ILE A N   1 
ATOM   12  C CA  . ILE A 1 3   ? 10.642  3.231   -12.400 1.00 50.74 ? 216 ILE A CA  1 
ATOM   13  C C   . ILE A 1 3   ? 11.210  1.923   -11.834 1.00 50.42 ? 216 ILE A C   1 
ATOM   14  O O   . ILE A 1 3   ? 10.484  1.133   -11.202 1.00 50.23 ? 216 ILE A O   1 
ATOM   15  C CB  . ILE A 1 3   ? 10.350  2.984   -13.876 1.00 50.92 ? 216 ILE A CB  1 
ATOM   16  C CG1 . ILE A 1 3   ? 9.570   4.163   -14.445 1.00 51.34 ? 216 ILE A CG1 1 
ATOM   17  C CG2 . ILE A 1 3   ? 9.527   1.709   -14.026 1.00 52.21 ? 216 ILE A CG2 1 
ATOM   18  C CD1 . ILE A 1 3   ? 8.335   4.417   -13.586 1.00 51.70 ? 216 ILE A CD1 1 
ATOM   19  N N   . LYS A 1 4   ? 12.499  1.689   -12.079 1.00 49.90 ? 217 LYS A N   1 
ATOM   20  C CA  . LYS A 1 4   ? 13.154  0.478   -11.591 1.00 49.56 ? 217 LYS A CA  1 
ATOM   21  C C   . LYS A 1 4   ? 13.173  0.469   -10.059 1.00 48.83 ? 217 LYS A C   1 
ATOM   22  O O   . LYS A 1 4   ? 12.974  -0.584  -9.429  1.00 48.39 ? 217 LYS A O   1 
ATOM   23  C CB  . LYS A 1 4   ? 14.560  0.322   -12.184 1.00 49.82 ? 217 LYS A CB  1 
ATOM   24  C CG  . LYS A 1 4   ? 14.982  -1.139  -12.337 1.00 51.27 ? 217 LYS A CG  1 
ATOM   25  C CD  . LYS A 1 4   ? 16.233  -1.292  -13.183 1.00 53.37 ? 217 LYS A CD  1 
ATOM   26  C CE  . LYS A 1 4   ? 16.588  -2.771  -13.366 1.00 55.13 ? 217 LYS A CE  1 
ATOM   27  N NZ  . LYS A 1 4   ? 17.727  -2.970  -14.319 1.00 55.99 ? 217 LYS A NZ  1 
ATOM   28  N N   . LYS A 1 5   ? 13.381  1.653   -9.477  1.00 47.72 ? 218 LYS A N   1 
ATOM   29  C CA  . LYS A 1 5   ? 13.320  1.831   -8.024  1.00 47.15 ? 218 LYS A CA  1 
ATOM   30  C C   . LYS A 1 5   ? 11.917  1.546   -7.489  1.00 46.48 ? 218 LYS A C   1 
ATOM   31  O O   . LYS A 1 5   ? 11.775  0.925   -6.435  1.00 46.33 ? 218 LYS A O   1 
ATOM   32  C CB  . LYS A 1 5   ? 13.765  3.241   -7.622  1.00 47.16 ? 218 LYS A CB  1 
ATOM   33  N N   . LEU A 1 6   ? 10.897  2.002   -8.226  1.00 45.64 ? 219 LEU A N   1 
ATOM   34  C CA  . LEU A 1 6   ? 9.490   1.798   -7.868  1.00 44.68 ? 219 LEU A CA  1 
ATOM   35  C C   . LEU A 1 6   ? 9.114   0.313   -7.763  1.00 44.02 ? 219 LEU A C   1 
ATOM   36  O O   . LEU A 1 6   ? 8.535   -0.112  -6.754  1.00 43.87 ? 219 LEU A O   1 
ATOM   37  C CB  . LEU A 1 6   ? 8.573   2.503   -8.874  1.00 44.89 ? 219 LEU A CB  1 
ATOM   38  C CG  . LEU A 1 6   ? 8.321   4.009   -8.786  1.00 45.26 ? 219 LEU A CG  1 
ATOM   39  C CD1 . LEU A 1 6   ? 7.341   4.403   -9.884  1.00 45.84 ? 219 LEU A CD1 1 
ATOM   40  C CD2 . LEU A 1 6   ? 7.784   4.447   -7.412  1.00 45.64 ? 219 LEU A CD2 1 
ATOM   41  N N   . VAL A 1 7   ? 9.451   -0.462  -8.798  1.00 43.04 ? 220 VAL A N   1 
ATOM   42  C CA  . VAL A 1 7   ? 9.239   -1.913  -8.811  1.00 42.34 ? 220 VAL A CA  1 
ATOM   43  C C   . VAL A 1 7   ? 9.884   -2.553  -7.573  1.00 41.41 ? 220 VAL A C   1 
ATOM   44  O O   . VAL A 1 7   ? 9.257   -3.382  -6.890  1.00 41.25 ? 220 VAL A O   1 
ATOM   45  C CB  . VAL A 1 7   ? 9.783   -2.552  -10.121 1.00 42.47 ? 220 VAL A CB  1 
ATOM   46  C CG1 . VAL A 1 7   ? 9.593   -4.074  -10.134 1.00 42.48 ? 220 VAL A CG1 1 
ATOM   47  C CG2 . VAL A 1 7   ? 9.110   -1.913  -11.336 1.00 43.56 ? 220 VAL A CG2 1 
ATOM   48  N N   . GLY A 1 8   ? 11.121  -2.134  -7.278  1.00 40.30 ? 221 GLY A N   1 
ATOM   49  C CA  . GLY A 1 8   ? 11.837  -2.563  -6.072  1.00 38.83 ? 221 GLY A CA  1 
ATOM   50  C C   . GLY A 1 8   ? 11.176  -2.141  -4.764  1.00 37.55 ? 221 GLY A C   1 
ATOM   51  O O   . GLY A 1 8   ? 11.440  -2.728  -3.716  1.00 38.11 ? 221 GLY A O   1 
ATOM   52  N N   . LEU A 1 9   ? 10.316  -1.124  -4.824  1.00 36.12 ? 222 LEU A N   1 
ATOM   53  C CA  . LEU A 1 9   ? 9.630   -0.621  -3.637  1.00 34.68 ? 222 LEU A CA  1 
ATOM   54  C C   . LEU A 1 9   ? 8.357   -1.394  -3.269  1.00 33.08 ? 222 LEU A C   1 
ATOM   55  O O   . LEU A 1 9   ? 7.850   -1.237  -2.159  1.00 33.05 ? 222 LEU A O   1 
ATOM   56  C CB  . LEU A 1 9   ? 9.312   0.876   -3.770  1.00 35.28 ? 222 LEU A CB  1 
ATOM   57  C CG  . LEU A 1 9   ? 10.525  1.816   -3.841  1.00 36.53 ? 222 LEU A CG  1 
ATOM   58  C CD1 . LEU A 1 9   ? 10.067  3.260   -3.883  1.00 36.04 ? 222 LEU A CD1 1 
ATOM   59  C CD2 . LEU A 1 9   ? 11.491  1.582   -2.673  1.00 38.88 ? 222 LEU A CD2 1 
ATOM   60  N N   . GLN A 1 10  ? 7.854   -2.218  -4.185  1.00 31.04 ? 223 GLN A N   1 
ATOM   61  C CA  . GLN A 1 10  ? 6.595   -2.936  -3.953  1.00 30.08 ? 223 GLN A CA  1 
ATOM   62  C C   . GLN A 1 10  ? 6.720   -3.873  -2.758  1.00 28.31 ? 223 GLN A C   1 
ATOM   63  O O   . GLN A 1 10  ? 7.771   -4.468  -2.564  1.00 27.72 ? 223 GLN A O   1 
ATOM   64  C CB  . GLN A 1 10  ? 6.223   -3.733  -5.184  1.00 30.84 ? 223 GLN A CB  1 
ATOM   65  C CG  . GLN A 1 10  ? 5.751   -2.886  -6.333  1.00 34.82 ? 223 GLN A CG  1 
ATOM   66  C CD  . GLN A 1 10  ? 5.464   -3.721  -7.556  1.00 41.12 ? 223 GLN A CD  1 
ATOM   67  O OE1 . GLN A 1 10  ? 4.323   -3.764  -8.052  1.00 43.82 ? 223 GLN A OE1 1 
ATOM   68  N NE2 . GLN A 1 10  ? 6.497   -4.413  -8.050  1.00 42.01 ? 223 GLN A NE2 1 
ATOM   69  N N   . ALA A 1 11  ? 5.663   -3.987  -1.949  1.00 25.91 ? 224 ALA A N   1 
ATOM   70  C CA  . ALA A 1 11  ? 5.678   -4.924  -0.813  1.00 25.31 ? 224 ALA A CA  1 
ATOM   71  C C   . ALA A 1 11  ? 5.772   -6.369  -1.287  1.00 24.88 ? 224 ALA A C   1 
ATOM   72  O O   . ALA A 1 11  ? 5.323   -6.683  -2.396  1.00 25.47 ? 224 ALA A O   1 
ATOM   73  C CB  . ALA A 1 11  ? 4.465   -4.731  0.066   1.00 24.74 ? 224 ALA A CB  1 
ATOM   74  N N   . LYS A 1 12  ? 6.370   -7.242  -0.471  1.00 23.78 ? 225 LYS A N   1 
ATOM   75  C CA  . LYS A 1 12  ? 6.426   -8.665  -0.806  1.00 23.02 ? 225 LYS A CA  1 
ATOM   76  C C   . LYS A 1 12  ? 5.482   -9.467  0.081   1.00 21.81 ? 225 LYS A C   1 
ATOM   77  O O   . LYS A 1 12  ? 5.108   -10.581 -0.273  1.00 21.79 ? 225 LYS A O   1 
ATOM   78  C CB  . LYS A 1 12  ? 7.847   -9.218  -0.687  1.00 23.55 ? 225 LYS A CB  1 
ATOM   79  C CG  . LYS A 1 12  ? 8.826   -8.607  -1.708  1.00 25.28 ? 225 LYS A CG  1 
ATOM   80  C CD  . LYS A 1 12  ? 10.260  -8.928  -1.323  1.00 31.81 ? 225 LYS A CD  1 
ATOM   81  C CE  . LYS A 1 12  ? 11.251  -8.570  -2.462  1.00 34.56 ? 225 LYS A CE  1 
ATOM   82  N NZ  . LYS A 1 12  ? 12.602  -9.151  -2.164  1.00 38.30 ? 225 LYS A NZ  1 
ATOM   83  N N   . THR A 1 13  ? 5.109   -8.887  1.215   1.00 20.79 ? 226 THR A N   1 
ATOM   84  C CA  . THR A 1 13  ? 4.304   -9.623  2.200   1.00 21.16 ? 226 THR A CA  1 
ATOM   85  C C   . THR A 1 13  ? 3.224   -8.690  2.732   1.00 20.07 ? 226 THR A C   1 
ATOM   86  O O   . THR A 1 13  ? 3.320   -7.457  2.567   1.00 20.60 ? 226 THR A O   1 
ATOM   87  C CB  . THR A 1 13  ? 5.201   -10.188 3.352   1.00 22.71 ? 226 THR A CB  1 
ATOM   88  O OG1 . THR A 1 13  ? 5.829   -9.116  4.018   1.00 23.79 ? 226 THR A OG1 1 
ATOM   89  C CG2 . THR A 1 13  ? 6.310   -11.060 2.812   1.00 24.33 ? 226 THR A CG2 1 
ATOM   90  N N   . ALA A 1 14  ? 2.175   -9.263  3.335   1.00 17.70 ? 227 ALA A N   1 
ATOM   91  C CA  . ALA A 1 14  ? 1.146   -8.488  3.970   1.00 16.32 ? 227 ALA A CA  1 
ATOM   92  C C   . ALA A 1 14  ? 0.680   -9.267  5.194   1.00 16.95 ? 227 ALA A C   1 
ATOM   93  O O   . ALA A 1 14  ? 0.861   -10.456 5.263   1.00 18.40 ? 227 ALA A O   1 
ATOM   94  C CB  . ALA A 1 14  ? -0.037  -8.271  3.044   1.00 17.40 ? 227 ALA A CB  1 
ATOM   95  N N   . VAL A 1 15  ? 0.037   -8.575  6.112   1.00 15.01 ? 228 VAL A N   1 
ATOM   96  C CA  . VAL A 1 15  ? -0.685  -9.277  7.204   1.00 16.18 ? 228 VAL A CA  1 
ATOM   97  C C   . VAL A 1 15  ? -2.161  -8.967  7.026   1.00 15.80 ? 228 VAL A C   1 
ATOM   98  O O   . VAL A 1 15  ? -2.584  -7.787  7.096   1.00 17.82 ? 228 VAL A O   1 
ATOM   99  C CB  . VAL A 1 15  ? -0.218  -8.828  8.588   1.00 15.28 ? 228 VAL A CB  1 
ATOM   100 C CG1 . VAL A 1 15  ? -1.023  -9.550  9.668   1.00 16.16 ? 228 VAL A CG1 1 
ATOM   101 C CG2 . VAL A 1 15  ? 1.278   -9.069  8.737   1.00 18.18 ? 228 VAL A CG2 1 
ATOM   102 N N   . VAL A 1 16  ? -2.953  -10.013 6.802   1.00 16.33 ? 229 VAL A N   1 
ATOM   103 C CA  . VAL A 1 16  ? -4.392  -9.870  6.614   1.00 16.96 ? 229 VAL A CA  1 
ATOM   104 C C   . VAL A 1 16  ? -5.099  -10.398 7.828   1.00 18.21 ? 229 VAL A C   1 
ATOM   105 O O   . VAL A 1 16  ? -4.501  -11.173 8.609   1.00 18.55 ? 229 VAL A O   1 
ATOM   106 C CB  . VAL A 1 16  ? -4.903  -10.643 5.363   1.00 15.84 ? 229 VAL A CB  1 
ATOM   107 C CG1 . VAL A 1 16  ? -4.355  -10.004 4.063   1.00 17.67 ? 229 VAL A CG1 1 
ATOM   108 C CG2 . VAL A 1 16  ? -4.573  -12.148 5.431   1.00 16.92 ? 229 VAL A CG2 1 
ATOM   109 N N   . ILE A 1 17  ? -6.350  -9.956  8.018   1.00 17.67 ? 230 ILE A N   1 
ATOM   110 C CA  . ILE A 1 17  ? -7.147  -10.481 9.091   1.00 18.78 ? 230 ILE A CA  1 
ATOM   111 C C   . ILE A 1 17  ? -8.242  -11.310 8.434   1.00 17.90 ? 230 ILE A C   1 
ATOM   112 O O   . ILE A 1 17  ? -9.122  -10.763 7.725   1.00 16.41 ? 230 ILE A O   1 
ATOM   113 C CB  . ILE A 1 17  ? -7.716  -9.372  9.970   1.00 18.20 ? 230 ILE A CB  1 
ATOM   114 C CG1 . ILE A 1 17  ? -6.576  -8.505  10.577  1.00 18.15 ? 230 ILE A CG1 1 
ATOM   115 C CG2 . ILE A 1 17  ? -8.649  -9.974  11.102  1.00 21.36 ? 230 ILE A CG2 1 
ATOM   116 C CD1 . ILE A 1 17  ? -7.113  -7.241  11.275  1.00 20.01 ? 230 ILE A CD1 1 
ATOM   117 N N   . ARG A 1 18  ? -8.183  -12.618 8.684   1.00 18.36 ? 231 ARG A N   1 
ATOM   118 C CA  . ARG A 1 18  ? -9.139  -13.580 8.120   1.00 18.32 ? 231 ARG A CA  1 
ATOM   119 C C   . ARG A 1 18  ? -9.575  -14.530 9.243   1.00 20.18 ? 231 ARG A C   1 
ATOM   120 O O   . ARG A 1 18  ? -8.719  -14.975 10.052  1.00 20.26 ? 231 ARG A O   1 
ATOM   121 C CB  . ARG A 1 18  ? -8.480  -14.386 7.024   1.00 18.25 ? 231 ARG A CB  1 
ATOM   122 C CG  . ARG A 1 18  ? -8.249  -13.553 5.767   1.00 15.32 ? 231 ARG A CG  1 
ATOM   123 C CD  . ARG A 1 18  ? -7.681  -14.427 4.673   1.00 17.50 ? 231 ARG A CD  1 
ATOM   124 N NE  . ARG A 1 18  ? -7.392  -13.644 3.470   1.00 16.37 ? 231 ARG A NE  1 
ATOM   125 C CZ  . ARG A 1 18  ? -6.656  -14.146 2.488   1.00 21.01 ? 231 ARG A CZ  1 
ATOM   126 N NH1 . ARG A 1 18  ? -6.157  -15.365 2.627   1.00 22.19 ? 231 ARG A NH1 1 
ATOM   127 N NH2 . ARG A 1 18  ? -6.399  -13.445 1.394   1.00 22.04 ? 231 ARG A NH2 1 
ATOM   128 N N   . ASP A 1 19  ? -10.876 -14.818 9.288   1.00 19.93 ? 232 ASP A N   1 
ATOM   129 C CA  . ASP A 1 19  ? -11.417 -15.754 10.326  1.00 21.73 ? 232 ASP A CA  1 
ATOM   130 C C   . ASP A 1 19  ? -11.058 -15.262 11.735  1.00 22.69 ? 232 ASP A C   1 
ATOM   131 O O   . ASP A 1 19  ? -10.720 -16.060 12.628  1.00 23.42 ? 232 ASP A O   1 
ATOM   132 C CB  . ASP A 1 19  ? -10.916 -17.185 10.072  1.00 21.93 ? 232 ASP A CB  1 
ATOM   133 C CG  . ASP A 1 19  ? -11.514 -17.794 8.818   1.00 22.90 ? 232 ASP A CG  1 
ATOM   134 O OD1 . ASP A 1 19  ? -12.650 -17.404 8.464   1.00 26.09 ? 232 ASP A OD1 1 
ATOM   135 O OD2 . ASP A 1 19  ? -10.850 -18.648 8.177   1.00 27.73 ? 232 ASP A OD2 1 
ATOM   136 N N   . GLY A 1 20  ? -11.102 -13.946 11.905  1.00 23.15 ? 233 GLY A N   1 
ATOM   137 C CA  . GLY A 1 20  ? -10.849 -13.292 13.179  1.00 25.08 ? 233 GLY A CA  1 
ATOM   138 C C   . GLY A 1 20  ? -9.409  -13.247 13.668  1.00 25.25 ? 233 GLY A C   1 
ATOM   139 O O   . GLY A 1 20  ? -9.179  -12.856 14.823  1.00 27.05 ? 233 GLY A O   1 
ATOM   140 N N   . LYS A 1 21  ? -8.450  -13.649 12.828  1.00 23.83 ? 234 LYS A N   1 
ATOM   141 C CA  . LYS A 1 21  ? -7.043  -13.722 13.247  1.00 25.15 ? 234 LYS A CA  1 
ATOM   142 C C   . LYS A 1 21  ? -6.084  -13.117 12.192  1.00 22.70 ? 234 LYS A C   1 
ATOM   143 O O   . LYS A 1 21  ? -6.419  -13.082 11.000  1.00 21.37 ? 234 LYS A O   1 
ATOM   144 C CB  . LYS A 1 21  ? -6.661  -15.174 13.556  1.00 25.60 ? 234 LYS A CB  1 
ATOM   145 C CG  . LYS A 1 21  ? -6.305  -15.993 12.319  1.00 28.71 ? 234 LYS A CG  1 
ATOM   146 C CD  . LYS A 1 21  ? -6.259  -17.522 12.547  1.00 30.45 ? 234 LYS A CD  1 
ATOM   147 C CE  . LYS A 1 21  ? -4.996  -17.977 13.271  1.00 35.33 ? 234 LYS A CE  1 
ATOM   148 N NZ  . LYS A 1 21  ? -4.924  -19.462 13.537  1.00 35.69 ? 234 LYS A NZ  1 
ATOM   149 N N   . GLU A 1 22  ? -4.921  -12.654 12.644  1.00 20.29 ? 235 GLU A N   1 
ATOM   150 C CA  . GLU A 1 22  ? -3.864  -12.172 11.724  1.00 20.14 ? 235 GLU A CA  1 
ATOM   151 C C   . GLU A 1 22  ? -3.164  -13.332 11.028  1.00 19.97 ? 235 GLU A C   1 
ATOM   152 O O   . GLU A 1 22  ? -2.859  -14.352 11.659  1.00 20.02 ? 235 GLU A O   1 
ATOM   153 C CB  . GLU A 1 22  ? -2.847  -11.283 12.468  1.00 18.96 ? 235 GLU A CB  1 
ATOM   154 C CG  . GLU A 1 22  ? -3.537  -10.032 13.024  1.00 20.89 ? 235 GLU A CG  1 
ATOM   155 C CD  . GLU A 1 22  ? -2.680  -9.223  13.968  1.00 27.39 ? 235 GLU A CD  1 
ATOM   156 O OE1 . GLU A 1 22  ? -3.173  -8.186  14.473  1.00 30.91 ? 235 GLU A OE1 1 
ATOM   157 O OE2 . GLU A 1 22  ? -1.534  -9.636  14.253  1.00 30.00 ? 235 GLU A OE2 1 
ATOM   158 N N   . ILE A 1 23  ? -2.939  -13.207 9.720   1.00 18.34 ? 236 ILE A N   1 
ATOM   159 C CA  . ILE A 1 23  ? -2.169  -14.197 8.981   1.00 18.40 ? 236 ILE A CA  1 
ATOM   160 C C   . ILE A 1 23  ? -1.196  -13.454 8.090   1.00 17.16 ? 236 ILE A C   1 
ATOM   161 O O   . ILE A 1 23  ? -1.614  -12.594 7.315   1.00 16.85 ? 236 ILE A O   1 
ATOM   162 C CB  . ILE A 1 23  ? -3.073  -15.118 8.057   1.00 18.29 ? 236 ILE A CB  1 
ATOM   163 C CG1 . ILE A 1 23  ? -4.278  -15.689 8.840   1.00 20.19 ? 236 ILE A CG1 1 
ATOM   164 C CG2 . ILE A 1 23  ? -2.216  -16.190 7.383   1.00 19.86 ? 236 ILE A CG2 1 
ATOM   165 C CD1 . ILE A 1 23  ? -5.366  -16.300 7.925   1.00 21.06 ? 236 ILE A CD1 1 
ATOM   166 N N   . ALA A 1 24  ? 0.086   -13.768 8.213   1.00 17.23 ? 237 ALA A N   1 
ATOM   167 C CA  . ALA A 1 24  ? 1.108   -13.251 7.243   1.00 17.80 ? 237 ALA A CA  1 
ATOM   168 C C   . ALA A 1 24  ? 1.139   -14.045 5.939   1.00 18.63 ? 237 ALA A C   1 
ATOM   169 O O   . ALA A 1 24  ? 1.331   -15.281 5.924   1.00 19.29 ? 237 ALA A O   1 
ATOM   170 C CB  . ALA A 1 24  ? 2.511   -13.181 7.886   1.00 19.70 ? 237 ALA A CB  1 
ATOM   171 N N   . VAL A 1 25  ? 0.948   -13.345 4.818   1.00 17.44 ? 238 VAL A N   1 
ATOM   172 C CA  . VAL A 1 25  ? 0.851   -14.011 3.520   1.00 19.02 ? 238 VAL A CA  1 
ATOM   173 C C   . VAL A 1 25  ? 1.745   -13.317 2.493   1.00 18.20 ? 238 VAL A C   1 
ATOM   174 O O   . VAL A 1 25  ? 2.021   -12.134 2.635   1.00 18.34 ? 238 VAL A O   1 
ATOM   175 C CB  . VAL A 1 25  ? -0.618  -13.984 2.959   1.00 18.70 ? 238 VAL A CB  1 
ATOM   176 C CG1 . VAL A 1 25  ? -1.559  -14.780 3.834   1.00 18.94 ? 238 VAL A CG1 1 
ATOM   177 C CG2 . VAL A 1 25  ? -1.149  -12.520 2.813   1.00 19.39 ? 238 VAL A CG2 1 
ATOM   178 N N   . PRO A 1 26  ? 2.182   -14.052 1.451   1.00 18.75 ? 239 PRO A N   1 
ATOM   179 C CA  . PRO A 1 26  ? 2.812   -13.335 0.344   1.00 19.12 ? 239 PRO A CA  1 
ATOM   180 C C   . PRO A 1 26  ? 1.805   -12.345 -0.230  1.00 18.81 ? 239 PRO A C   1 
ATOM   181 O O   . PRO A 1 26  ? 0.592   -12.622 -0.251  1.00 18.87 ? 239 PRO A O   1 
ATOM   182 C CB  . PRO A 1 26  ? 3.125   -14.428 -0.690  1.00 19.10 ? 239 PRO A CB  1 
ATOM   183 C CG  . PRO A 1 26  ? 2.393   -15.620 -0.262  1.00 22.18 ? 239 PRO A CG  1 
ATOM   184 C CD  . PRO A 1 26  ? 2.079   -15.502 1.204   1.00 19.78 ? 239 PRO A CD  1 
ATOM   185 N N   . VAL A 1 27  ? 2.293   -11.201 -0.701  1.00 19.02 ? 240 VAL A N   1 
ATOM   186 C CA  . VAL A 1 27  ? 1.380   -10.122 -1.110  1.00 18.86 ? 240 VAL A CA  1 
ATOM   187 C C   . VAL A 1 27  ? 0.425   -10.575 -2.227  1.00 18.81 ? 240 VAL A C   1 
ATOM   188 O O   . VAL A 1 27  ? -0.660  -10.076 -2.312  1.00 17.83 ? 240 VAL A O   1 
ATOM   189 C CB  . VAL A 1 27  ? 2.156   -8.817  -1.494  1.00 18.55 ? 240 VAL A CB  1 
ATOM   190 C CG1 . VAL A 1 27  ? 3.019   -9.061  -2.702  1.00 21.53 ? 240 VAL A CG1 1 
ATOM   191 C CG2 . VAL A 1 27  ? 1.238   -7.617  -1.650  1.00 20.67 ? 240 VAL A CG2 1 
ATOM   192 N N   . GLU A 1 28  ? 0.840   -11.527 -3.052  1.00 18.92 ? 241 GLU A N   1 
ATOM   193 C CA  . GLU A 1 28  ? 0.011   -12.029 -4.165  1.00 20.25 ? 241 GLU A CA  1 
ATOM   194 C C   . GLU A 1 28  ? -1.291  -12.690 -3.685  1.00 20.21 ? 241 GLU A C   1 
ATOM   195 O O   . GLU A 1 28  ? -2.250  -12.827 -4.461  1.00 20.95 ? 241 GLU A O   1 
ATOM   196 C CB  . GLU A 1 28  ? 0.804   -13.019 -5.033  1.00 21.23 ? 241 GLU A CB  1 
ATOM   197 C CG  . GLU A 1 28  ? 2.018   -12.403 -5.753  1.00 25.59 ? 241 GLU A CG  1 
ATOM   198 C CD  . GLU A 1 28  ? 3.258   -12.245 -4.854  1.00 28.95 ? 241 GLU A CD  1 
ATOM   199 O OE1 . GLU A 1 28  ? 3.320   -12.849 -3.746  1.00 26.55 ? 241 GLU A OE1 1 
ATOM   200 O OE2 . GLU A 1 28  ? 4.169   -11.477 -5.268  1.00 33.32 ? 241 GLU A OE2 1 
ATOM   201 N N   . GLU A 1 29  ? -1.315  -13.093 -2.411  1.00 19.31 ? 242 GLU A N   1 
ATOM   202 C CA  . GLU A 1 29  ? -2.482  -13.756 -1.833  1.00 19.35 ? 242 GLU A CA  1 
ATOM   203 C C   . GLU A 1 29  ? -3.510  -12.767 -1.303  1.00 18.17 ? 242 GLU A C   1 
ATOM   204 O O   . GLU A 1 29  ? -4.593  -13.188 -0.906  1.00 18.42 ? 242 GLU A O   1 
ATOM   205 C CB  . GLU A 1 29  ? -2.066  -14.730 -0.710  1.00 19.50 ? 242 GLU A CB  1 
ATOM   206 C CG  . GLU A 1 29  ? -1.308  -15.904 -1.251  1.00 21.84 ? 242 GLU A CG  1 
ATOM   207 C CD  . GLU A 1 29  ? -0.934  -16.942 -0.191  1.00 21.62 ? 242 GLU A CD  1 
ATOM   208 O OE1 . GLU A 1 29  ? -1.522  -16.933 0.907   1.00 23.65 ? 242 GLU A OE1 1 
ATOM   209 O OE2 . GLU A 1 29  ? -0.055  -17.757 -0.488  1.00 26.89 ? 242 GLU A OE2 1 
ATOM   210 N N   . VAL A 1 30  ? -3.165  -11.468 -1.258  1.00 16.85 ? 243 VAL A N   1 
ATOM   211 C CA  . VAL A 1 30  ? -4.119  -10.460 -0.771  1.00 15.85 ? 243 VAL A CA  1 
ATOM   212 C C   . VAL A 1 30  ? -5.189  -10.251 -1.853  1.00 17.73 ? 243 VAL A C   1 
ATOM   213 O O   . VAL A 1 30  ? -4.853  -10.065 -3.031  1.00 19.43 ? 243 VAL A O   1 
ATOM   214 C CB  . VAL A 1 30  ? -3.459  -9.079  -0.444  1.00 14.31 ? 243 VAL A CB  1 
ATOM   215 C CG1 . VAL A 1 30  ? -4.531  -8.066  0.015   1.00 16.01 ? 243 VAL A CG1 1 
ATOM   216 C CG2 . VAL A 1 30  ? -2.350  -9.222  0.593   1.00 15.92 ? 243 VAL A CG2 1 
ATOM   217 N N   . ALA A 1 31  ? -6.449  -10.265 -1.437  1.00 17.09 ? 244 ALA A N   1 
ATOM   218 C CA  . ALA A 1 31  ? -7.579  -10.042 -2.366  1.00 16.76 ? 244 ALA A CA  1 
ATOM   219 C C   . ALA A 1 31  ? -8.237  -8.697  -2.115  1.00 16.17 ? 244 ALA A C   1 
ATOM   220 O O   . ALA A 1 31  ? -8.206  -8.169  -1.007  1.00 15.96 ? 244 ALA A O   1 
ATOM   221 C CB  . ALA A 1 31  ? -8.617  -11.150 -2.204  1.00 17.77 ? 244 ALA A CB  1 
ATOM   222 N N   . VAL A 1 32  ? -8.879  -8.156  -3.163  1.00 16.86 ? 245 VAL A N   1 
ATOM   223 C CA  . VAL A 1 32  ? -9.754  -7.006  -2.968  1.00 17.30 ? 245 VAL A CA  1 
ATOM   224 C C   . VAL A 1 32  ? -10.740 -7.399  -1.864  1.00 16.59 ? 245 VAL A C   1 
ATOM   225 O O   . VAL A 1 32  ? -11.233 -8.536  -1.856  1.00 18.59 ? 245 VAL A O   1 
ATOM   226 C CB  . VAL A 1 32  ? -10.474 -6.640  -4.286  1.00 18.22 ? 245 VAL A CB  1 
ATOM   227 C CG1 . VAL A 1 32  ? -11.587 -5.615  -4.022  1.00 19.99 ? 245 VAL A CG1 1 
ATOM   228 C CG2 . VAL A 1 32  ? -9.442  -6.104  -5.327  1.00 19.85 ? 245 VAL A CG2 1 
ATOM   229 N N   . GLY A 1 33  ? -11.003 -6.492  -0.934  1.00 16.74 ? 246 GLY A N   1 
ATOM   230 C CA  . GLY A 1 33  ? -11.894 -6.775  0.193   1.00 18.13 ? 246 GLY A CA  1 
ATOM   231 C C   . GLY A 1 33  ? -11.178 -7.217  1.457   1.00 17.57 ? 246 GLY A C   1 
ATOM   232 O O   . GLY A 1 33  ? -11.711 -7.068  2.559   1.00 18.26 ? 246 GLY A O   1 
ATOM   233 N N   . ASP A 1 34  ? -9.963  -7.718  1.321   1.00 16.33 ? 247 ASP A N   1 
ATOM   234 C CA  . ASP A 1 34  ? -9.177  -8.150  2.498   1.00 17.63 ? 247 ASP A CA  1 
ATOM   235 C C   . ASP A 1 34  ? -8.963  -6.995  3.447   1.00 17.28 ? 247 ASP A C   1 
ATOM   236 O O   . ASP A 1 34  ? -8.750  -5.849  3.013   1.00 16.47 ? 247 ASP A O   1 
ATOM   237 C CB  . ASP A 1 34  ? -7.799  -8.700  2.112   1.00 17.06 ? 247 ASP A CB  1 
ATOM   238 C CG  . ASP A 1 34  ? -7.735  -10.229 2.112   1.00 19.52 ? 247 ASP A CG  1 
ATOM   239 O OD1 . ASP A 1 34  ? -8.275  -10.872 3.030   1.00 18.90 ? 247 ASP A OD1 1 
ATOM   240 O OD2 . ASP A 1 34  ? -7.120  -10.815 1.190   1.00 20.30 ? 247 ASP A OD2 1 
ATOM   241 N N   . ILE A 1 35  ? -8.988  -7.299  4.738   1.00 17.70 ? 248 ILE A N   1 
ATOM   242 C CA  . ILE A 1 35  ? -8.555  -6.325  5.746   1.00 17.63 ? 248 ILE A CA  1 
ATOM   243 C C   . ILE A 1 35  ? -7.067  -6.588  6.002   1.00 18.61 ? 248 ILE A C   1 
ATOM   244 O O   . ILE A 1 35  ? -6.651  -7.709  6.390   1.00 16.97 ? 248 ILE A O   1 
ATOM   245 C CB  . ILE A 1 35  ? -9.387  -6.393  7.081   1.00 18.06 ? 248 ILE A CB  1 
ATOM   246 C CG1 . ILE A 1 35  ? -10.910 -6.221  6.835   1.00 19.34 ? 248 ILE A CG1 1 
ATOM   247 C CG2 . ILE A 1 35  ? -8.891  -5.347  8.066   1.00 18.58 ? 248 ILE A CG2 1 
ATOM   248 C CD1 . ILE A 1 35  ? -11.293 -5.016  5.986   1.00 18.67 ? 248 ILE A CD1 1 
ATOM   249 N N   . VAL A 1 36  ? -6.266  -5.562  5.731   1.00 17.72 ? 249 VAL A N   1 
ATOM   250 C CA  . VAL A 1 36  ? -4.845  -5.605  6.011   1.00 17.86 ? 249 VAL A CA  1 
ATOM   251 C C   . VAL A 1 36  ? -4.503  -4.723  7.213   1.00 17.27 ? 249 VAL A C   1 
ATOM   252 O O   . VAL A 1 36  ? -5.088  -3.647  7.410   1.00 16.27 ? 249 VAL A O   1 
ATOM   253 C CB  . VAL A 1 36  ? -3.969  -5.252  4.731   1.00 20.10 ? 249 VAL A CB  1 
ATOM   254 C CG1 . VAL A 1 36  ? -4.368  -6.110  3.507   1.00 22.34 ? 249 VAL A CG1 1 
ATOM   255 C CG2 . VAL A 1 36  ? -4.088  -3.848  4.356   1.00 23.49 ? 249 VAL A CG2 1 
ATOM   256 N N   . ILE A 1 37  ? -3.584  -5.211  8.040   1.00 16.55 ? 250 ILE A N   1 
ATOM   257 C CA  . ILE A 1 37  ? -3.112  -4.439  9.187   1.00 18.04 ? 250 ILE A CA  1 
ATOM   258 C C   . ILE A 1 37  ? -1.668  -4.010  8.902   1.00 17.09 ? 250 ILE A C   1 
ATOM   259 O O   . ILE A 1 37  ? -0.830  -4.817  8.455   1.00 18.07 ? 250 ILE A O   1 
ATOM   260 C CB  . ILE A 1 37  ? -3.224  -5.262  10.500  1.00 18.19 ? 250 ILE A CB  1 
ATOM   261 C CG1 . ILE A 1 37  ? -2.944  -4.365  11.724  1.00 21.89 ? 250 ILE A CG1 1 
ATOM   262 C CG2 . ILE A 1 37  ? -2.373  -6.511  10.369  1.00 19.43 ? 250 ILE A CG2 1 
ATOM   263 C CD1 . ILE A 1 37  ? -3.268  -5.020  13.105  1.00 20.20 ? 250 ILE A CD1 1 
ATOM   264 N N   . VAL A 1 38  ? -1.401  -2.721  9.101   1.00 18.77 ? 251 VAL A N   1 
ATOM   265 C CA  . VAL A 1 38  ? -0.071  -2.152  8.845   1.00 18.25 ? 251 VAL A CA  1 
ATOM   266 C C   . VAL A 1 38  ? 0.435   -1.412  10.076  1.00 19.60 ? 251 VAL A C   1 
ATOM   267 O O   . VAL A 1 38  ? -0.220  -0.489  10.550  1.00 18.91 ? 251 VAL A O   1 
ATOM   268 C CB  . VAL A 1 38  ? -0.115  -1.191  7.609   1.00 18.67 ? 251 VAL A CB  1 
ATOM   269 C CG1 . VAL A 1 38  ? 1.267   -0.797  7.211   1.00 17.74 ? 251 VAL A CG1 1 
ATOM   270 C CG2 . VAL A 1 38  ? -0.862  -1.849  6.418   1.00 18.49 ? 251 VAL A CG2 1 
ATOM   271 N N   . ARG A 1 39  ? 1.565   -1.851  10.619  1.00 22.27 ? 252 ARG A N   1 
ATOM   272 C CA  . ARG A 1 39  ? 2.122   -1.224  11.831  1.00 24.43 ? 252 ARG A CA  1 
ATOM   273 C C   . ARG A 1 39  ? 2.939   0.013   11.506  1.00 24.32 ? 252 ARG A C   1 
ATOM   274 O O   . ARG A 1 39  ? 3.402   0.147   10.379  1.00 25.07 ? 252 ARG A O   1 
ATOM   275 C CB  . ARG A 1 39  ? 3.014   -2.205  12.596  1.00 25.58 ? 252 ARG A CB  1 
ATOM   276 C CG  . ARG A 1 39  ? 2.275   -3.020  13.635  1.00 30.32 ? 252 ARG A CG  1 
ATOM   277 C CD  . ARG A 1 39  ? 1.691   -4.163  12.937  1.00 36.02 ? 252 ARG A CD  1 
ATOM   278 N NE  . ARG A 1 39  ? 0.967   -5.068  13.808  1.00 37.54 ? 252 ARG A NE  1 
ATOM   279 C CZ  . ARG A 1 39  ? 0.827   -6.356  13.533  1.00 38.08 ? 252 ARG A CZ  1 
ATOM   280 N NH1 . ARG A 1 39  ? 0.123   -7.111  14.368  1.00 36.68 ? 252 ARG A NH1 1 
ATOM   281 N NH2 . ARG A 1 39  ? 1.430   -6.879  12.440  1.00 31.02 ? 252 ARG A NH2 1 
ATOM   282 N N   . PRO A 1 40  ? 3.181   0.882   12.513  1.00 25.18 ? 253 PRO A N   1 
ATOM   283 C CA  . PRO A 1 40  ? 4.107   1.998   12.254  1.00 25.41 ? 253 PRO A CA  1 
ATOM   284 C C   . PRO A 1 40  ? 5.427   1.490   11.721  1.00 24.89 ? 253 PRO A C   1 
ATOM   285 O O   . PRO A 1 40  ? 5.964   0.490   12.235  1.00 25.25 ? 253 PRO A O   1 
ATOM   286 C CB  . PRO A 1 40  ? 4.318   2.606   13.635  1.00 25.45 ? 253 PRO A CB  1 
ATOM   287 C CG  . PRO A 1 40  ? 3.085   2.296   14.383  1.00 26.35 ? 253 PRO A CG  1 
ATOM   288 C CD  . PRO A 1 40  ? 2.648   0.927   13.889  1.00 25.69 ? 253 PRO A CD  1 
ATOM   289 N N   . GLY A 1 41  ? 5.941   2.158   10.698  1.00 24.90 ? 254 GLY A N   1 
ATOM   290 C CA  . GLY A 1 41  ? 7.199   1.803   10.057  1.00 25.01 ? 254 GLY A CA  1 
ATOM   291 C C   . GLY A 1 41  ? 7.115   0.797   8.931   1.00 25.60 ? 254 GLY A C   1 
ATOM   292 O O   . GLY A 1 41  ? 8.096   0.566   8.227   1.00 26.71 ? 254 GLY A O   1 
ATOM   293 N N   . GLU A 1 42  ? 5.934   0.194   8.751   1.00 24.82 ? 255 GLU A N   1 
ATOM   294 C CA  . GLU A 1 42  ? 5.761   -0.834  7.732   1.00 25.78 ? 255 GLU A CA  1 
ATOM   295 C C   . GLU A 1 42  ? 5.217   -0.258  6.431   1.00 24.12 ? 255 GLU A C   1 
ATOM   296 O O   . GLU A 1 42  ? 4.473   0.733   6.428   1.00 24.77 ? 255 GLU A O   1 
ATOM   297 C CB  . GLU A 1 42  ? 4.785   -1.904  8.227   1.00 25.31 ? 255 GLU A CB  1 
ATOM   298 C CG  . GLU A 1 42  ? 4.575   -3.044  7.218   1.00 29.11 ? 255 GLU A CG  1 
ATOM   299 C CD  . GLU A 1 42  ? 3.440   -3.994  7.587   1.00 29.95 ? 255 GLU A CD  1 
ATOM   300 O OE1 . GLU A 1 42  ? 3.148   -4.124  8.819   1.00 32.90 ? 255 GLU A OE1 1 
ATOM   301 O OE2 . GLU A 1 42  ? 2.874   -4.606  6.628   1.00 33.45 ? 255 GLU A OE2 1 
ATOM   302 N N   . LYS A 1 43  ? 5.564   -0.933  5.349   1.00 24.14 ? 256 LYS A N   1 
ATOM   303 C CA  . LYS A 1 43  ? 5.060   -0.636  4.020   1.00 23.60 ? 256 LYS A CA  1 
ATOM   304 C C   . LYS A 1 43  ? 3.568   -1.007  3.880   1.00 22.80 ? 256 LYS A C   1 
ATOM   305 O O   . LYS A 1 43  ? 3.153   -2.138  4.247   1.00 21.60 ? 256 LYS A O   1 
ATOM   306 C CB  . LYS A 1 43  ? 5.872   -1.445  3.034   1.00 24.72 ? 256 LYS A CB  1 
ATOM   307 C CG  . LYS A 1 43  ? 5.700   -1.090  1.609   1.00 27.36 ? 256 LYS A CG  1 
ATOM   308 C CD  . LYS A 1 43  ? 6.827   -1.743  0.775   1.00 31.05 ? 256 LYS A CD  1 
ATOM   309 C CE  . LYS A 1 43  ? 8.203   -1.209  1.171   1.00 31.75 ? 256 LYS A CE  1 
ATOM   310 N NZ  . LYS A 1 43  ? 9.291   -1.731  0.294   1.00 33.70 ? 256 LYS A NZ  1 
ATOM   311 N N   . ILE A 1 44  ? 2.770   -0.077  3.347   1.00 21.04 ? 257 ILE A N   1 
ATOM   312 C CA  . ILE A 1 44  ? 1.373   -0.393  2.977   1.00 19.79 ? 257 ILE A CA  1 
ATOM   313 C C   . ILE A 1 44  ? 1.411   -1.297  1.732   1.00 18.95 ? 257 ILE A C   1 
ATOM   314 O O   . ILE A 1 44  ? 2.035   -0.952  0.711   1.00 19.16 ? 257 ILE A O   1 
ATOM   315 C CB  . ILE A 1 44  ? 0.515   0.888   2.777   1.00 19.83 ? 257 ILE A CB  1 
ATOM   316 C CG1 . ILE A 1 44  ? 0.386   1.655   4.112   1.00 21.44 ? 257 ILE A CG1 1 
ATOM   317 C CG2 . ILE A 1 44  ? -0.850  0.545   2.133   1.00 17.29 ? 257 ILE A CG2 1 
ATOM   318 C CD1 . ILE A 1 44  ? -0.185  3.060   3.961   1.00 20.07 ? 257 ILE A CD1 1 
ATOM   319 N N   . PRO A 1 45  ? 0.858   -2.509  1.837   1.00 17.66 ? 258 PRO A N   1 
ATOM   320 C CA  . PRO A 1 45  ? 1.133   -3.468  0.733   1.00 16.83 ? 258 PRO A CA  1 
ATOM   321 C C   . PRO A 1 45  ? 0.305   -3.364  -0.530  1.00 17.97 ? 258 PRO A C   1 
ATOM   322 O O   . PRO A 1 45  ? 0.754   -3.858  -1.578  1.00 19.00 ? 258 PRO A O   1 
ATOM   323 C CB  . PRO A 1 45  ? 0.878   -4.837  1.387   1.00 18.10 ? 258 PRO A CB  1 
ATOM   324 C CG  . PRO A 1 45  ? -0.115  -4.543  2.419   1.00 17.24 ? 258 PRO A CG  1 
ATOM   325 C CD  . PRO A 1 45  ? 0.156   -3.162  2.953   1.00 17.87 ? 258 PRO A CD  1 
ATOM   326 N N   . VAL A 1 46  ? -0.908  -2.816  -0.420  1.00 17.18 ? 259 VAL A N   1 
ATOM   327 C CA  . VAL A 1 46  ? -1.836  -2.721  -1.560  1.00 17.64 ? 259 VAL A CA  1 
ATOM   328 C C   . VAL A 1 46  ? -2.546  -1.376  -1.463  1.00 17.13 ? 259 VAL A C   1 
ATOM   329 O O   . VAL A 1 46  ? -2.474  -0.750  -0.417  1.00 17.05 ? 259 VAL A O   1 
ATOM   330 C CB  . VAL A 1 46  ? -2.880  -3.886  -1.578  1.00 18.03 ? 259 VAL A CB  1 
ATOM   331 C CG1 . VAL A 1 46  ? -2.175  -5.255  -1.870  1.00 20.12 ? 259 VAL A CG1 1 
ATOM   332 C CG2 . VAL A 1 46  ? -3.733  -3.873  -0.269  1.00 19.78 ? 259 VAL A CG2 1 
ATOM   333 N N   . ASP A 1 47  ? -3.240  -0.951  -2.527  1.00 16.81 ? 260 ASP A N   1 
ATOM   334 C CA  . ASP A 1 47  ? -4.115  0.247   -2.413  1.00 17.86 ? 260 ASP A CA  1 
ATOM   335 C C   . ASP A 1 47  ? -5.387  -0.096  -1.650  1.00 17.57 ? 260 ASP A C   1 
ATOM   336 O O   . ASP A 1 47  ? -5.933  -1.200  -1.792  1.00 18.52 ? 260 ASP A O   1 
ATOM   337 C CB  . ASP A 1 47  ? -4.556  0.800   -3.782  1.00 17.75 ? 260 ASP A CB  1 
ATOM   338 C CG  . ASP A 1 47  ? -3.385  1.224   -4.669  1.00 18.53 ? 260 ASP A CG  1 
ATOM   339 O OD1 . ASP A 1 47  ? -2.212  1.210   -4.229  1.00 17.65 ? 260 ASP A OD1 1 
ATOM   340 O OD2 . ASP A 1 47  ? -3.676  1.653   -5.798  1.00 20.44 ? 260 ASP A OD2 1 
ATOM   341 N N   . GLY A 1 48  ? -5.872  0.852   -0.865  1.00 17.79 ? 261 GLY A N   1 
ATOM   342 C CA  . GLY A 1 48  ? -7.121  0.640   -0.130  1.00 19.91 ? 261 GLY A CA  1 
ATOM   343 C C   . GLY A 1 48  ? -7.671  1.842   0.593   1.00 20.09 ? 261 GLY A C   1 
ATOM   344 O O   . GLY A 1 48  ? -7.214  2.984   0.363   1.00 20.61 ? 261 GLY A O   1 
ATOM   345 N N   . VAL A 1 49  ? -8.667  1.612   1.455   1.00 18.91 ? 262 VAL A N   1 
ATOM   346 C CA  . VAL A 1 49  ? -9.325  2.682   2.210   1.00 20.27 ? 262 VAL A CA  1 
ATOM   347 C C   . VAL A 1 49  ? -9.169  2.330   3.676   1.00 19.02 ? 262 VAL A C   1 
ATOM   348 O O   . VAL A 1 49  ? -9.392  1.168   4.073   1.00 18.37 ? 262 VAL A O   1 
ATOM   349 C CB  . VAL A 1 49  ? -10.834 2.783   1.852   1.00 20.39 ? 262 VAL A CB  1 
ATOM   350 C CG1 . VAL A 1 49  ? -11.535 3.831   2.737   1.00 24.30 ? 262 VAL A CG1 1 
ATOM   351 C CG2 . VAL A 1 49  ? -10.996 3.124   0.371   1.00 22.90 ? 262 VAL A CG2 1 
ATOM   352 N N   . VAL A 1 50  ? -8.732  3.311   4.459   1.00 19.70 ? 263 VAL A N   1 
ATOM   353 C CA  . VAL A 1 50  ? -8.597  3.145   5.906   1.00 20.40 ? 263 VAL A CA  1 
ATOM   354 C C   . VAL A 1 50  ? -9.941  2.831   6.567   1.00 21.16 ? 263 VAL A C   1 
ATOM   355 O O   . VAL A 1 50  ? -10.927 3.562   6.376   1.00 20.43 ? 263 VAL A O   1 
ATOM   356 C CB  . VAL A 1 50  ? -7.958  4.381   6.578   1.00 21.02 ? 263 VAL A CB  1 
ATOM   357 C CG1 . VAL A 1 50  ? -7.845  4.148   8.073   1.00 21.08 ? 263 VAL A CG1 1 
ATOM   358 C CG2 . VAL A 1 50  ? -6.576  4.681   5.960   1.00 18.87 ? 263 VAL A CG2 1 
ATOM   359 N N   . VAL A 1 51  ? -9.984  1.729   7.316   1.00 21.50 ? 264 VAL A N   1 
ATOM   360 C CA  . VAL A 1 51  ? -11.221 1.366   8.042   1.00 24.24 ? 264 VAL A CA  1 
ATOM   361 C C   . VAL A 1 51  ? -11.082 1.533   9.546   1.00 25.10 ? 264 VAL A C   1 
ATOM   362 O O   . VAL A 1 51  ? -12.091 1.653   10.271  1.00 25.88 ? 264 VAL A O   1 
ATOM   363 C CB  . VAL A 1 51  ? -11.735 -0.067  7.709   1.00 23.86 ? 264 VAL A CB  1 
ATOM   364 C CG1 . VAL A 1 51  ? -12.060 -0.177  6.226   1.00 23.69 ? 264 VAL A CG1 1 
ATOM   365 C CG2 . VAL A 1 51  ? -10.741 -1.147  8.150   1.00 25.30 ? 264 VAL A CG2 1 
ATOM   366 N N   . GLU A 1 52  ? -9.842  1.552   10.014  1.00 25.37 ? 265 GLU A N   1 
ATOM   367 C CA  . GLU A 1 52  ? -9.542  1.792   11.423  1.00 27.71 ? 265 GLU A CA  1 
ATOM   368 C C   . GLU A 1 52  ? -8.166  2.419   11.583  1.00 26.04 ? 265 GLU A C   1 
ATOM   369 O O   . GLU A 1 52  ? -7.215  2.036   10.913  1.00 24.72 ? 265 GLU A O   1 
ATOM   370 C CB  . GLU A 1 52  ? -9.608  0.473   12.200  1.00 27.57 ? 265 GLU A CB  1 
ATOM   371 C CG  . GLU A 1 52  ? -9.492  0.589   13.725  1.00 32.01 ? 265 GLU A CG  1 
ATOM   372 C CD  . GLU A 1 52  ? -9.553  -0.790  14.387  1.00 32.52 ? 265 GLU A CD  1 
ATOM   373 O OE1 . GLU A 1 52  ? -10.607 -1.450  14.255  1.00 36.73 ? 265 GLU A OE1 1 
ATOM   374 O OE2 . GLU A 1 52  ? -8.533  -1.214  14.996  1.00 39.35 ? 265 GLU A OE2 1 
ATOM   375 N N   . GLY A 1 53  ? -8.084  3.402   12.471  1.00 26.66 ? 266 GLY A N   1 
ATOM   376 C CA  . GLY A 1 53  ? -6.814  3.996   12.866  1.00 26.48 ? 266 GLY A CA  1 
ATOM   377 C C   . GLY A 1 53  ? -6.591  5.361   12.246  1.00 26.83 ? 266 GLY A C   1 
ATOM   378 O O   . GLY A 1 53  ? -7.364  5.806   11.404  1.00 27.29 ? 266 GLY A O   1 
ATOM   379 N N   . GLU A 1 54  ? -5.520  6.011   12.681  1.00 26.96 ? 267 GLU A N   1 
ATOM   380 C CA  . GLU A 1 54  ? -5.126  7.322   12.189  1.00 28.13 ? 267 GLU A CA  1 
ATOM   381 C C   . GLU A 1 54  ? -3.614  7.412   12.292  1.00 26.44 ? 267 GLU A C   1 
ATOM   382 O O   . GLU A 1 54  ? -3.045  7.159   13.354  1.00 26.49 ? 267 GLU A O   1 
ATOM   383 C CB  . GLU A 1 54  ? -5.790  8.450   12.997  1.00 28.50 ? 267 GLU A CB  1 
ATOM   384 C CG  . GLU A 1 54  ? -5.518  9.856   12.432  1.00 31.22 ? 267 GLU A CG  1 
ATOM   385 C CD  . GLU A 1 54  ? -6.248  10.958  13.190  1.00 32.36 ? 267 GLU A CD  1 
ATOM   386 O OE1 . GLU A 1 54  ? -5.941  11.164  14.383  1.00 39.64 ? 267 GLU A OE1 1 
ATOM   387 O OE2 . GLU A 1 54  ? -7.123  11.621  12.586  1.00 39.23 ? 267 GLU A OE2 1 
ATOM   388 N N   . SER A 1 55  ? -2.962  7.755   11.182  1.00 24.68 ? 268 SER A N   1 
ATOM   389 C CA  . SER A 1 55  ? -1.517  7.732   11.111  1.00 23.24 ? 268 SER A CA  1 
ATOM   390 C C   . SER A 1 55  ? -1.002  8.646   9.985   1.00 22.51 ? 268 SER A C   1 
ATOM   391 O O   . SER A 1 55  ? -1.674  8.798   8.944   1.00 22.46 ? 268 SER A O   1 
ATOM   392 C CB  . SER A 1 55  ? -1.055  6.301   10.835  1.00 23.18 ? 268 SER A CB  1 
ATOM   393 O OG  . SER A 1 55  ? 0.353   6.223   10.783  1.00 23.14 ? 268 SER A OG  1 
ATOM   394 N N   . TYR A 1 56  ? 0.184   9.216   10.192  1.00 21.25 ? 269 TYR A N   1 
ATOM   395 C CA  . TYR A 1 56  ? 0.856   9.930   9.108   1.00 21.30 ? 269 TYR A CA  1 
ATOM   396 C C   . TYR A 1 56  ? 1.541   8.896   8.219   1.00 20.90 ? 269 TYR A C   1 
ATOM   397 O O   . TYR A 1 56  ? 2.209   7.974   8.728   1.00 22.09 ? 269 TYR A O   1 
ATOM   398 C CB  . TYR A 1 56  ? 1.845   10.991  9.628   1.00 22.38 ? 269 TYR A CB  1 
ATOM   399 C CG  . TYR A 1 56  ? 1.130   12.264  10.033  1.00 22.38 ? 269 TYR A CG  1 
ATOM   400 C CD1 . TYR A 1 56  ? 0.742   13.201  9.062   1.00 25.43 ? 269 TYR A CD1 1 
ATOM   401 C CD2 . TYR A 1 56  ? 0.778   12.502  11.355  1.00 25.41 ? 269 TYR A CD2 1 
ATOM   402 C CE1 . TYR A 1 56  ? 0.050   14.368  9.418   1.00 25.66 ? 269 TYR A CE1 1 
ATOM   403 C CE2 . TYR A 1 56  ? 0.084   13.672  11.732  1.00 25.77 ? 269 TYR A CE2 1 
ATOM   404 C CZ  . TYR A 1 56  ? -0.290  14.595  10.743  1.00 27.11 ? 269 TYR A CZ  1 
ATOM   405 O OH  . TYR A 1 56  ? -0.992  15.741  11.085  1.00 27.06 ? 269 TYR A OH  1 
ATOM   406 N N   . VAL A 1 57  ? 1.338   9.043   6.905   1.00 19.22 ? 270 VAL A N   1 
ATOM   407 C CA  . VAL A 1 57  ? 1.886   8.142   5.899   1.00 18.49 ? 270 VAL A CA  1 
ATOM   408 C C   . VAL A 1 57  ? 2.849   8.925   4.996   1.00 19.79 ? 270 VAL A C   1 
ATOM   409 O O   . VAL A 1 57  ? 2.539   10.041  4.544   1.00 20.36 ? 270 VAL A O   1 
ATOM   410 C CB  . VAL A 1 57  ? 0.725   7.479   5.090   1.00 18.86 ? 270 VAL A CB  1 
ATOM   411 C CG1 . VAL A 1 57  ? 1.236   6.676   3.894   1.00 18.24 ? 270 VAL A CG1 1 
ATOM   412 C CG2 . VAL A 1 57  ? -0.126  6.560   6.023   1.00 17.48 ? 270 VAL A CG2 1 
ATOM   413 N N   . ASP A 1 58  ? 3.998   8.314   4.737   1.00 20.11 ? 271 ASP A N   1 
ATOM   414 C CA  . ASP A 1 58  ? 5.039   8.874   3.866   1.00 21.71 ? 271 ASP A CA  1 
ATOM   415 C C   . ASP A 1 58  ? 4.795   8.401   2.435   1.00 21.54 ? 271 ASP A C   1 
ATOM   416 O O   . ASP A 1 58  ? 4.935   7.225   2.147   1.00 21.61 ? 271 ASP A O   1 
ATOM   417 C CB  . ASP A 1 58  ? 6.419   8.443   4.402   1.00 21.97 ? 271 ASP A CB  1 
ATOM   418 C CG  . ASP A 1 58  ? 7.583   8.784   3.456   1.00 25.98 ? 271 ASP A CG  1 
ATOM   419 O OD1 . ASP A 1 58  ? 8.704   8.253   3.707   1.00 30.07 ? 271 ASP A OD1 1 
ATOM   420 O OD2 . ASP A 1 58  ? 7.401   9.569   2.494   1.00 26.05 ? 271 ASP A OD2 1 
ATOM   421 N N   . GLU A 1 59  ? 4.387   9.333   1.558   1.00 22.27 ? 272 GLU A N   1 
ATOM   422 C CA  . GLU A 1 59  ? 4.084   9.038   0.160   1.00 22.64 ? 272 GLU A CA  1 
ATOM   423 C C   . GLU A 1 59  ? 5.145   9.594   -0.790  1.00 23.27 ? 272 GLU A C   1 
ATOM   424 O O   . GLU A 1 59  ? 4.964   9.556   -1.999  1.00 22.08 ? 272 GLU A O   1 
ATOM   425 C CB  . GLU A 1 59  ? 2.702   9.561   -0.240  1.00 22.47 ? 272 GLU A CB  1 
ATOM   426 C CG  . GLU A 1 59  ? 1.570   9.125   0.695   1.00 21.36 ? 272 GLU A CG  1 
ATOM   427 C CD  . GLU A 1 59  ? 0.195   9.638   0.254   1.00 23.20 ? 272 GLU A CD  1 
ATOM   428 O OE1 . GLU A 1 59  ? 0.085   10.840  -0.125  1.00 22.52 ? 272 GLU A OE1 1 
ATOM   429 O OE2 . GLU A 1 59  ? -0.773  8.840   0.291   1.00 21.17 ? 272 GLU A OE2 1 
ATOM   430 N N   . SER A 1 60  ? 6.254   10.069  -0.226  1.00 24.74 ? 273 SER A N   1 
ATOM   431 C CA  . SER A 1 60  ? 7.344   10.688  -1.029  1.00 26.58 ? 273 SER A CA  1 
ATOM   432 C C   . SER A 1 60  ? 7.831   9.838   -2.202  1.00 27.40 ? 273 SER A C   1 
ATOM   433 O O   . SER A 1 60  ? 8.129   10.385  -3.263  1.00 28.40 ? 273 SER A O   1 
ATOM   434 C CB  . SER A 1 60  ? 8.518   11.104  -0.146  1.00 26.23 ? 273 SER A CB  1 
ATOM   435 O OG  . SER A 1 60  ? 9.097   9.986   0.499   1.00 28.96 ? 273 SER A OG  1 
ATOM   436 N N   . MET A 1 61  ? 7.873   8.511   -2.022  1.00 27.53 ? 274 MET A N   1 
ATOM   437 C CA  . MET A 1 61  ? 8.329   7.595   -3.068  1.00 28.49 ? 274 MET A CA  1 
ATOM   438 C C   . MET A 1 61  ? 7.429   7.545   -4.299  1.00 29.09 ? 274 MET A C   1 
ATOM   439 O O   . MET A 1 61  ? 7.827   7.032   -5.351  1.00 30.31 ? 274 MET A O   1 
ATOM   440 C CB  . MET A 1 61  ? 8.580   6.180   -2.497  1.00 28.46 ? 274 MET A CB  1 
ATOM   441 C CG  . MET A 1 61  ? 7.309   5.383   -2.147  1.00 28.20 ? 274 MET A CG  1 
ATOM   442 S SD  . MET A 1 61  ? 6.432   6.152   -0.768  1.00 30.40 ? 274 MET A SD  1 
ATOM   443 C CE  . MET A 1 61  ? 7.573   5.851   0.531   1.00 27.71 ? 274 MET A CE  1 
ATOM   444 N N   . ILE A 1 62  ? 6.219   8.075   -4.182  1.00 29.83 ? 275 ILE A N   1 
ATOM   445 C CA  . ILE A 1 62  ? 5.298   8.160   -5.331  1.00 30.40 ? 275 ILE A CA  1 
ATOM   446 C C   . ILE A 1 62  ? 4.986   9.617   -5.722  1.00 31.29 ? 275 ILE A C   1 
ATOM   447 O O   . ILE A 1 62  ? 5.138   10.011  -6.882  1.00 32.34 ? 275 ILE A O   1 
ATOM   448 C CB  . ILE A 1 62  ? 3.972   7.382   -5.090  1.00 30.49 ? 275 ILE A CB  1 
ATOM   449 C CG1 . ILE A 1 62  ? 4.257   5.901   -4.831  1.00 29.77 ? 275 ILE A CG1 1 
ATOM   450 C CG2 . ILE A 1 62  ? 2.999   7.556   -6.295  1.00 30.55 ? 275 ILE A CG2 1 
ATOM   451 C CD1 . ILE A 1 62  ? 3.015   5.114   -4.475  1.00 29.95 ? 275 ILE A CD1 1 
ATOM   452 N N   . SER A 1 63  ? 4.522   10.404  -4.765  1.00 31.25 ? 276 SER A N   1 
ATOM   453 C CA  . SER A 1 63  ? 4.152   11.786  -5.038  1.00 32.06 ? 276 SER A CA  1 
ATOM   454 C C   . SER A 1 63  ? 5.332   12.764  -5.036  1.00 32.81 ? 276 SER A C   1 
ATOM   455 O O   . SER A 1 63  ? 5.204   13.870  -5.554  1.00 34.25 ? 276 SER A O   1 
ATOM   456 C CB  . SER A 1 63  ? 3.154   12.249  -3.991  1.00 31.00 ? 276 SER A CB  1 
ATOM   457 O OG  . SER A 1 63  ? 3.812   12.479  -2.755  1.00 28.26 ? 276 SER A OG  1 
ATOM   458 N N   . GLY A 1 64  ? 6.447   12.385  -4.414  1.00 33.36 ? 277 GLY A N   1 
ATOM   459 C CA  . GLY A 1 64  ? 7.602   13.288  -4.261  1.00 34.39 ? 277 GLY A CA  1 
ATOM   460 C C   . GLY A 1 64  ? 7.492   14.327  -3.153  1.00 34.68 ? 277 GLY A C   1 
ATOM   461 O O   . GLY A 1 64  ? 8.420   15.116  -2.926  1.00 35.10 ? 277 GLY A O   1 
ATOM   462 N N   . GLU A 1 65  ? 6.362   14.330  -2.451  1.00 34.50 ? 278 GLU A N   1 
ATOM   463 C CA  . GLU A 1 65  ? 6.137   15.265  -1.355  1.00 34.50 ? 278 GLU A CA  1 
ATOM   464 C C   . GLU A 1 65  ? 6.859   14.781  -0.091  1.00 33.88 ? 278 GLU A C   1 
ATOM   465 O O   . GLU A 1 65  ? 6.600   13.671  0.377   1.00 32.95 ? 278 GLU A O   1 
ATOM   466 C CB  . GLU A 1 65  ? 4.634   15.421  -1.111  1.00 35.11 ? 278 GLU A CB  1 
ATOM   467 C CG  . GLU A 1 65  ? 3.940   16.285  -2.162  1.00 38.54 ? 278 GLU A CG  1 
ATOM   468 C CD  . GLU A 1 65  ? 2.639   15.690  -2.718  1.00 43.89 ? 278 GLU A CD  1 
ATOM   469 O OE1 . GLU A 1 65  ? 2.724   14.729  -3.506  1.00 48.36 ? 278 GLU A OE1 1 
ATOM   470 O OE2 . GLU A 1 65  ? 1.524   16.192  -2.415  1.00 45.38 ? 278 GLU A OE2 1 
ATOM   471 N N   . PRO A 1 66  ? 7.761   15.609  0.471   1.00 32.78 ? 279 PRO A N   1 
ATOM   472 C CA  . PRO A 1 66  ? 8.549   15.170  1.627   1.00 31.95 ? 279 PRO A CA  1 
ATOM   473 C C   . PRO A 1 66  ? 7.750   15.105  2.930   1.00 30.59 ? 279 PRO A C   1 
ATOM   474 O O   . PRO A 1 66  ? 8.090   14.324  3.833   1.00 30.82 ? 279 PRO A O   1 
ATOM   475 C CB  . PRO A 1 66  ? 9.657   16.248  1.753   1.00 32.71 ? 279 PRO A CB  1 
ATOM   476 C CG  . PRO A 1 66  ? 9.478   17.170  0.617   1.00 33.11 ? 279 PRO A CG  1 
ATOM   477 C CD  . PRO A 1 66  ? 8.094   16.989  0.071   1.00 33.58 ? 279 PRO A CD  1 
ATOM   478 N N   . VAL A 1 67  ? 6.710   15.921  3.035   1.00 28.54 ? 280 VAL A N   1 
ATOM   479 C CA  . VAL A 1 67  ? 5.900   15.965  4.238   1.00 26.76 ? 280 VAL A CA  1 
ATOM   480 C C   . VAL A 1 67  ? 4.869   14.814  4.194   1.00 25.39 ? 280 VAL A C   1 
ATOM   481 O O   . VAL A 1 67  ? 4.101   14.690  3.215   1.00 24.01 ? 280 VAL A O   1 
ATOM   482 C CB  . VAL A 1 67  ? 5.179   17.342  4.395   1.00 27.09 ? 280 VAL A CB  1 
ATOM   483 C CG1 . VAL A 1 67  ? 4.314   17.384  5.615   1.00 26.48 ? 280 VAL A CG1 1 
ATOM   484 C CG2 . VAL A 1 67  ? 6.211   18.483  4.450   1.00 27.86 ? 280 VAL A CG2 1 
ATOM   485 N N   . PRO A 1 68  ? 4.830   13.996  5.271   1.00 24.71 ? 281 PRO A N   1 
ATOM   486 C CA  . PRO A 1 68  ? 3.860   12.889  5.306   1.00 24.10 ? 281 PRO A CA  1 
ATOM   487 C C   . PRO A 1 68  ? 2.434   13.406  5.358   1.00 23.07 ? 281 PRO A C   1 
ATOM   488 O O   . PRO A 1 68  ? 2.189   14.550  5.770   1.00 23.24 ? 281 PRO A O   1 
ATOM   489 C CB  . PRO A 1 68  ? 4.190   12.157  6.618   1.00 23.43 ? 281 PRO A CB  1 
ATOM   490 C CG  . PRO A 1 68  ? 4.845   13.194  7.468   1.00 25.24 ? 281 PRO A CG  1 
ATOM   491 C CD  . PRO A 1 68  ? 5.615   14.080  6.514   1.00 25.21 ? 281 PRO A CD  1 
ATOM   492 N N   . VAL A 1 69  ? 1.497   12.532  5.005   1.00 22.55 ? 282 VAL A N   1 
ATOM   493 C CA  . VAL A 1 69  ? 0.083   12.884  4.872   1.00 22.26 ? 282 VAL A CA  1 
ATOM   494 C C   . VAL A 1 69  ? -0.769  12.116  5.896   1.00 22.72 ? 282 VAL A C   1 
ATOM   495 O O   . VAL A 1 69  ? -0.614  10.900  6.044   1.00 21.89 ? 282 VAL A O   1 
ATOM   496 C CB  . VAL A 1 69  ? -0.423  12.543  3.447   1.00 22.32 ? 282 VAL A CB  1 
ATOM   497 C CG1 . VAL A 1 69  ? -1.913  12.873  3.309   1.00 22.47 ? 282 VAL A CG1 1 
ATOM   498 C CG2 . VAL A 1 69  ? 0.407   13.260  2.378   1.00 22.21 ? 282 VAL A CG2 1 
ATOM   499 N N   . LEU A 1 70  ? -1.633  12.843  6.604   1.00 21.25 ? 283 LEU A N   1 
ATOM   500 C CA  . LEU A 1 70  ? -2.516  12.252  7.618   1.00 23.11 ? 283 LEU A CA  1 
ATOM   501 C C   . LEU A 1 70  ? -3.569  11.374  6.961   1.00 22.78 ? 283 LEU A C   1 
ATOM   502 O O   . LEU A 1 70  ? -4.270  11.801  6.047   1.00 22.40 ? 283 LEU A O   1 
ATOM   503 C CB  . LEU A 1 70  ? -3.206  13.327  8.464   1.00 23.33 ? 283 LEU A CB  1 
ATOM   504 C CG  . LEU A 1 70  ? -3.955  12.754  9.678   1.00 23.43 ? 283 LEU A CG  1 
ATOM   505 C CD1 . LEU A 1 70  ? -3.044  11.858  10.497  1.00 26.87 ? 283 LEU A CD1 1 
ATOM   506 C CD2 . LEU A 1 70  ? -4.547  13.843  10.569  1.00 25.16 ? 283 LEU A CD2 1 
ATOM   507 N N   . LYS A 1 71  ? -3.679  10.141  7.453   1.00 22.88 ? 284 LYS A N   1 
ATOM   508 C CA  . LYS A 1 71  ? -4.660  9.188   6.935   1.00 23.56 ? 284 LYS A CA  1 
ATOM   509 C C   . LYS A 1 71  ? -5.548  8.742   8.088   1.00 24.37 ? 284 LYS A C   1 
ATOM   510 O O   . LYS A 1 71  ? -5.046  8.283   9.123   1.00 24.29 ? 284 LYS A O   1 
ATOM   511 C CB  . LYS A 1 71  ? -3.963  7.970   6.310   1.00 23.14 ? 284 LYS A CB  1 
ATOM   512 C CG  . LYS A 1 71  ? -3.027  8.288   5.159   1.00 23.60 ? 284 LYS A CG  1 
ATOM   513 C CD  . LYS A 1 71  ? -3.789  8.809   3.919   1.00 22.40 ? 284 LYS A CD  1 
ATOM   514 C CE  . LYS A 1 71  ? -2.790  8.934   2.759   1.00 20.58 ? 284 LYS A CE  1 
ATOM   515 N NZ  . LYS A 1 71  ? -3.407  9.407   1.517   1.00 22.44 ? 284 LYS A NZ  1 
ATOM   516 N N   . SER A 1 72  ? -6.852  8.917   7.911   1.00 25.59 ? 285 SER A N   1 
ATOM   517 C CA  . SER A 1 72  ? -7.865  8.555   8.908   1.00 27.70 ? 285 SER A CA  1 
ATOM   518 C C   . SER A 1 72  ? -8.933  7.702   8.218   1.00 27.44 ? 285 SER A C   1 
ATOM   519 O O   . SER A 1 72  ? -8.901  7.518   6.995   1.00 26.71 ? 285 SER A O   1 
ATOM   520 C CB  . SER A 1 72  ? -8.532  9.825   9.496   1.00 28.61 ? 285 SER A CB  1 
ATOM   521 O OG  . SER A 1 72  ? -7.615  10.907  9.664   1.00 33.75 ? 285 SER A OG  1 
ATOM   522 N N   . LYS A 1 73  ? -9.905  7.216   8.991   1.00 27.82 ? 286 LYS A N   1 
ATOM   523 C CA  . LYS A 1 73  ? -11.012 6.442   8.425   1.00 28.37 ? 286 LYS A CA  1 
ATOM   524 C C   . LYS A 1 73  ? -11.615 7.073   7.150   1.00 26.69 ? 286 LYS A C   1 
ATOM   525 O O   . LYS A 1 73  ? -11.976 8.255   7.130   1.00 26.82 ? 286 LYS A O   1 
ATOM   526 C CB  . LYS A 1 73  ? -12.085 6.212   9.487   1.00 28.23 ? 286 LYS A CB  1 
ATOM   527 C CG  . LYS A 1 73  ? -13.260 5.386   9.024   1.00 30.12 ? 286 LYS A CG  1 
ATOM   528 C CD  . LYS A 1 73  ? -14.352 5.318   10.106  1.00 31.81 ? 286 LYS A CD  1 
ATOM   529 C CE  . LYS A 1 73  ? -14.111 4.166   11.073  1.00 37.37 ? 286 LYS A CE  1 
ATOM   530 N NZ  . LYS A 1 73  ? -15.275 3.956   12.028  1.00 41.36 ? 286 LYS A NZ  1 
ATOM   531 N N   . GLY A 1 74  ? -11.701 6.277   6.087   1.00 25.94 ? 287 GLY A N   1 
ATOM   532 C CA  . GLY A 1 74  ? -12.305 6.717   4.841   1.00 24.71 ? 287 GLY A CA  1 
ATOM   533 C C   . GLY A 1 74  ? -11.290 7.261   3.843   1.00 24.03 ? 287 GLY A C   1 
ATOM   534 O O   . GLY A 1 74  ? -11.619 7.402   2.675   1.00 24.49 ? 287 GLY A O   1 
ATOM   535 N N   . ASP A 1 75  ? -10.064 7.548   4.299   1.00 23.24 ? 288 ASP A N   1 
ATOM   536 C CA  . ASP A 1 75  ? -9.010  8.044   3.407   1.00 22.89 ? 288 ASP A CA  1 
ATOM   537 C C   . ASP A 1 75  ? -8.419  6.906   2.576   1.00 22.83 ? 288 ASP A C   1 
ATOM   538 O O   . ASP A 1 75  ? -8.331  5.771   3.046   1.00 22.41 ? 288 ASP A O   1 
ATOM   539 C CB  . ASP A 1 75  ? -7.876  8.712   4.188   1.00 23.58 ? 288 ASP A CB  1 
ATOM   540 C CG  . ASP A 1 75  ? -8.273  10.060  4.795   1.00 24.56 ? 288 ASP A CG  1 
ATOM   541 O OD1 . ASP A 1 75  ? -7.560  10.505  5.717   1.00 25.75 ? 288 ASP A OD1 1 
ATOM   542 O OD2 . ASP A 1 75  ? -9.277  10.676  4.362   1.00 27.43 ? 288 ASP A OD2 1 
ATOM   543 N N   . GLU A 1 76  ? -8.002  7.244   1.362   1.00 21.68 ? 289 GLU A N   1 
ATOM   544 C CA  . GLU A 1 76  ? -7.341  6.314   0.470   1.00 22.69 ? 289 GLU A CA  1 
ATOM   545 C C   . GLU A 1 76  ? -5.859  6.244   0.789   1.00 21.42 ? 289 GLU A C   1 
ATOM   546 O O   . GLU A 1 76  ? -5.213  7.270   1.110   1.00 21.18 ? 289 GLU A O   1 
ATOM   547 C CB  . GLU A 1 76  ? -7.517  6.757   -0.975  1.00 23.35 ? 289 GLU A CB  1 
ATOM   548 C CG  . GLU A 1 76  ? -7.219  5.686   -1.996  1.00 26.47 ? 289 GLU A CG  1 
ATOM   549 C CD  . GLU A 1 76  ? -7.624  6.062   -3.433  1.00 26.88 ? 289 GLU A CD  1 
ATOM   550 O OE1 . GLU A 1 76  ? -8.101  7.202   -3.680  1.00 30.46 ? 289 GLU A OE1 1 
ATOM   551 O OE2 . GLU A 1 76  ? -7.477  5.175   -4.306  1.00 32.14 ? 289 GLU A OE2 1 
ATOM   552 N N   . VAL A 1 77  ? -5.317  5.034   0.665   1.00 19.40 ? 290 VAL A N   1 
ATOM   553 C CA  . VAL A 1 77  ? -3.888  4.789   0.835   1.00 17.50 ? 290 VAL A CA  1 
ATOM   554 C C   . VAL A 1 77  ? -3.401  3.961   -0.333  1.00 16.69 ? 290 VAL A C   1 
ATOM   555 O O   . VAL A 1 77  ? -4.195  3.254   -0.990  1.00 17.22 ? 290 VAL A O   1 
ATOM   556 C CB  . VAL A 1 77  ? -3.540  4.074   2.163   1.00 17.35 ? 290 VAL A CB  1 
ATOM   557 C CG1 . VAL A 1 77  ? -3.827  4.995   3.375   1.00 17.71 ? 290 VAL A CG1 1 
ATOM   558 C CG2 . VAL A 1 77  ? -4.255  2.734   2.286   1.00 18.12 ? 290 VAL A CG2 1 
ATOM   559 N N   . PHE A 1 78  ? -2.097  4.079   -0.583  1.00 17.16 ? 291 PHE A N   1 
ATOM   560 C CA  . PHE A 1 78  ? -1.481  3.472   -1.733  1.00 16.78 ? 291 PHE A CA  1 
ATOM   561 C C   . PHE A 1 78  ? -0.412  2.469   -1.373  1.00 16.44 ? 291 PHE A C   1 
ATOM   562 O O   . PHE A 1 78  ? 0.485   2.686   -0.521  1.00 18.04 ? 291 PHE A O   1 
ATOM   563 C CB  . PHE A 1 78  ? -0.999  4.534   -2.728  1.00 17.72 ? 291 PHE A CB  1 
ATOM   564 C CG  . PHE A 1 78  ? -2.087  5.456   -3.244  1.00 17.90 ? 291 PHE A CG  1 
ATOM   565 C CD1 . PHE A 1 78  ? -2.856  5.147   -4.338  1.00 20.98 ? 291 PHE A CD1 1 
ATOM   566 C CD2 . PHE A 1 78  ? -2.364  6.617   -2.531  1.00 19.75 ? 291 PHE A CD2 1 
ATOM   567 C CE1 . PHE A 1 78  ? -3.876  5.997   -4.745  1.00 20.72 ? 291 PHE A CE1 1 
ATOM   568 C CE2 . PHE A 1 78  ? -3.381  7.469   -2.924  1.00 21.33 ? 291 PHE A CE2 1 
ATOM   569 C CZ  . PHE A 1 78  ? -4.136  7.149   -4.035  1.00 18.46 ? 291 PHE A CZ  1 
ATOM   570 N N   . GLY A 1 79  ? -0.371  1.438   -2.205  1.00 18.14 ? 292 GLY A N   1 
ATOM   571 C CA  . GLY A 1 79  ? 0.689   0.424   -2.040  1.00 19.05 ? 292 GLY A CA  1 
ATOM   572 C C   . GLY A 1 79  ? 2.052   1.122   -2.272  1.00 19.14 ? 292 GLY A C   1 
ATOM   573 O O   . GLY A 1 79  ? 2.111   1.960   -3.174  1.00 18.76 ? 292 GLY A O   1 
ATOM   574 N N   . ALA A 1 80  ? 2.986   0.640   -1.526  1.00 20.09 ? 293 ALA A N   1 
ATOM   575 C CA  . ALA A 1 80  ? 4.405   1.002   -1.507  1.00 21.72 ? 293 ALA A CA  1 
ATOM   576 C C   . ALA A 1 80  ? 4.673   2.211   -0.647  1.00 21.66 ? 293 ALA A C   1 
ATOM   577 O O   . ALA A 1 80  ? 5.831   2.442   -0.246  1.00 23.22 ? 293 ALA A O   1 
ATOM   578 C CB  . ALA A 1 80  ? 5.042   1.101   -2.869  1.00 21.97 ? 293 ALA A CB  1 
ATOM   579 N N   . THR A 1 81  ? 3.575   2.836   -0.168  1.00 20.78 ? 294 THR A N   1 
ATOM   580 C CA  . THR A 1 81  ? 3.832   3.973   0.754   1.00 20.74 ? 294 THR A CA  1 
ATOM   581 C C   . THR A 1 81  ? 4.156   3.506   2.158   1.00 20.68 ? 294 THR A C   1 
ATOM   582 O O   . THR A 1 81  ? 3.856   2.357   2.510   1.00 20.75 ? 294 THR A O   1 
ATOM   583 C CB  . THR A 1 81  ? 2.710   4.998   0.728   1.00 19.26 ? 294 THR A CB  1 
ATOM   584 O OG1 . THR A 1 81  ? 1.455   4.461   1.126   1.00 20.11 ? 294 THR A OG1 1 
ATOM   585 C CG2 . THR A 1 81  ? 2.548   5.663   -0.637  1.00 19.18 ? 294 THR A CG2 1 
ATOM   586 N N   . ILE A 1 82  ? 4.750   4.325   3.023   1.00 21.33 ? 295 ILE A N   1 
ATOM   587 C CA  . ILE A 1 82  ? 5.224   3.844   4.301   1.00 21.42 ? 295 ILE A CA  1 
ATOM   588 C C   . ILE A 1 82  ? 4.396   4.439   5.425   1.00 20.88 ? 295 ILE A C   1 
ATOM   589 O O   . ILE A 1 82  ? 4.311   5.645   5.567   1.00 21.30 ? 295 ILE A O   1 
ATOM   590 C CB  . ILE A 1 82  ? 6.743   4.121   4.501   1.00 22.25 ? 295 ILE A CB  1 
ATOM   591 C CG1 . ILE A 1 82  ? 7.543   3.447   3.396   1.00 24.29 ? 295 ILE A CG1 1 
ATOM   592 C CG2 . ILE A 1 82  ? 7.180   3.592   5.847   1.00 22.74 ? 295 ILE A CG2 1 
ATOM   593 C CD1 . ILE A 1 82  ? 8.940   3.997   3.233   1.00 29.83 ? 295 ILE A CD1 1 
ATOM   594 N N   . ASN A 1 83  ? 3.777   3.562   6.208   1.00 20.43 ? 296 ASN A N   1 
ATOM   595 C CA  . ASN A 1 83  ? 3.026   3.972   7.362   1.00 21.44 ? 296 ASN A CA  1 
ATOM   596 C C   . ASN A 1 83  ? 3.977   4.389   8.489   1.00 22.91 ? 296 ASN A C   1 
ATOM   597 O O   . ASN A 1 83  ? 4.878   3.604   8.865   1.00 24.18 ? 296 ASN A O   1 
ATOM   598 C CB  . ASN A 1 83  ? 2.109   2.827   7.816   1.00 21.35 ? 296 ASN A CB  1 
ATOM   599 C CG  . ASN A 1 83  ? 1.151   3.261   8.856   1.00 20.96 ? 296 ASN A CG  1 
ATOM   600 O OD1 . ASN A 1 83  ? 0.630   4.366   8.795   1.00 22.14 ? 296 ASN A OD1 1 
ATOM   601 N ND2 . ASN A 1 83  ? 0.925   2.411   9.851   1.00 25.42 ? 296 ASN A ND2 1 
ATOM   602 N N   . ASN A 1 84  ? 3.788   5.602   9.029   1.00 22.67 ? 297 ASN A N   1 
ATOM   603 C CA  . ASN A 1 84  ? 4.766   6.153   10.014  1.00 24.76 ? 297 ASN A CA  1 
ATOM   604 C C   . ASN A 1 84  ? 4.413   6.025   11.495  1.00 24.95 ? 297 ASN A C   1 
ATOM   605 O O   . ASN A 1 84  ? 5.236   5.555   12.290  1.00 27.50 ? 297 ASN A O   1 
ATOM   606 C CB  . ASN A 1 84  ? 5.123   7.633   9.740   1.00 24.08 ? 297 ASN A CB  1 
ATOM   607 C CG  . ASN A 1 84  ? 5.984   7.828   8.491   1.00 25.15 ? 297 ASN A CG  1 
ATOM   608 O OD1 . ASN A 1 84  ? 6.578   6.895   7.950   1.00 26.09 ? 297 ASN A OD1 1 
ATOM   609 N ND2 . ASN A 1 84  ? 6.053   9.079   8.028   1.00 28.27 ? 297 ASN A ND2 1 
ATOM   610 N N   . THR A 1 85  ? 3.235   6.494   11.874  1.00 25.29 ? 298 THR A N   1 
ATOM   611 C CA  . THR A 1 85  ? 2.971   6.822   13.267  1.00 26.20 ? 298 THR A CA  1 
ATOM   612 C C   . THR A 1 85  ? 1.995   5.941   14.036  1.00 26.41 ? 298 THR A C   1 
ATOM   613 O O   . THR A 1 85  ? 2.171   5.743   15.241  1.00 26.71 ? 298 THR A O   1 
ATOM   614 C CB  . THR A 1 85  ? 2.559   8.308   13.447  1.00 25.91 ? 298 THR A CB  1 
ATOM   615 O OG1 . THR A 1 85  ? 1.346   8.561   12.739  1.00 26.57 ? 298 THR A OG1 1 
ATOM   616 C CG2 . THR A 1 85  ? 3.675   9.252   12.973  1.00 26.31 ? 298 THR A CG2 1 
ATOM   617 N N   . GLY A 1 86  ? 0.970   5.416   13.372  1.00 25.52 ? 299 GLY A N   1 
ATOM   618 C CA  . GLY A 1 86  ? -0.048  4.630   14.069  1.00 24.99 ? 299 GLY A CA  1 
ATOM   619 C C   . GLY A 1 86  ? -0.470  3.400   13.267  1.00 24.37 ? 299 GLY A C   1 
ATOM   620 O O   . GLY A 1 86  ? -0.399  3.399   12.047  1.00 24.12 ? 299 GLY A O   1 
ATOM   621 N N   . VAL A 1 87  ? -0.915  2.360   13.973  1.00 23.99 ? 300 VAL A N   1 
ATOM   622 C CA  . VAL A 1 87  ? -1.467  1.164   13.312  1.00 23.76 ? 300 VAL A CA  1 
ATOM   623 C C   . VAL A 1 87  ? -2.698  1.531   12.462  1.00 22.54 ? 300 VAL A C   1 
ATOM   624 O O   . VAL A 1 87  ? -3.601  2.259   12.908  1.00 23.20 ? 300 VAL A O   1 
ATOM   625 C CB  . VAL A 1 87  ? -1.828  0.053   14.346  1.00 24.02 ? 300 VAL A CB  1 
ATOM   626 C CG1 . VAL A 1 87  ? -2.919  0.535   15.233  1.00 27.87 ? 300 VAL A CG1 1 
ATOM   627 C CG2 . VAL A 1 87  ? -2.295  -1.187  13.650  1.00 24.96 ? 300 VAL A CG2 1 
ATOM   628 N N   . LEU A 1 88  ? -2.714  1.050   11.226  1.00 21.72 ? 301 LEU A N   1 
ATOM   629 C CA  . LEU A 1 88  ? -3.865  1.202   10.348  1.00 20.39 ? 301 LEU A CA  1 
ATOM   630 C C   . LEU A 1 88  ? -4.462  -0.165  9.988   1.00 19.88 ? 301 LEU A C   1 
ATOM   631 O O   . LEU A 1 88  ? -3.705  -1.106  9.729   1.00 19.57 ? 301 LEU A O   1 
ATOM   632 C CB  . LEU A 1 88  ? -3.422  1.884   9.039   1.00 20.43 ? 301 LEU A CB  1 
ATOM   633 C CG  . LEU A 1 88  ? -3.039  3.362   9.075   1.00 21.46 ? 301 LEU A CG  1 
ATOM   634 C CD1 . LEU A 1 88  ? -2.571  3.814   7.693   1.00 21.20 ? 301 LEU A CD1 1 
ATOM   635 C CD2 . LEU A 1 88  ? -4.189  4.236   9.550   1.00 24.31 ? 301 LEU A CD2 1 
ATOM   636 N N   . LYS A 1 89  ? -5.792  -0.244  9.956   1.00 19.86 ? 302 LYS A N   1 
ATOM   637 C CA  . LYS A 1 89  ? -6.481  -1.332  9.262   1.00 20.49 ? 302 LYS A CA  1 
ATOM   638 C C   . LYS A 1 89  ? -7.078  -0.756  7.978   1.00 19.73 ? 302 LYS A C   1 
ATOM   639 O O   . LYS A 1 89  ? -7.730  0.302   7.998   1.00 19.45 ? 302 LYS A O   1 
ATOM   640 C CB  . LYS A 1 89  ? -7.556  -1.999  10.127  1.00 20.17 ? 302 LYS A CB  1 
ATOM   641 C CG  . LYS A 1 89  ? -6.977  -2.727  11.342  1.00 23.46 ? 302 LYS A CG  1 
ATOM   642 C CD  . LYS A 1 89  ? -8.068  -3.284  12.253  1.00 23.85 ? 302 LYS A CD  1 
ATOM   643 C CE  . LYS A 1 89  ? -7.405  -4.095  13.380  1.00 29.41 ? 302 LYS A CE  1 
ATOM   644 N NZ  . LYS A 1 89  ? -8.380  -4.874  14.224  1.00 33.55 ? 302 LYS A NZ  1 
ATOM   645 N N   . ILE A 1 90  ? -6.809  -1.443  6.868   1.00 18.86 ? 303 ILE A N   1 
ATOM   646 C CA  . ILE A 1 90  ? -7.159  -0.952  5.525   1.00 18.72 ? 303 ILE A CA  1 
ATOM   647 C C   . ILE A 1 90  ? -7.921  -2.045  4.761   1.00 18.64 ? 303 ILE A C   1 
ATOM   648 O O   . ILE A 1 90  ? -7.504  -3.232  4.761   1.00 17.70 ? 303 ILE A O   1 
ATOM   649 C CB  . ILE A 1 90  ? -5.861  -0.618  4.746   1.00 17.88 ? 303 ILE A CB  1 
ATOM   650 C CG1 . ILE A 1 90  ? -5.067  0.509   5.449   1.00 18.88 ? 303 ILE A CG1 1 
ATOM   651 C CG2 . ILE A 1 90  ? -6.176  -0.238  3.309   1.00 18.80 ? 303 ILE A CG2 1 
ATOM   652 C CD1 . ILE A 1 90  ? -3.549  0.364   5.281   1.00 21.29 ? 303 ILE A CD1 1 
ATOM   653 N N   . ARG A 1 91  ? -9.022  -1.678  4.113   1.00 16.82 ? 304 ARG A N   1 
ATOM   654 C CA  . ARG A 1 91  ? -9.717  -2.614  3.226   1.00 18.24 ? 304 ARG A CA  1 
ATOM   655 C C   . ARG A 1 91  ? -9.077  -2.489  1.846   1.00 17.19 ? 304 ARG A C   1 
ATOM   656 O O   . ARG A 1 91  ? -9.047  -1.370  1.295   1.00 16.06 ? 304 ARG A O   1 
ATOM   657 C CB  . ARG A 1 91  ? -11.219 -2.271  3.170   1.00 18.46 ? 304 ARG A CB  1 
ATOM   658 C CG  . ARG A 1 91  ? -12.031 -3.096  2.145   1.00 22.05 ? 304 ARG A CG  1 
ATOM   659 C CD  . ARG A 1 91  ? -13.544 -2.762  2.215   1.00 21.19 ? 304 ARG A CD  1 
ATOM   660 N NE  . ARG A 1 91  ? -13.828 -1.329  2.448   1.00 30.61 ? 304 ARG A NE  1 
ATOM   661 C CZ  . ARG A 1 91  ? -13.927 -0.392  1.502   1.00 32.54 ? 304 ARG A CZ  1 
ATOM   662 N NH1 . ARG A 1 91  ? -13.788 -0.690  0.219   1.00 32.24 ? 304 ARG A NH1 1 
ATOM   663 N NH2 . ARG A 1 91  ? -14.173 0.861   1.843   1.00 33.59 ? 304 ARG A NH2 1 
ATOM   664 N N   . ALA A 1 92  ? -8.533  -3.591  1.298   1.00 16.66 ? 305 ALA A N   1 
ATOM   665 C CA  . ALA A 1 92  ? -7.902  -3.560  0.004   1.00 17.67 ? 305 ALA A CA  1 
ATOM   666 C C   . ALA A 1 92  ? -8.902  -3.210  -1.101  1.00 17.07 ? 305 ALA A C   1 
ATOM   667 O O   . ALA A 1 92  ? -9.982  -3.813  -1.178  1.00 16.33 ? 305 ALA A O   1 
ATOM   668 C CB  . ALA A 1 92  ? -7.290  -4.884  -0.290  1.00 16.53 ? 305 ALA A CB  1 
ATOM   669 N N   . THR A 1 93  ? -8.522  -2.254  -1.958  1.00 17.93 ? 306 THR A N   1 
ATOM   670 C CA  . THR A 1 93  ? -9.376  -1.862  -3.078  1.00 19.06 ? 306 THR A CA  1 
ATOM   671 C C   . THR A 1 93  ? -8.777  -2.184  -4.443  1.00 19.51 ? 306 THR A C   1 
ATOM   672 O O   . THR A 1 93  ? -9.536  -2.434  -5.402  1.00 20.56 ? 306 THR A O   1 
ATOM   673 C CB  . THR A 1 93  ? -9.770  -0.376  -3.026  1.00 18.52 ? 306 THR A CB  1 
ATOM   674 O OG1 . THR A 1 93  ? -8.592  0.440   -3.014  1.00 19.94 ? 306 THR A OG1 1 
ATOM   675 C CG2 . THR A 1 93  ? -10.601 -0.099  -1.769  1.00 19.05 ? 306 THR A CG2 1 
ATOM   676 N N   . ARG A 1 94  ? -7.444  -2.158  -4.536  1.00 18.46 ? 307 ARG A N   1 
ATOM   677 C CA  . ARG A 1 94  ? -6.718  -2.566  -5.756  1.00 19.90 ? 307 ARG A CA  1 
ATOM   678 C C   . ARG A 1 94  ? -5.450  -3.325  -5.389  1.00 18.77 ? 307 ARG A C   1 
ATOM   679 O O   . ARG A 1 94  ? -4.685  -2.867  -4.544  1.00 18.43 ? 307 ARG A O   1 
ATOM   680 C CB  . ARG A 1 94  ? -6.341  -1.314  -6.581  1.00 19.76 ? 307 ARG A CB  1 
ATOM   681 C CG  . ARG A 1 94  ? -7.546  -0.452  -7.053  1.00 21.94 ? 307 ARG A CG  1 
ATOM   682 C CD  . ARG A 1 94  ? -7.063  0.767   -7.876  1.00 22.89 ? 307 ARG A CD  1 
ATOM   683 N NE  . ARG A 1 94  ? -6.320  1.689   -7.015  1.00 28.16 ? 307 ARG A NE  1 
ATOM   684 C CZ  . ARG A 1 94  ? -6.879  2.675   -6.311  1.00 29.32 ? 307 ARG A CZ  1 
ATOM   685 N NH1 . ARG A 1 94  ? -6.125  3.459   -5.533  1.00 27.82 ? 307 ARG A NH1 1 
ATOM   686 N NH2 . ARG A 1 94  ? -8.196  2.879   -6.394  1.00 30.99 ? 307 ARG A NH2 1 
ATOM   687 N N   . VAL A 1 95  ? -5.212  -4.455  -6.057  1.00 19.48 ? 308 VAL A N   1 
ATOM   688 C CA  . VAL A 1 95  ? -4.086  -5.325  -5.785  1.00 19.89 ? 308 VAL A CA  1 
ATOM   689 C C   . VAL A 1 95  ? -3.444  -5.710  -7.116  1.00 21.37 ? 308 VAL A C   1 
ATOM   690 O O   . VAL A 1 95  ? -4.023  -5.442  -8.190  1.00 21.11 ? 308 VAL A O   1 
ATOM   691 C CB  . VAL A 1 95  ? -4.552  -6.588  -4.973  1.00 19.59 ? 308 VAL A CB  1 
ATOM   692 C CG1 . VAL A 1 95  ? -5.329  -6.138  -3.711  1.00 20.41 ? 308 VAL A CG1 1 
ATOM   693 C CG2 . VAL A 1 95  ? -5.415  -7.530  -5.858  1.00 20.41 ? 308 VAL A CG2 1 
ATOM   694 N N   . GLY A 1 96  ? -2.271  -6.335  -7.047  1.00 21.90 ? 309 GLY A N   1 
ATOM   695 C CA  . GLY A 1 96  ? -1.569  -6.851  -8.223  1.00 23.79 ? 309 GLY A CA  1 
ATOM   696 C C   . GLY A 1 96  ? -1.355  -5.733  -9.233  1.00 24.54 ? 309 GLY A C   1 
ATOM   697 O O   . GLY A 1 96  ? -0.946  -4.630  -8.860  1.00 24.37 ? 309 GLY A O   1 
ATOM   698 N N   . GLY A 1 97  ? -1.713  -6.001  -10.484 1.00 25.61 ? 310 GLY A N   1 
ATOM   699 C CA  . GLY A 1 97  ? -1.496  -5.040  -11.577 1.00 26.27 ? 310 GLY A CA  1 
ATOM   700 C C   . GLY A 1 97  ? -2.403  -3.817  -11.556 1.00 26.06 ? 310 GLY A C   1 
ATOM   701 O O   . GLY A 1 97  ? -2.292  -2.935  -12.426 1.00 27.46 ? 310 GLY A O   1 
ATOM   702 N N   . GLU A 1 98  ? -3.309  -3.744  -10.588 1.00 24.98 ? 311 GLU A N   1 
ATOM   703 C CA  . GLU A 1 98  ? -4.232  -2.627  -10.511 1.00 24.86 ? 311 GLU A CA  1 
ATOM   704 C C   . GLU A 1 98  ? -3.850  -1.504  -9.557  1.00 23.19 ? 311 GLU A C   1 
ATOM   705 O O   . GLU A 1 98  ? -4.537  -0.478  -9.513  1.00 22.72 ? 311 GLU A O   1 
ATOM   706 C CB  . GLU A 1 98  ? -5.640  -3.114  -10.183 1.00 26.19 ? 311 GLU A CB  1 
ATOM   707 C CG  . GLU A 1 98  ? -6.282  -3.948  -11.295 1.00 30.67 ? 311 GLU A CG  1 
ATOM   708 C CD  . GLU A 1 98  ? -7.741  -4.246  -11.020 1.00 40.90 ? 311 GLU A CD  1 
ATOM   709 O OE1 . GLU A 1 98  ? -8.366  -4.944  -11.858 1.00 46.92 ? 311 GLU A OE1 1 
ATOM   710 O OE2 . GLU A 1 98  ? -8.281  -3.777  -9.979  1.00 42.48 ? 311 GLU A OE2 1 
ATOM   711 N N   . THR A 1 99  ? -2.787  -1.710  -8.770  1.00 21.70 ? 312 THR A N   1 
ATOM   712 C CA  . THR A 1 99  ? -2.342  -0.693  -7.820  1.00 21.24 ? 312 THR A CA  1 
ATOM   713 C C   . THR A 1 99  ? -1.850  0.557   -8.596  1.00 20.90 ? 312 THR A C   1 
ATOM   714 O O   . THR A 1 99  ? -1.474  0.458   -9.771  1.00 21.10 ? 312 THR A O   1 
ATOM   715 C CB  . THR A 1 99  ? -1.177  -1.175  -6.907  1.00 20.43 ? 312 THR A CB  1 
ATOM   716 O OG1 . THR A 1 99  ? -0.043  -1.553  -7.700  1.00 21.83 ? 312 THR A OG1 1 
ATOM   717 C CG2 . THR A 1 99  ? -1.612  -2.393  -6.047  1.00 20.90 ? 312 THR A CG2 1 
ATOM   718 N N   . LEU A 1 100 ? -1.843  1.700   -7.916  1.00 20.76 ? 313 LEU A N   1 
ATOM   719 C CA  . LEU A 1 100 ? -1.247  2.920   -8.508  1.00 20.94 ? 313 LEU A CA  1 
ATOM   720 C C   . LEU A 1 100 ? 0.178   2.671   -9.023  1.00 21.29 ? 313 LEU A C   1 
ATOM   721 O O   . LEU A 1 100 ? 0.486   2.999   -10.182 1.00 21.00 ? 313 LEU A O   1 
ATOM   722 C CB  . LEU A 1 100 ? -1.320  4.107   -7.541  1.00 19.99 ? 313 LEU A CB  1 
ATOM   723 C CG  . LEU A 1 100 ? -0.612  5.391   -8.042  1.00 20.78 ? 313 LEU A CG  1 
ATOM   724 C CD1 . LEU A 1 100 ? -1.115  5.780   -9.420  1.00 22.06 ? 313 LEU A CD1 1 
ATOM   725 C CD2 . LEU A 1 100 ? -0.831  6.522   -7.068  1.00 21.58 ? 313 LEU A CD2 1 
ATOM   726 N N   . LEU A 1 101 ? 1.026   2.065   -8.197  1.00 21.95 ? 314 LEU A N   1 
ATOM   727 C CA  . LEU A 1 101 ? 2.388   1.756   -8.588  1.00 23.14 ? 314 LEU A CA  1 
ATOM   728 C C   . LEU A 1 101 ? 2.433   0.897   -9.830  1.00 23.72 ? 314 LEU A C   1 
ATOM   729 O O   . LEU A 1 101 ? 3.200   1.196   -10.765 1.00 23.27 ? 314 LEU A O   1 
ATOM   730 C CB  . LEU A 1 101 ? 3.144   1.087   -7.435  1.00 24.29 ? 314 LEU A CB  1 
ATOM   731 C CG  . LEU A 1 101 ? 4.642   0.805   -7.624  1.00 26.43 ? 314 LEU A CG  1 
ATOM   732 C CD1 . LEU A 1 101 ? 5.300   2.002   -8.265  1.00 30.40 ? 314 LEU A CD1 1 
ATOM   733 C CD2 . LEU A 1 101 ? 5.275   0.512   -6.285  1.00 29.13 ? 314 LEU A CD2 1 
ATOM   734 N N   . ALA A 1 102 ? 1.608   -0.156  -9.873  1.00 22.98 ? 315 ALA A N   1 
ATOM   735 C CA  . ALA A 1 102 ? 1.608   -1.041  -11.034 1.00 23.73 ? 315 ALA A CA  1 
ATOM   736 C C   . ALA A 1 102 ? 1.150   -0.311  -12.293 1.00 23.89 ? 315 ALA A C   1 
ATOM   737 O O   . ALA A 1 102 ? 1.632   -0.622  -13.385 1.00 24.34 ? 315 ALA A O   1 
ATOM   738 C CB  . ALA A 1 102 ? 0.766   -2.287  -10.793 1.00 24.27 ? 315 ALA A CB  1 
ATOM   739 N N   . GLN A 1 103 ? 0.224   0.634   -12.145 1.00 23.31 ? 316 GLN A N   1 
ATOM   740 C CA  . GLN A 1 103 ? -0.306  1.399   -13.295 1.00 24.37 ? 316 GLN A CA  1 
ATOM   741 C C   . GLN A 1 103 ? 0.767   2.337   -13.849 1.00 23.40 ? 316 GLN A C   1 
ATOM   742 O O   . GLN A 1 103 ? 0.867   2.510   -15.056 1.00 24.18 ? 316 GLN A O   1 
ATOM   743 C CB  . GLN A 1 103 ? -1.524  2.225   -12.871 1.00 24.20 ? 316 GLN A CB  1 
ATOM   744 C CG  . GLN A 1 103 ? -2.799  1.396   -12.604 1.00 25.46 ? 316 GLN A CG  1 
ATOM   745 C CD  . GLN A 1 103 ? -3.912  2.238   -12.038 1.00 28.75 ? 316 GLN A CD  1 
ATOM   746 O OE1 . GLN A 1 103 ? -4.517  1.890   -11.008 1.00 36.99 ? 316 GLN A OE1 1 
ATOM   747 N NE2 . GLN A 1 103 ? -4.195  3.366   -12.690 1.00 32.52 ? 316 GLN A NE2 1 
ATOM   748 N N   . ILE A 1 104 ? 1.554   2.938   -12.959 1.00 23.27 ? 317 ILE A N   1 
ATOM   749 C CA  . ILE A 1 104 ? 2.686   3.804   -13.368 1.00 23.00 ? 317 ILE A CA  1 
ATOM   750 C C   . ILE A 1 104 ? 3.687   2.954   -14.185 1.00 23.89 ? 317 ILE A C   1 
ATOM   751 O O   . ILE A 1 104 ? 4.109   3.326   -15.307 1.00 23.51 ? 317 ILE A O   1 
ATOM   752 C CB  . ILE A 1 104 ? 3.408   4.445   -12.174 1.00 22.80 ? 317 ILE A CB  1 
ATOM   753 C CG1 . ILE A 1 104 ? 2.475   5.415   -11.433 1.00 22.67 ? 317 ILE A CG1 1 
ATOM   754 C CG2 . ILE A 1 104 ? 4.669   5.208   -12.651 1.00 21.98 ? 317 ILE A CG2 1 
ATOM   755 C CD1 . ILE A 1 104 ? 2.950   5.829   -10.023 1.00 22.75 ? 317 ILE A CD1 1 
ATOM   756 N N   . VAL A 1 105 ? 4.067   1.811   -13.614 1.00 24.15 ? 318 VAL A N   1 
ATOM   757 C CA  . VAL A 1 105 ? 4.976   0.896   -14.289 1.00 24.85 ? 318 VAL A CA  1 
ATOM   758 C C   . VAL A 1 105 ? 4.474   0.518   -15.681 1.00 26.13 ? 318 VAL A C   1 
ATOM   759 O O   . VAL A 1 105 ? 5.248   0.587   -16.663 1.00 26.87 ? 318 VAL A O   1 
ATOM   760 C CB  . VAL A 1 105 ? 5.325   -0.351  -13.415 1.00 24.46 ? 318 VAL A CB  1 
ATOM   761 C CG1 . VAL A 1 105 ? 6.077   -1.413  -14.245 1.00 24.56 ? 318 VAL A CG1 1 
ATOM   762 C CG2 . VAL A 1 105 ? 6.164   0.071   -12.209 1.00 25.07 ? 318 VAL A CG2 1 
ATOM   763 N N   . LYS A 1 106 ? 3.198   0.135   -15.766 1.00 26.27 ? 319 LYS A N   1 
ATOM   764 C CA  . LYS A 1 106 ? 2.562   -0.260  -17.029 1.00 28.44 ? 319 LYS A CA  1 
ATOM   765 C C   . LYS A 1 106 ? 2.560   0.880   -18.056 1.00 27.66 ? 319 LYS A C   1 
ATOM   766 O O   . LYS A 1 106 ? 2.838   0.657   -19.247 1.00 28.21 ? 319 LYS A O   1 
ATOM   767 C CB  . LYS A 1 106 ? 1.124   -0.726  -16.772 1.00 28.49 ? 319 LYS A CB  1 
ATOM   768 C CG  . LYS A 1 106 ? 0.393   -1.242  -18.007 1.00 30.31 ? 319 LYS A CG  1 
ATOM   769 C CD  . LYS A 1 106 ? -1.076  -1.564  -17.722 1.00 31.45 ? 319 LYS A CD  1 
ATOM   770 C CE  . LYS A 1 106 ? -1.921  -1.677  -19.021 1.00 35.21 ? 319 LYS A CE  1 
ATOM   771 N NZ  . LYS A 1 106 ? -1.260  -2.536  -20.064 1.00 38.88 ? 319 LYS A NZ  1 
ATOM   772 N N   . LEU A 1 107 ? 2.207   2.076   -17.597 1.00 27.85 ? 320 LEU A N   1 
ATOM   773 C CA  . LEU A 1 107 ? 2.211   3.284   -18.444 1.00 27.63 ? 320 LEU A CA  1 
ATOM   774 C C   . LEU A 1 107 ? 3.598   3.410   -19.104 1.00 27.94 ? 320 LEU A C   1 
ATOM   775 O O   . LEU A 1 107 ? 3.707   3.449   -20.331 1.00 27.05 ? 320 LEU A O   1 
ATOM   776 C CB  . LEU A 1 107 ? 1.885   4.532   -17.596 1.00 27.85 ? 320 LEU A CB  1 
ATOM   777 C CG  . LEU A 1 107 ? 1.423   5.854   -18.239 1.00 28.90 ? 320 LEU A CG  1 
ATOM   778 C CD1 . LEU A 1 107 ? 1.440   6.996   -17.252 1.00 28.80 ? 320 LEU A CD1 1 
ATOM   779 C CD2 . LEU A 1 107 ? 2.252   6.221   -19.446 1.00 33.02 ? 320 LEU A CD2 1 
ATOM   780 N N   . VAL A 1 108 ? 4.646   3.424   -18.285 1.00 27.90 ? 321 VAL A N   1 
ATOM   781 C CA  . VAL A 1 108 ? 6.031   3.535   -18.776 1.00 28.86 ? 321 VAL A CA  1 
ATOM   782 C C   . VAL A 1 108 ? 6.428   2.350   -19.673 1.00 30.15 ? 321 VAL A C   1 
ATOM   783 O O   . VAL A 1 108 ? 6.926   2.547   -20.782 1.00 30.02 ? 321 VAL A O   1 
ATOM   784 C CB  . VAL A 1 108 ? 7.023   3.732   -17.599 1.00 28.62 ? 321 VAL A CB  1 
ATOM   785 C CG1 . VAL A 1 108 ? 8.489   3.775   -18.060 1.00 28.29 ? 321 VAL A CG1 1 
ATOM   786 C CG2 . VAL A 1 108 ? 6.683   4.985   -16.851 1.00 27.80 ? 321 VAL A CG2 1 
ATOM   787 N N   . GLU A 1 109 ? 6.197   1.123   -19.208 1.00 31.07 ? 322 GLU A N   1 
ATOM   788 C CA  . GLU A 1 109 ? 6.540   -0.056  -19.999 1.00 33.12 ? 322 GLU A CA  1 
ATOM   789 C C   . GLU A 1 109 ? 5.859   -0.051  -21.368 1.00 32.84 ? 322 GLU A C   1 
ATOM   790 O O   . GLU A 1 109 ? 6.522   -0.288  -22.392 1.00 33.66 ? 322 GLU A O   1 
ATOM   791 C CB  . GLU A 1 109 ? 6.217   -1.350  -19.232 1.00 33.34 ? 322 GLU A CB  1 
ATOM   792 C CG  . GLU A 1 109 ? 7.244   -1.711  -18.171 1.00 35.17 ? 322 GLU A CG  1 
ATOM   793 C CD  . GLU A 1 109 ? 6.947   -3.049  -17.479 1.00 35.91 ? 322 GLU A CD  1 
ATOM   794 O OE1 . GLU A 1 109 ? 7.775   -3.461  -16.641 1.00 40.35 ? 322 GLU A OE1 1 
ATOM   795 O OE2 . GLU A 1 109 ? 5.896   -3.678  -17.771 1.00 39.93 ? 322 GLU A OE2 1 
ATOM   796 N N   . ASP A 1 110 ? 4.553   0.220   -21.390 1.00 33.30 ? 323 ASP A N   1 
ATOM   797 C CA  . ASP A 1 110 ? 3.783   0.309   -22.634 1.00 34.04 ? 323 ASP A CA  1 
ATOM   798 C C   . ASP A 1 110 ? 4.345   1.379   -23.581 1.00 34.46 ? 323 ASP A C   1 
ATOM   799 O O   . ASP A 1 110 ? 4.569   1.109   -24.769 1.00 34.40 ? 323 ASP A O   1 
ATOM   800 C CB  . ASP A 1 110 ? 2.316   0.654   -22.355 1.00 34.85 ? 323 ASP A CB  1 
ATOM   801 C CG  . ASP A 1 110 ? 1.490   -0.543  -21.845 1.00 36.09 ? 323 ASP A CG  1 
ATOM   802 O OD1 . ASP A 1 110 ? 0.289   -0.312  -21.574 1.00 37.86 ? 323 ASP A OD1 1 
ATOM   803 O OD2 . ASP A 1 110 ? 2.020   -1.677  -21.707 1.00 36.93 ? 323 ASP A OD2 1 
ATOM   804 N N   . ALA A 1 111 ? 4.556   2.586   -23.050 1.00 34.34 ? 324 ALA A N   1 
ATOM   805 C CA  . ALA A 1 111 ? 5.014   3.721   -23.871 1.00 34.89 ? 324 ALA A CA  1 
ATOM   806 C C   . ALA A 1 111 ? 6.409   3.469   -24.444 1.00 35.38 ? 324 ALA A C   1 
ATOM   807 O O   . ALA A 1 111 ? 6.673   3.747   -25.615 1.00 34.98 ? 324 ALA A O   1 
ATOM   808 C CB  . ALA A 1 111 ? 4.983   5.014   -23.068 1.00 34.33 ? 324 ALA A CB  1 
ATOM   809 N N   . MET A 1 112 ? 7.287   2.927   -23.614 1.00 36.35 ? 325 MET A N   1 
ATOM   810 C CA  . MET A 1 112 ? 8.670   2.688   -23.997 1.00 38.55 ? 325 MET A CA  1 
ATOM   811 C C   . MET A 1 112 ? 8.855   1.292   -24.610 1.00 39.84 ? 325 MET A C   1 
ATOM   812 O O   . MET A 1 112 ? 9.969   0.916   -24.968 1.00 40.61 ? 325 MET A O   1 
ATOM   813 C CB  . MET A 1 112 ? 9.609   2.915   -22.794 1.00 37.78 ? 325 MET A CB  1 
ATOM   814 C CG  . MET A 1 112 ? 9.435   4.310   -22.133 1.00 37.83 ? 325 MET A CG  1 
ATOM   815 S SD  . MET A 1 112 ? 10.612  4.778   -20.840 1.00 38.75 ? 325 MET A SD  1 
ATOM   816 C CE  . MET A 1 112 ? 12.130  4.816   -21.776 1.00 38.93 ? 325 MET A CE  1 
ATOM   817 N N   . GLY A 1 113 ? 7.757   0.541   -24.729 1.00 41.10 ? 326 GLY A N   1 
ATOM   818 C CA  . GLY A 1 113 ? 7.768   -0.804  -25.312 1.00 42.57 ? 326 GLY A CA  1 
ATOM   819 C C   . GLY A 1 113 ? 7.299   -0.828  -26.755 1.00 43.76 ? 326 GLY A C   1 
ATOM   820 O O   . GLY A 1 113 ? 6.102   -0.754  -27.064 1.00 44.42 ? 326 GLY A O   1 
ATOM   821 O OXT . GLY A 1 113 ? 8.120   -0.921  -27.677 1.00 44.59 ? 326 GLY A OXT 1 
HETATM 822 O O   . HOH B 2 .   ? 3.744   -5.778  -4.597  1.00 34.84 ? 400 HOH A O   1 
HETATM 823 O O   . HOH B 2 .   ? 3.306   -2.652  -2.519  1.00 22.53 ? 401 HOH A O   1 
HETATM 824 O O   . HOH B 2 .   ? 8.228   1.454   -0.683  1.00 37.93 ? 402 HOH A O   1 
HETATM 825 O O   . HOH B 2 .   ? 4.189   -4.996  3.972   1.00 28.86 ? 403 HOH A O   1 
HETATM 826 O O   . HOH B 2 .   ? 0.187   -5.634  5.988   1.00 19.01 ? 404 HOH A O   1 
HETATM 827 O O   . HOH B 2 .   ? 1.322   -5.637  9.904   1.00 22.50 ? 405 HOH A O   1 
HETATM 828 O O   . HOH B 2 .   ? -11.584 -9.859  8.470   1.00 25.14 ? 406 HOH A O   1 
HETATM 829 O O   . HOH B 2 .   ? -9.699  -10.162 5.127   1.00 17.50 ? 407 HOH A O   1 
HETATM 830 O O   . HOH B 2 .   ? -11.609 -7.777  10.426  1.00 49.49 ? 408 HOH A O   1 
HETATM 831 O O   . HOH B 2 .   ? -12.318 -11.687 10.477  1.00 26.57 ? 409 HOH A O   1 
HETATM 832 O O   . HOH B 2 .   ? -10.795 -13.032 16.894  1.00 58.54 ? 410 HOH A O   1 
HETATM 833 O O   . HOH B 2 .   ? -4.694  -12.447 15.619  1.00 28.11 ? 411 HOH A O   1 
HETATM 834 O O   . HOH B 2 .   ? -1.996  -15.126 14.101  1.00 17.86 ? 412 HOH A O   1 
HETATM 835 O O   . HOH B 2 .   ? 0.553   -9.258  13.107  1.00 29.46 ? 413 HOH A O   1 
HETATM 836 O O   . HOH B 2 .   ? -0.670  -12.093 15.755  1.00 38.51 ? 414 HOH A O   1 
HETATM 837 O O   . HOH B 2 .   ? 0.811   -17.692 5.087   1.00 24.48 ? 415 HOH A O   1 
HETATM 838 O O   . HOH B 2 .   ? -1.114  -18.336 3.056   1.00 30.60 ? 416 HOH A O   1 
HETATM 839 O O   . HOH B 2 .   ? -2.459  -9.300  -4.165  1.00 21.35 ? 417 HOH A O   1 
HETATM 840 O O   . HOH B 2 .   ? -0.669  -7.266  -4.895  1.00 22.83 ? 418 HOH A O   1 
HETATM 841 O O   . HOH B 2 .   ? -12.765 -3.281  -1.258  1.00 25.83 ? 419 HOH A O   1 
HETATM 842 O O   . HOH B 2 .   ? -14.712 -5.475  -1.221  1.00 29.56 ? 420 HOH A O   1 
HETATM 843 O O   . HOH B 2 .   ? 2.049   -1.308  16.378  1.00 60.48 ? 421 HOH A O   1 
HETATM 844 O O   . HOH B 2 .   ? 7.639   -3.093  5.535   1.00 33.95 ? 422 HOH A O   1 
HETATM 845 O O   . HOH B 2 .   ? -10.610 4.502   14.142  1.00 43.99 ? 423 HOH A O   1 
HETATM 846 O O   . HOH B 2 .   ? -6.127  0.996   14.262  1.00 53.82 ? 424 HOH A O   1 
HETATM 847 O O   . HOH B 2 .   ? -5.136  -2.211  16.353  1.00 59.68 ? 425 HOH A O   1 
HETATM 848 O O   . HOH B 2 .   ? -3.881  4.353   14.676  1.00 31.12 ? 426 HOH A O   1 
HETATM 849 O O   . HOH B 2 .   ? 8.892   6.954   6.074   1.00 38.14 ? 427 HOH A O   1 
HETATM 850 O O   . HOH B 2 .   ? 10.648  7.151   2.251   1.00 56.78 ? 428 HOH A O   1 
HETATM 851 O O   . HOH B 2 .   ? 6.908   11.788  4.464   1.00 36.36 ? 429 HOH A O   1 
HETATM 852 O O   . HOH B 2 .   ? 7.740   10.630  6.644   1.00 32.72 ? 430 HOH A O   1 
HETATM 853 O O   . HOH B 2 .   ? 4.501   12.297  1.775   1.00 27.08 ? 431 HOH A O   1 
HETATM 854 O O   . HOH B 2 .   ? 1.839   12.801  -0.997  1.00 27.45 ? 432 HOH A O   1 
HETATM 855 O O   . HOH B 2 .   ? 1.189   15.391  -0.384  1.00 34.84 ? 433 HOH A O   1 
HETATM 856 O O   . HOH B 2 .   ? 2.643   16.299  1.475   1.00 25.30 ? 434 HOH A O   1 
HETATM 857 O O   . HOH B 2 .   ? 0.187   17.255  2.631   1.00 20.68 ? 435 HOH A O   1 
HETATM 858 O O   . HOH B 2 .   ? 0.212   16.928  5.851   1.00 28.07 ? 436 HOH A O   1 
HETATM 859 O O   . HOH B 2 .   ? -5.244  13.446  4.137   1.00 34.43 ? 437 HOH A O   1 
HETATM 860 O O   . HOH B 2 .   ? 7.778   2.013   -27.997 1.00 78.37 ? 438 HOH A O   1 
HETATM 861 O O   . HOH B 2 .   ? -0.863  6.171   0.948   1.00 19.67 ? 439 HOH A O   1 
HETATM 862 O O   . HOH B 2 .   ? -1.266  2.839   16.958  1.00 39.25 ? 440 HOH A O   1 
HETATM 863 O O   . HOH B 2 .   ? -11.295 -4.889  10.810  1.00 49.89 ? 441 HOH A O   1 
HETATM 864 O O   . HOH B 2 .   ? -10.394 1.695   -7.611  1.00 46.36 ? 442 HOH A O   1 
HETATM 865 O O   . HOH B 2 .   ? -5.267  4.050   -9.145  1.00 51.32 ? 443 HOH A O   1 
HETATM 866 O O   . HOH B 2 .   ? 2.576   -3.040  -13.728 1.00 32.80 ? 444 HOH A O   1 
HETATM 867 O O   . HOH B 2 .   ? -7.330  -5.233  -7.986  1.00 23.48 ? 445 HOH A O   1 
HETATM 868 O O   . HOH B 2 .   ? -9.878  -3.416  -7.931  1.00 36.40 ? 446 HOH A O   1 
HETATM 869 O O   . HOH B 2 .   ? -8.406  -7.838  -8.221  1.00 26.61 ? 447 HOH A O   1 
HETATM 870 O O   . HOH B 2 .   ? 1.754   -3.180  -6.647  1.00 41.88 ? 448 HOH A O   1 
HETATM 871 O O   . HOH B 2 .   ? 0.360   1.586   -5.283  1.00 19.97 ? 449 HOH A O   1 
HETATM 872 O O   . HOH B 2 .   ? -3.189  -1.153  -14.379 1.00 43.98 ? 450 HOH A O   1 
HETATM 873 O O   . HOH B 2 .   ? 4.228   -3.873  -11.003 1.00 58.40 ? 460 HOH A O   1 
HETATM 874 O O   . HOH B 2 .   ? 0.699   -4.867  -4.248  1.00 30.79 ? 461 HOH A O   1 
HETATM 875 O O   . HOH B 2 .   ? 1.920   -1.136  -4.806  1.00 30.12 ? 462 HOH A O   1 
HETATM 876 O O   . HOH B 2 .   ? -4.277  -9.863  -8.554  1.00 36.75 ? 463 HOH A O   1 
HETATM 877 O O   . HOH B 2 .   ? -2.444  -10.182 -6.674  1.00 38.19 ? 464 HOH A O   1 
HETATM 878 O O   . HOH B 2 .   ? 1.048   -9.021  -6.204  1.00 37.24 ? 465 HOH A O   1 
HETATM 879 O O   . HOH B 2 .   ? -0.083  -10.510 -8.052  1.00 40.58 ? 466 HOH A O   1 
HETATM 880 O O   . HOH B 2 .   ? 6.588   -14.811 3.610   1.00 29.92 ? 467 HOH A O   1 
HETATM 881 O O   . HOH B 2 .   ? 5.007   -14.116 5.239   1.00 42.14 ? 468 HOH A O   1 
HETATM 882 O O   . HOH B 2 .   ? 5.359   -17.034 -2.564  1.00 55.23 ? 469 HOH A O   1 
HETATM 883 O O   . HOH B 2 .   ? -12.173 -9.599  12.939  1.00 46.02 ? 470 HOH A O   1 
HETATM 884 O O   . HOH B 2 .   ? -6.462  -17.643 4.688   1.00 36.91 ? 471 HOH A O   1 
HETATM 885 O O   . HOH B 2 .   ? -4.075  -16.789 1.448   1.00 36.14 ? 472 HOH A O   1 
HETATM 886 O O   . HOH B 2 .   ? 10.060  -1.931  4.494   1.00 50.31 ? 473 HOH A O   1 
HETATM 887 O O   . HOH B 2 .   ? 12.109  -0.778  0.066   1.00 59.37 ? 474 HOH A O   1 
HETATM 888 O O   . HOH B 2 .   ? -6.340  -14.931 16.886  1.00 61.42 ? 475 HOH A O   1 
HETATM 889 O O   . HOH B 2 .   ? -5.289  -9.971  17.484  1.00 77.24 ? 476 HOH A O   1 
HETATM 890 O O   . HOH B 2 .   ? -2.674  -6.663  16.638  1.00 46.19 ? 477 HOH A O   1 
HETATM 891 O O   . HOH B 2 .   ? -2.165  -10.729 17.994  1.00 62.27 ? 478 HOH A O   1 
HETATM 892 O O   . HOH B 2 .   ? 3.078   -15.668 -4.319  1.00 48.92 ? 479 HOH A O   1 
HETATM 893 O O   . HOH B 2 .   ? 1.389   -17.556 -2.861  1.00 43.74 ? 480 HOH A O   1 
HETATM 894 O O   . HOH B 2 .   ? -2.507  -8.649  -11.397 1.00 45.91 ? 481 HOH A O   1 
HETATM 895 O O   . HOH B 2 .   ? -14.220 -6.182  3.122   1.00 35.40 ? 482 HOH A O   1 
HETATM 896 O O   . HOH B 2 .   ? 7.905   -17.386 2.450   1.00 48.14 ? 483 HOH A O   1 
HETATM 897 O O   . HOH B 2 .   ? 3.698   0.150   17.636  1.00 53.36 ? 484 HOH A O   1 
HETATM 898 O O   . HOH B 2 .   ? 5.632   -0.541  14.911  1.00 41.86 ? 485 HOH A O   1 
HETATM 899 O O   . HOH B 2 .   ? -0.069  -4.017  15.827  1.00 37.83 ? 486 HOH A O   1 
HETATM 900 O O   . HOH B 2 .   ? 9.845   -0.787  10.637  1.00 48.43 ? 487 HOH A O   1 
HETATM 901 O O   . HOH B 2 .   ? -13.839 3.434   5.924   1.00 30.09 ? 488 HOH A O   1 
HETATM 902 O O   . HOH B 2 .   ? -15.037 2.143   3.793   1.00 49.14 ? 489 HOH A O   1 
HETATM 903 O O   . HOH B 2 .   ? -9.794  7.268   11.950  1.00 34.26 ? 490 HOH A O   1 
HETATM 904 O O   . HOH B 2 .   ? -7.529  5.993   15.924  1.00 59.06 ? 491 HOH A O   1 
HETATM 905 O O   . HOH B 2 .   ? 5.586   11.128  10.371  1.00 34.53 ? 492 HOH A O   1 
HETATM 906 O O   . HOH B 2 .   ? -2.272  11.828  -0.595  1.00 34.21 ? 493 HOH A O   1 
HETATM 907 O O   . HOH B 2 .   ? -4.458  10.728  -1.701  1.00 41.29 ? 494 HOH A O   1 
HETATM 908 O O   . HOH B 2 .   ? -4.830  11.664  1.825   1.00 31.16 ? 495 HOH A O   1 
HETATM 909 O O   . HOH B 2 .   ? -7.773  10.259  0.899   1.00 37.78 ? 496 HOH A O   1 
HETATM 910 O O   . HOH B 2 .   ? -11.446 8.640   0.023   1.00 47.91 ? 497 HOH A O   1 
HETATM 911 O O   . HOH B 2 .   ? 11.247  8.736   -1.483  1.00 63.28 ? 498 HOH A O   1 
HETATM 912 O O   . HOH B 2 .   ? -2.451  16.348  1.814   1.00 32.32 ? 499 HOH A O   1 
HETATM 913 O O   . HOH B 2 .   ? -1.450  15.011  -0.913  1.00 53.61 ? 500 HOH A O   1 
HETATM 914 O O   . HOH B 2 .   ? -15.482 5.622   6.146   1.00 50.95 ? 501 HOH A O   1 
HETATM 915 O O   . HOH B 2 .   ? -17.926 4.734   7.598   1.00 59.55 ? 502 HOH A O   1 
HETATM 916 O O   . HOH B 2 .   ? -9.745  -1.021  -9.588  1.00 55.30 ? 503 HOH A O   1 
HETATM 917 O O   . HOH B 2 .   ? 1.756   -5.345  -8.680  1.00 72.49 ? 504 HOH A O   1 
HETATM 918 O O   . HOH B 2 .   ? -0.576  -3.682  -15.070 1.00 55.12 ? 505 HOH A O   1 
HETATM 919 O O   . HOH B 2 .   ? 6.079   -5.304  -15.052 1.00 54.27 ? 506 HOH A O   1 
HETATM 920 O O   . HOH B 2 .   ? 10.545  -3.901  -14.321 1.00 79.06 ? 507 HOH A O   1 
HETATM 921 O O   . HOH B 2 .   ? 4.350   1.869   -27.795 1.00 52.38 ? 508 HOH A O   1 
HETATM 922 O O   . HOH B 2 .   ? 5.666   -12.230 -2.370  1.00 30.35 ? 509 HOH A O   1 
HETATM 923 O O   . HOH B 2 .   ? 6.442   -8.149  -4.598  1.00 45.57 ? 510 HOH A O   1 
HETATM 924 O O   . HOH B 2 .   ? -5.490  -7.486  -9.665  1.00 41.74 ? 511 HOH A O   1 
HETATM 925 O O   . HOH B 2 .   ? -13.258 -18.360 12.285  1.00 44.07 ? 512 HOH A O   1 
HETATM 926 O O   . HOH B 2 .   ? 7.233   -10.593 -4.280  1.00 55.21 ? 513 HOH A O   1 
HETATM 927 O O   . HOH B 2 .   ? 13.081  -11.549 -0.790  1.00 53.84 ? 514 HOH A O   1 
HETATM 928 O O   . HOH B 2 .   ? 6.050   -2.339  17.792  1.00 45.44 ? 515 HOH A O   1 
HETATM 929 O O   . HOH B 2 .   ? 7.206   -2.101  20.791  1.00 46.63 ? 516 HOH A O   1 
HETATM 930 O O   . HOH B 2 .   ? 8.968   2.864   13.634  1.00 57.18 ? 517 HOH A O   1 
HETATM 931 O O   . HOH B 2 .   ? 7.467   2.532   16.688  1.00 58.70 ? 518 HOH A O   1 
HETATM 932 O O   . HOH B 2 .   ? 5.656   4.852   16.311  1.00 60.16 ? 519 HOH A O   1 
HETATM 933 O O   . HOH B 2 .   ? 5.627   7.838   16.188  1.00 52.59 ? 520 HOH A O   1 
HETATM 934 O O   . HOH B 2 .   ? 2.366   10.266  16.833  1.00 47.87 ? 521 HOH A O   1 
HETATM 935 O O   . HOH B 2 .   ? -0.680  8.119   14.649  1.00 50.37 ? 522 HOH A O   1 
HETATM 936 O O   . HOH B 2 .   ? -1.885  11.340  14.783  1.00 53.94 ? 523 HOH A O   1 
HETATM 937 O O   . HOH B 2 .   ? 10.171  1.555   6.574   1.00 44.72 ? 524 HOH A O   1 
HETATM 938 O O   . HOH B 2 .   ? 12.398  2.244   9.540   1.00 45.80 ? 525 HOH A O   1 
HETATM 939 O O   . HOH B 2 .   ? 10.993  1.777   11.420  1.00 41.53 ? 526 HOH A O   1 
HETATM 940 O O   . HOH B 2 .   ? -9.073  3.108   -2.812  1.00 38.16 ? 527 HOH A O   1 
HETATM 941 O O   . HOH B 2 .   ? -10.847 12.892  9.871   1.00 62.35 ? 528 HOH A O   1 
HETATM 942 O O   . HOH B 2 .   ? -8.207  13.553  4.288   1.00 53.46 ? 529 HOH A O   1 
HETATM 943 O O   . HOH B 2 .   ? -1.485  2.263   -16.521 1.00 34.89 ? 530 HOH A O   1 
HETATM 944 O O   . HOH B 2 .   ? -4.236  3.849   -15.243 1.00 41.03 ? 531 HOH A O   1 
HETATM 945 O O   . HOH B 2 .   ? -2.913  4.812   -17.071 1.00 51.95 ? 532 HOH A O   1 
HETATM 946 O O   . HOH B 2 .   ? 7.562   -4.259  -13.229 1.00 66.50 ? 533 HOH A O   1 
HETATM 947 O O   . HOH B 2 .   ? 11.835  -1.304  -13.841 1.00 64.68 ? 535 HOH A O   1 
HETATM 948 O O   . HOH B 2 .   ? 9.849   -5.679  -4.207  1.00 48.16 ? 536 HOH A O   1 
HETATM 949 O O   . HOH B 2 .   ? 9.224   -12.695 -0.129  1.00 44.27 ? 537 HOH A O   1 
HETATM 950 O O   . HOH B 2 .   ? 6.510   -14.123 0.207   1.00 44.47 ? 538 HOH A O   1 
HETATM 951 O O   . HOH B 2 .   ? 14.598  8.051   -8.301  1.00 56.75 ? 539 HOH A O   1 
HETATM 952 O O   . HOH B 2 .   ? 17.205  7.222   -7.345  1.00 60.73 ? 540 HOH A O   1 
HETATM 953 O O   . HOH B 2 .   ? 10.383  2.613   -0.073  1.00 60.17 ? 541 HOH A O   1 
HETATM 954 O O   . HOH B 2 .   ? 11.162  0.824   2.532   1.00 66.76 ? 542 HOH A O   1 
HETATM 955 O O   . HOH B 2 .   ? -7.547  -10.000 14.936  1.00 44.68 ? 543 HOH A O   1 
HETATM 956 O O   . HOH B 2 .   ? 8.400   0.727   14.926  1.00 54.51 ? 544 HOH A O   1 
HETATM 957 O O   . HOH B 2 .   ? -1.115  1.530   -19.503 1.00 56.54 ? 545 HOH A O   1 
HETATM 958 O O   . HOH B 2 .   ? 3.165   -3.207  -19.320 1.00 70.74 ? 546 HOH A O   1 
HETATM 959 O O   . HOH B 2 .   ? 1.342   4.097   -22.130 1.00 35.22 ? 547 HOH A O   1 
HETATM 960 O O   . HOH B 2 .   ? 9.272   16.772  6.566   1.00 49.97 ? 548 HOH A O   1 
HETATM 961 O O   . HOH B 2 .   ? 5.057   13.061  11.896  1.00 58.84 ? 551 HOH A O   1 
HETATM 962 O O   . HOH B 2 .   ? 3.524   14.208  14.307  1.00 55.37 ? 552 HOH A O   1 
# 
